data_1FV7
#
_entry.id   1FV7
#
_cell.length_a   1.000
_cell.length_b   1.000
_cell.length_c   1.000
_cell.angle_alpha   90.00
_cell.angle_beta   90.00
_cell.angle_gamma   90.00
#
_symmetry.space_group_name_H-M   'P 1'
#
_entity_poly.entity_id   1
_entity_poly.type   'polydeoxyribonucleotide'
_entity_poly.pdbx_seq_one_letter_code
;(5CM)(DG)(5CM)(DG)(0DC)(0DG)(5CM)(DG)(5CM)(DG)
;
_entity_poly.pdbx_strand_id   A,B
#
loop_
_chem_comp.id
_chem_comp.type
_chem_comp.name
_chem_comp.formula
0DC L-DNA linking '2'-DEOXY-L-RIBO-FURANOSYL CYTOSINE-5'-MONOPHOSPHATE' 'C9 H14 N3 O7 P'
0DG L-DNA linking '2'-DEOXY-L-RIBO-FURANOSYL GUANINE-5'-MONOPHOSPHATE' 'C10 H14 N5 O7 P'
5CM DNA linking 5-METHYL-2'-DEOXY-CYTIDINE-5'-MONOPHOSPHATE 'C10 H16 N3 O7 P'
DG DNA linking 2'-DEOXYGUANOSINE-5'-MONOPHOSPHATE 'C10 H14 N5 O7 P'
#
# COMPACT_ATOMS: atom_id res chain seq x y z
N1 5CM A 1 5.08 -12.08 -11.60
C2 5CM A 1 3.71 -12.04 -11.27
N3 5CM A 1 3.27 -12.78 -10.23
C4 5CM A 1 4.11 -13.53 -9.53
C5 5CM A 1 5.50 -13.60 -9.85
C5A 5CM A 1 6.27 -14.51 -9.23
C6 5CM A 1 5.94 -12.87 -10.88
O2 5CM A 1 2.96 -11.33 -11.94
N4 5CM A 1 3.62 -14.24 -8.51
C1' 5CM A 1 5.56 -11.27 -12.72
C2' 5CM A 1 6.74 -10.36 -12.39
C3' 5CM A 1 7.50 -10.31 -13.70
C4' 5CM A 1 7.25 -11.68 -14.31
O4' 5CM A 1 6.02 -12.16 -13.74
O3' 5CM A 1 7.00 -9.27 -14.55
C5' 5CM A 1 8.33 -12.71 -14.07
O5' 5CM A 1 9.57 -12.30 -14.67
H5A1 5CM A 1 7.28 -14.48 -9.65
H5A2 5CM A 1 6.32 -14.27 -8.16
H5A3 5CM A 1 5.85 -15.51 -9.36
H6 5CM A 1 6.99 -12.90 -11.15
HN41 5CM A 1 2.64 -14.19 -8.29
HN42 5CM A 1 4.22 -14.83 -7.96
H1' 5CM A 1 4.73 -10.70 -13.13
H2' 5CM A 1 7.35 -10.77 -11.59
H2'' 5CM A 1 6.40 -9.37 -12.09
H3' 5CM A 1 8.58 -10.15 -13.53
H4' 5CM A 1 7.18 -11.53 -15.40
H5' 5CM A 1 8.47 -12.83 -13.00
H5'' 5CM A 1 8.02 -13.67 -14.50
N1 5CM A 3 0.18 -4.62 -8.56
C2 5CM A 3 -0.15 -5.34 -7.40
N3 5CM A 3 0.84 -5.84 -6.62
C4 5CM A 3 2.12 -5.64 -6.95
C5 5CM A 3 2.49 -4.91 -8.12
C5A 5CM A 3 3.78 -4.58 -8.31
C6 5CM A 3 1.50 -4.41 -8.89
O2 5CM A 3 -1.34 -5.50 -7.13
N4 5CM A 3 3.05 -6.15 -6.15
C1' 5CM A 3 -0.89 -4.07 -9.40
C2' 5CM A 3 -0.81 -2.59 -9.67
C3' 5CM A 3 -1.52 -2.46 -11.00
C4' 5CM A 3 -1.23 -3.79 -11.71
O4' 5CM A 3 -0.81 -4.72 -10.66
O3' 5CM A 3 -2.93 -2.31 -10.82
C5' 5CM A 3 -0.14 -3.73 -12.76
O5' 5CM A 3 1.01 -3.05 -12.24
P 5CM A 3 2.44 -3.26 -12.90
OP1 5CM A 3 2.53 -2.43 -14.12
OP2 5CM A 3 3.47 -3.10 -11.83
H5A1 5CM A 3 4.13 -4.01 -7.45
H5A2 5CM A 3 4.37 -5.49 -8.40
H5A3 5CM A 3 3.88 -3.98 -9.21
H6 5CM A 3 1.75 -3.86 -9.79
HN41 5CM A 3 2.79 -6.67 -5.33
HN42 5CM A 3 4.04 -6.02 -6.37
H1' 5CM A 3 -1.85 -4.34 -8.94
H2' 5CM A 3 0.21 -2.24 -9.73
H2'' 5CM A 3 -1.31 -2.00 -8.90
H3' 5CM A 3 -1.15 -1.62 -11.59
H4' 5CM A 3 -2.14 -4.09 -12.20
H5' 5CM A 3 0.14 -4.75 -13.04
H5'' 5CM A 3 -0.52 -3.21 -13.63
P 0DC A 5 -6.45 0.55 -4.81
OP1 0DC A 5 -7.85 0.27 -5.22
OP2 0DC A 5 -5.75 1.75 -5.35
O5' 0DC A 5 -6.41 0.63 -3.22
C5' 0DC A 5 -5.34 1.29 -2.55
C4' 0DC A 5 -4.93 0.51 -1.31
O4' 0DC A 5 -3.51 0.69 -1.10
C3' 0DC A 5 -5.14 -1.01 -1.42
O3' 0DC A 5 -5.44 -1.55 -0.14
C2' 0DC A 5 -3.79 -1.50 -1.91
C1' 0DC A 5 -2.82 -0.54 -1.25
N1 0DC A 5 -1.60 -0.28 -2.02
C2 0DC A 5 -0.49 -1.10 -1.82
O2 0DC A 5 -0.55 -2.02 -0.99
N3 0DC A 5 0.64 -0.87 -2.53
C4 0DC A 5 0.68 0.13 -3.41
N4 0DC A 5 1.81 0.33 -4.10
C5 0DC A 5 -0.44 0.99 -3.64
C6 0DC A 5 -1.55 0.74 -2.93
H5' 0DC A 5 -5.65 2.29 -2.24
H5'' 0DC A 5 -4.48 1.38 -3.21
H4' 0DC A 5 -5.55 0.86 -0.49
H3' 0DC A 5 -5.95 -1.24 -2.12
H2' 0DC A 5 -3.62 -2.53 -1.61
H2'' 0DC A 5 -3.74 -1.46 -3.00
H1' 0DC A 5 -2.53 -0.89 -0.26
H41 0DC A 5 1.88 1.07 -4.77
H42 0DC A 5 2.60 -0.29 -3.95
H5 0DC A 5 -0.40 1.80 -4.37
H6 0DC A 5 -2.43 1.38 -3.07
P 0DG A 6 -6.72 -2.51 0.05
OP1 0DG A 6 -6.32 -3.64 0.93
OP2 0DG A 6 -7.29 -2.79 -1.30
O5' 0DG A 6 -7.76 -1.61 0.85
C5' 0DG A 6 -7.33 -0.69 1.86
C4' 0DG A 6 -8.34 0.41 2.05
O4' 0DG A 6 -8.10 1.43 1.05
C3' 0DG A 6 -8.29 1.12 3.40
O3' 0DG A 6 -9.62 1.49 3.80
C2' 0DG A 6 -7.43 2.33 3.11
C1' 0DG A 6 -7.83 2.68 1.69
N9 0DG A 6 -6.81 3.37 0.92
C8 0DG A 6 -7.01 4.38 0.01
N7 0DG A 6 -5.90 4.80 -0.54
C5 0DG A 6 -4.91 4.03 0.04
C6 0DG A 6 -3.51 4.03 -0.15
O6 0DG A 6 -2.84 4.75 -0.91
N1 0DG A 6 -2.87 3.09 0.63
C2 0DG A 6 -3.51 2.24 1.51
N2 0DG A 6 -2.73 1.39 2.18
N3 0DG A 6 -4.82 2.22 1.70
C4 0DG A 6 -5.46 3.14 0.95
H5' 0DG A 6 -6.37 -0.25 1.57
H5'' 0DG A 6 -7.20 -1.22 2.81
H4' 0DG A 6 -9.33 -0.04 1.96
H3' 0DG A 6 -7.85 0.48 4.17
H2' 0DG A 6 -7.64 3.14 3.81
H2'' 0DG A 6 -6.37 2.10 3.20
H1' 0DG A 6 -8.74 3.27 1.67
H8 0DG A 6 -7.98 4.78 -0.23
H1 0DG A 6 -1.87 3.01 0.55
H21 0DG A 6 -3.13 0.75 2.84
H22 0DG A 6 -1.73 1.39 2.03
N1 5CM A 7 -5.14 4.59 5.72
C2 5CM A 7 -3.84 4.88 5.30
N3 5CM A 7 -3.65 5.57 4.15
C4 5CM A 7 -4.71 5.97 3.43
C5 5CM A 7 -6.04 5.67 3.83
C5A 5CM A 7 -7.07 6.17 3.12
C6 5CM A 7 -6.20 4.99 4.97
O2 5CM A 7 -2.88 4.50 5.99
N4 5CM A 7 -4.47 6.64 2.30
C1' 5CM A 7 -5.32 3.83 6.97
C2' 5CM A 7 -5.98 4.62 8.08
C3' 5CM A 7 -6.66 3.53 8.89
C4' 5CM A 7 -7.06 2.52 7.82
O4' 5CM A 7 -6.18 2.75 6.69
O3' 5CM A 7 -5.73 2.94 9.81
C5' 5CM A 7 -8.50 2.63 7.35
O5' 5CM A 7 -8.68 1.97 6.10
P 5CM A 7 -9.84 2.41 5.10
OP1 5CM A 7 -11.13 2.06 5.71
OP2 5CM A 7 -9.58 3.82 4.69
H5A1 5CM A 7 -7.19 7.23 3.36
H5A2 5CM A 7 -6.85 6.06 2.05
H5A3 5CM A 7 -7.98 5.62 3.36
H6 5CM A 7 -7.22 4.76 5.31
HN41 5CM A 7 -3.52 6.86 2.03
HN42 5CM A 7 -5.24 6.96 1.73
H1' 5CM A 7 -4.36 3.44 7.29
H2' 5CM A 7 -6.71 5.35 7.70
H2'' 5CM A 7 -5.26 5.17 8.68
H3' 5CM A 7 -7.52 3.90 9.43
H4' 5CM A 7 -6.95 1.53 8.27
H5' 5CM A 7 -9.16 2.18 8.11
H5'' 5CM A 7 -8.75 3.69 7.25
N1 5CM A 9 0.24 8.83 11.49
C2 5CM A 9 0.20 9.44 10.23
N3 5CM A 9 -1.00 9.70 9.65
C4 5CM A 9 -2.12 9.36 10.28
C5 5CM A 9 -2.12 8.74 11.56
C5A 5CM A 9 -3.27 8.60 12.22
C6 5CM A 9 -0.92 8.49 12.12
O2 5CM A 9 1.28 9.74 9.67
N4 5CM A 9 -3.27 9.64 9.67
C1' 5CM A 9 1.55 8.57 12.11
C2' 5CM A 9 1.63 8.82 13.59
C3' 5CM A 9 2.81 7.95 13.99
C4' 5CM A 9 2.79 6.81 12.98
O4' 5CM A 9 1.84 7.20 11.94
O3' 5CM A 9 4.04 8.67 13.89
C5' 5CM A 9 2.36 5.46 13.51
O5' 5CM A 9 1.05 5.53 14.05
P 5CM A 9 0.21 4.21 14.37
OP1 5CM A 9 1.14 3.22 14.97
OP2 5CM A 9 -1.01 4.60 15.10
H5A1 5CM A 9 -3.10 8.06 13.15
H5A2 5CM A 9 -3.69 9.58 12.44
H5A3 5CM A 9 -3.97 8.03 11.61
H6 5CM A 9 -0.88 8.01 13.10
HN41 5CM A 9 -3.28 10.08 8.76
HN42 5CM A 9 -4.16 9.40 10.11
H1' 5CM A 9 2.32 9.14 11.57
H2' 5CM A 9 0.72 8.52 14.11
H2'' 5CM A 9 1.82 9.87 13.83
H3' 5CM A 9 2.70 7.56 15.01
H4' 5CM A 9 3.81 6.71 12.60
H5' 5CM A 9 2.40 4.72 12.71
H5'' 5CM A 9 3.06 5.16 14.31
N1 5CM B 1 -2.84 16.66 6.07
C2 5CM B 1 -1.82 15.84 6.55
N3 5CM B 1 -2.07 14.99 7.58
C4 5CM B 1 -3.29 14.96 8.12
C5 5CM B 1 -4.35 15.78 7.65
C5A 5CM B 1 -5.59 15.59 8.13
C6 5CM B 1 -4.08 16.61 6.63
O2 5CM B 1 -0.70 15.89 6.02
N4 5CM B 1 -3.49 14.11 9.14
C1' 5CM B 1 -2.55 17.57 4.95
C2' 5CM B 1 -3.33 17.26 3.67
C3' 5CM B 1 -3.53 18.63 3.06
C4' 5CM B 1 -3.64 19.55 4.28
O4' 5CM B 1 -2.93 18.87 5.34
O3' 5CM B 1 -2.39 19.00 2.26
C5' 5CM B 1 -5.05 19.82 4.73
O5' 5CM B 1 -5.67 20.84 3.92
H5A1 5CM B 1 -6.28 16.28 7.64
H5A2 5CM B 1 -5.90 14.56 7.91
H5A3 5CM B 1 -5.61 15.74 9.20
H6 5CM B 1 -4.87 17.26 6.26
HN41 5CM B 1 -2.74 13.52 9.45
HN42 5CM B 1 -4.40 14.06 9.58
H1' 5CM B 1 -1.48 17.56 4.76
H2' 5CM B 1 -4.28 16.78 3.88
H2'' 5CM B 1 -2.76 16.60 3.01
H3' 5CM B 1 -4.43 18.68 2.44
H4' 5CM B 1 -3.20 20.50 3.98
H5' 5CM B 1 -5.63 18.91 4.66
H5'' 5CM B 1 -5.03 20.15 5.77
N1 5CM B 3 1.54 9.42 2.02
C2 5CM B 3 1.19 8.66 3.16
N3 5CM B 3 -0.11 8.60 3.53
C4 5CM B 3 -1.04 9.25 2.83
C5 5CM B 3 -0.71 10.03 1.67
C5A 5CM B 3 -1.70 10.51 0.91
C6 5CM B 3 0.59 10.09 1.32
O2 5CM B 3 2.07 8.06 3.78
N4 5CM B 3 -2.31 9.16 3.23
C1' 5CM B 3 2.96 9.48 1.62
C2' 5CM B 3 3.22 9.16 0.17
C3' 5CM B 3 4.47 9.96 -0.13
C4' 5CM B 3 4.35 11.19 0.80
O4' 5CM B 3 3.40 10.81 1.83
O3' 5CM B 3 5.65 9.22 0.20
C5' 5CM B 3 3.87 12.45 0.13
O5' 5CM B 3 2.67 12.20 -0.60
P 5CM B 3 1.66 13.39 -0.95
OP1 5CM B 3 2.27 14.18 -2.06
OP2 5CM B 3 0.31 12.82 -1.12
H5A1 5CM B 3 -2.28 11.23 1.47
H5A2 5CM B 3 -1.28 11.00 0.03
H5A3 5CM B 3 -2.34 9.69 0.59
H6 5CM B 3 0.87 10.67 0.45
HN41 5CM B 3 -2.53 8.61 4.05
HN42 5CM B 3 -3.03 9.64 2.73
H1' 5CM B 3 3.54 8.83 2.28
H2' 5CM B 3 2.39 9.47 -0.47
H2'' 5CM B 3 3.39 8.10 0.02
H3' 5CM B 3 4.52 10.27 -1.17
H4' 5CM B 3 5.35 11.37 1.18
H5' 5CM B 3 3.69 13.21 0.89
H5'' 5CM B 3 4.64 12.81 -0.56
P 0DC B 5 7.63 2.35 1.33
OP1 0DC B 5 8.77 2.34 2.29
OP2 0DC B 5 7.88 2.69 -0.08
O5' 0DC B 5 6.96 0.91 1.38
C5' 0DC B 5 5.93 0.55 0.44
C4' 0DC B 5 4.83 -0.21 1.14
O4' 0DC B 5 3.60 -0.07 0.39
C3' 0DC B 5 4.51 0.26 2.56
O3' 0DC B 5 4.17 -0.86 3.40
C2' 0DC B 5 3.32 1.17 2.38
C1' 0DC B 5 2.60 0.53 1.20
N1 0DC B 5 1.85 1.48 0.36
C2 0DC B 5 0.49 1.66 0.61
O2 0DC B 5 -0.05 1.01 1.52
N3 0DC B 5 -0.22 2.53 -0.16
C4 0DC B 5 0.40 3.21 -1.12
N4 0DC B 5 -0.32 4.07 -1.83
C5 0DC B 5 1.79 3.04 -1.39
C6 0DC B 5 2.46 2.18 -0.62
H5' 0DC B 5 6.35 -0.07 -0.35
H5'' 0DC B 5 5.51 1.45 0.00
H4' 0DC B 5 5.15 -1.26 1.23
H3' 0DC B 5 5.36 0.79 3.00
H2' 0DC B 5 2.69 1.19 3.27
H2'' 0DC B 5 3.64 2.19 2.17
H1' 0DC B 5 1.92 -0.26 1.54
H41 0DC B 5 0.10 4.60 -2.58
H42 0DC B 5 -1.32 4.17 -1.64
H5 0DC B 5 2.27 3.60 -2.19
H6 0DC B 5 3.53 2.03 -0.81
P 0DG B 6 4.94 -1.09 4.79
OP1 0DG B 6 3.93 -1.47 5.81
OP2 0DG B 6 5.82 0.07 5.04
O5' 0DG B 6 5.86 -2.36 4.51
C5' 0DG B 6 5.38 -3.48 3.77
C4' 0DG B 6 6.53 -4.25 3.17
O4' 0DG B 6 7.00 -3.55 2.01
C3' 0DG B 6 6.18 -5.66 2.69
O3' 0DG B 6 7.31 -6.52 2.87
C2' 0DG B 6 5.86 -5.45 1.23
C1' 0DG B 6 6.87 -4.37 0.85
N9 0DG B 6 6.46 -3.50 -0.26
C8 0DG B 6 7.30 -2.91 -1.17
N7 0DG B 6 6.66 -2.20 -2.05
C5 0DG B 6 5.33 -2.31 -1.71
C6 0DG B 6 4.17 -1.75 -2.29
O6 0DG B 6 4.09 -1.01 -3.28
N1 0DG B 6 3.01 -2.13 -1.62
C2 0DG B 6 2.98 -2.95 -0.51
N2 0DG B 6 1.77 -3.20 0.00
N3 0DG B 6 4.06 -3.48 0.05
C4 0DG B 6 5.18 -3.12 -0.59
H5' 0DG B 6 4.72 -3.13 2.97
H5'' 0DG B 6 4.80 -4.13 4.44
H4' 0DG B 6 7.29 -4.37 3.96
H3' 0DG B 6 5.33 -6.07 3.24
H2' 0DG B 6 6.00 -6.36 0.65
H2'' 0DG B 6 4.83 -5.12 1.08
H1' 0DG B 6 7.84 -4.80 0.63
H8 0DG B 6 8.37 -3.04 -1.16
H1 0DG B 6 2.14 -1.78 -1.96
H21 0DG B 6 1.69 -3.79 0.81
H22 0DG B 6 0.94 -2.79 -0.42
N1 5CM B 7 3.73 -7.75 -1.31
C2 5CM B 7 2.83 -6.92 -1.97
N3 5CM B 7 3.30 -5.92 -2.77
C4 5CM B 7 4.61 -5.74 -2.89
C5 5CM B 7 5.55 -6.57 -2.21
C5A 5CM B 7 6.86 -6.44 -2.50
C6 5CM B 7 5.08 -7.56 -1.44
O2 5CM B 7 1.61 -7.12 -1.85
N4 5CM B 7 5.03 -4.75 -3.68
C1' 5CM B 7 3.21 -8.83 -0.46
C2' 5CM B 7 3.71 -10.21 -0.81
C3' 5CM B 7 3.63 -10.93 0.52
C4' 5CM B 7 3.98 -9.84 1.52
O4' 5CM B 7 3.63 -8.59 0.87
O3' 5CM B 7 2.30 -11.42 0.74
C5' 5CM B 7 5.43 -9.80 1.94
O5' 5CM B 7 5.81 -8.48 2.32
P 5CM B 7 7.32 -7.99 2.22
OP1 5CM B 7 8.14 -8.88 3.10
OP2 5CM B 7 7.68 -7.85 0.79
H5A1 5CM B 7 7.45 -7.05 -1.81
H5A2 5CM B 7 7.15 -5.39 -2.39
H5A3 5CM B 7 7.05 -6.76 -3.51
H6 5CM B 7 5.77 -8.20 -0.90
HN41 5CM B 7 4.36 -4.17 -4.15
HN42 5CM B 7 6.02 -4.59 -3.80
H1' 5CM B 7 2.12 -8.80 -0.48
H2' 5CM B 7 4.73 -10.20 -1.19
H2'' 5CM B 7 3.09 -10.71 -1.57
H3' 5CM B 7 4.33 -11.76 0.58
H4' 5CM B 7 3.38 -10.04 2.42
H5' 5CM B 7 5.58 -10.48 2.78
H5'' 5CM B 7 6.05 -10.13 1.10
N1 5CM B 9 -2.04 -13.54 -5.70
C2 5CM B 9 -1.36 -12.66 -6.54
N3 5CM B 9 -0.01 -12.59 -6.47
C4 5CM B 9 0.65 -13.37 -5.61
C5 5CM B 9 -0.01 -14.28 -4.74
C5A 5CM B 9 0.71 -15.15 -4.01
C6 5CM B 9 -1.35 -14.33 -4.82
O2 5CM B 9 -2.00 -11.95 -7.32
N4 5CM B 9 1.98 -13.27 -5.57
C1' 5CM B 9 -3.51 -13.61 -5.77
C2' 5CM B 9 -4.10 -15.00 -5.83
C3' 5CM B 9 -5.49 -14.80 -5.25
C4' 5CM B 9 -5.36 -13.56 -4.37
O4' 5CM B 9 -4.03 -13.02 -4.60
O3' 5CM B 9 -6.43 -14.55 -6.32
C5' 5CM B 9 -5.52 -13.81 -2.88
O5' 5CM B 9 -4.52 -14.72 -2.43
P 5CM B 9 -4.09 -14.78 -0.90
OP1 5CM B 9 -5.32 -14.81 -0.07
OP2 5CM B 9 -3.08 -15.85 -0.75
H5A1 5CM B 9 0.04 -15.76 -3.40
H5A2 5CM B 9 1.39 -14.61 -3.37
H5A3 5CM B 9 1.27 -15.80 -4.69
H6 5CM B 9 -1.90 -15.01 -4.15
HN41 5CM B 9 2.46 -12.62 -6.19
HN42 5CM B 9 2.52 -13.84 -4.94
H1' 5CM B 9 -3.85 -13.01 -6.63
H2' 5CM B 9 -3.53 -15.71 -5.23
H2'' 5CM B 9 -4.14 -15.38 -6.84
H3' 5CM B 9 -5.82 -15.66 -4.68
H4' 5CM B 9 -6.16 -12.87 -4.66
H5' 5CM B 9 -5.43 -12.87 -2.35
H5'' 5CM B 9 -6.51 -14.23 -2.71
N1 5CM A 1 6.08 -11.45 -12.78
C2 5CM A 1 4.71 -11.70 -12.64
N3 5CM A 1 4.30 -12.78 -11.94
C4 5CM A 1 5.20 -13.60 -11.39
C5 5CM A 1 6.61 -13.36 -11.51
C5A 5CM A 1 7.47 -14.13 -10.82
C6 5CM A 1 7.00 -12.28 -12.21
O2 5CM A 1 3.90 -10.92 -13.16
N4 5CM A 1 4.76 -14.66 -10.72
C1' 5CM A 1 6.51 -10.27 -13.55
C2' 5CM A 1 7.48 -9.36 -12.81
C3' 5CM A 1 8.41 -8.86 -13.91
C4' 5CM A 1 8.44 -10.04 -14.88
O4' 5CM A 1 7.17 -10.73 -14.72
O3' 5CM A 1 7.88 -7.70 -14.54
C5' 5CM A 1 9.56 -11.04 -14.66
O5' 5CM A 1 10.55 -10.93 -15.69
H5A1 5CM A 1 7.26 -14.02 -9.75
H5A2 5CM A 1 7.34 -15.17 -11.11
H5A3 5CM A 1 8.49 -13.82 -11.03
H6 5CM A 1 8.06 -12.08 -12.33
HN41 5CM A 1 3.77 -14.82 -10.63
HN42 5CM A 1 5.40 -15.30 -10.28
H1' 5CM A 1 5.62 -9.71 -13.86
H2' 5CM A 1 8.03 -9.88 -12.03
H2'' 5CM A 1 6.95 -8.52 -12.34
H3' 5CM A 1 9.41 -8.65 -13.53
H4' 5CM A 1 8.57 -9.61 -15.88
H5' 5CM A 1 10.02 -10.84 -13.70
H5'' 5CM A 1 9.15 -12.04 -14.66
N1 5CM A 3 0.70 -4.67 -8.02
C2 5CM A 3 0.48 -5.73 -7.12
N3 5CM A 3 1.54 -6.39 -6.60
C4 5CM A 3 2.77 -6.04 -6.95
C5 5CM A 3 3.04 -4.98 -7.86
C5A 5CM A 3 4.29 -4.49 -7.95
C6 5CM A 3 1.97 -4.33 -8.36
O2 5CM A 3 -0.69 -6.01 -6.82
N4 5CM A 3 3.78 -6.73 -6.42
C1' 5CM A 3 -0.46 -3.95 -8.57
C2' 5CM A 3 -0.35 -2.44 -8.53
C3' 5CM A 3 -1.15 -2.01 -9.74
C4' 5CM A 3 -0.93 -3.15 -10.74
O4' 5CM A 3 -0.58 -4.31 -9.94
O3' 5CM A 3 -2.54 -1.89 -9.42
C5' 5CM A 3 0.16 -2.91 -11.77
O5' 5CM A 3 1.38 -2.56 -11.13
P 5CM A 3 2.75 -2.51 -11.93
OP1 5CM A 3 2.61 -1.51 -13.03
OP2 5CM A 3 3.86 -2.38 -10.96
H5A1 5CM A 3 4.30 -3.64 -8.62
H5A2 5CM A 3 4.63 -4.18 -6.96
H5A3 5CM A 3 4.95 -5.27 -8.33
H6 5CM A 3 2.14 -3.52 -9.08
HN41 5CM A 3 3.60 -7.49 -5.78
HN42 5CM A 3 4.74 -6.50 -6.65
H1' 5CM A 3 -1.36 -4.29 -8.06
H2' 5CM A 3 0.69 -2.10 -8.59
H2'' 5CM A 3 -0.77 -2.03 -7.60
H3' 5CM A 3 -0.79 -1.06 -10.15
H4' 5CM A 3 -1.87 -3.28 -11.28
H5' 5CM A 3 0.30 -3.82 -12.34
H5'' 5CM A 3 -0.16 -2.11 -12.43
P 0DC A 5 -8.22 -0.84 -4.16
OP1 0DC A 5 -9.59 -1.44 -4.24
OP2 0DC A 5 -7.96 0.46 -4.82
O5' 0DC A 5 -7.84 -0.70 -2.61
C5' 0DC A 5 -6.82 0.20 -2.19
C4' 0DC A 5 -6.21 -0.28 -0.89
O4' 0DC A 5 -4.82 0.13 -0.85
C3' 0DC A 5 -6.22 -1.79 -0.69
O3' 0DC A 5 -6.56 -2.10 0.67
C2' 0DC A 5 -4.80 -2.21 -0.99
C1' 0DC A 5 -3.99 -0.99 -0.58
N1 0DC A 5 -2.73 -0.82 -1.32
C2 0DC A 5 -1.56 -1.38 -0.80
O2 0DC A 5 -1.61 -2.01 0.27
N3 0DC A 5 -0.40 -1.22 -1.47
C4 0DC A 5 -0.38 -0.53 -2.62
N4 0DC A 5 0.79 -0.40 -3.25
C5 0DC A 5 -1.56 0.05 -3.17
C6 0DC A 5 -2.70 -0.12 -2.50
H5' 0DC A 5 -7.25 1.20 -2.03
H5'' 0DC A 5 -6.04 0.27 -2.95
H4' 0DC A 5 -6.79 0.15 -0.08
H3' 0DC A 5 -6.94 -2.27 -1.35
H2' 0DC A 5 -4.51 -3.10 -0.41
H2'' 0DC A 5 -4.67 -2.46 -2.05
H1' 0DC A 5 -3.78 -1.01 0.49
H41 0DC A 5 0.84 0.12 -4.11
H42 0DC A 5 1.62 -0.81 -2.86
H5 0DC A 5 -1.53 0.61 -4.10
H6 0DC A 5 -3.62 0.32 -2.89
P 0DG A 6 -7.87 -2.98 1.00
OP1 0DG A 6 -7.47 -4.07 1.92
OP2 0DG A 6 -8.54 -3.31 -0.28
O5' 0DG A 6 -8.81 -1.98 1.80
C5' 0DG A 6 -8.27 -1.03 2.73
C4' 0DG A 6 -9.20 0.15 2.88
O4' 0DG A 6 -9.02 1.05 1.76
C3' 0DG A 6 -8.98 1.00 4.13
O3' 0DG A 6 -10.23 1.51 4.61
C2' 0DG A 6 -8.07 2.11 3.63
C1' 0DG A 6 -8.57 2.32 2.21
N9 0DG A 6 -7.55 2.80 1.28
C8 0DG A 6 -7.74 3.70 0.26
N7 0DG A 6 -6.64 3.94 -0.40
C5 0DG A 6 -5.68 3.17 0.22
C6 0DG A 6 -4.29 3.02 -0.04
O6 0DG A 6 -3.62 3.57 -0.93
N1 0DG A 6 -3.69 2.12 0.83
C2 0DG A 6 -4.34 1.46 1.84
N2 0DG A 6 -3.59 0.63 2.58
N3 0DG A 6 -5.63 1.59 2.11
C4 0DG A 6 -6.23 2.45 1.27
H5' 0DG A 6 -7.31 -0.67 2.36
H5'' 0DG A 6 -8.13 -1.51 3.70
H4' 0DG A 6 -10.22 -0.25 2.95
H3' 0DG A 6 -8.51 0.41 4.93
H2' 0DG A 6 -8.17 3.00 4.24
H2'' 0DG A 6 -7.02 1.80 3.67
H1' 0DG A 6 -9.42 3.00 2.20
H8 0DG A 6 -8.69 4.16 0.02
H1 0DG A 6 -2.70 1.95 0.71
H21 0DG A 6 -4.02 0.12 3.33
H22 0DG A 6 -2.61 0.53 2.38
N1 5CM A 7 -5.34 4.09 6.02
C2 5CM A 7 -4.11 4.15 5.32
N3 5CM A 7 -4.06 4.79 4.13
C4 5CM A 7 -5.15 5.36 3.63
C5 5CM A 7 -6.41 5.32 4.31
C5A 5CM A 7 -7.51 5.76 3.67
C6 5CM A 7 -6.45 4.68 5.49
O2 5CM A 7 -3.12 3.60 5.82
N4 5CM A 7 -5.04 5.98 2.45
C1' 5CM A 7 -5.39 3.40 7.31
C2' 5CM A 7 -5.78 4.29 8.49
C3' 5CM A 7 -6.61 3.37 9.36
C4' 5CM A 7 -7.27 2.43 8.36
O4' 5CM A 7 -6.38 2.39 7.22
O3' 5CM A 7 -5.77 2.63 10.26
C5' 5CM A 7 -8.64 2.85 7.90
O5' 5CM A 7 -9.06 2.06 6.78
P 5CM A 7 -10.26 2.54 5.84
OP1 5CM A 7 -11.52 2.35 6.58
OP2 5CM A 7 -9.92 3.89 5.32
H5A1 5CM A 7 -7.65 5.17 2.76
H5A2 5CM A 7 -8.38 5.63 4.32
H5A3 5CM A 7 -7.39 6.81 3.42
H6 5CM A 7 -7.39 4.63 6.03
HN41 5CM A 7 -4.15 6.02 1.99
HN42 5CM A 7 -5.85 6.43 2.04
H1' 5CM A 7 -4.43 2.91 7.49
H2' 5CM A 7 -6.37 5.16 8.17
H2'' 5CM A 7 -4.91 4.66 9.01
H3' 5CM A 7 -7.35 3.91 9.94
H4' 5CM A 7 -7.36 1.46 8.86
H5' 5CM A 7 -9.35 2.71 8.73
H5'' 5CM A 7 -8.62 3.90 7.63
N1 5CM A 9 1.06 9.62 10.53
C2 5CM A 9 1.05 10.48 9.43
N3 5CM A 9 -0.14 10.82 8.88
C4 5CM A 9 -1.27 10.36 9.40
C5 5CM A 9 -1.29 9.49 10.53
C5A 5CM A 9 -2.45 9.22 11.13
C6 5CM A 9 -0.10 9.15 11.06
O2 5CM A 9 2.13 10.89 8.98
N4 5CM A 9 -2.42 10.74 8.83
C1' 5CM A 9 2.36 9.24 11.13
C2' 5CM A 9 2.42 9.27 12.64
C3' 5CM A 9 3.53 8.28 12.95
C4' 5CM A 9 3.53 7.32 11.74
O4' 5CM A 9 2.62 7.90 10.76
O3' 5CM A 9 4.79 8.94 13.05
C5' 5CM A 9 3.08 5.91 12.04
O5' 5CM A 9 1.78 5.92 12.62
P 5CM A 9 1.07 4.56 13.06
OP1 5CM A 9 2.11 3.60 13.46
OP2 5CM A 9 -0.02 4.90 14.01
H5A1 5CM A 9 -2.30 8.50 11.94
H5A2 5CM A 9 -2.88 10.13 11.55
H5A3 5CM A 9 -3.15 8.80 10.40
H6 5CM A 9 -0.08 8.48 11.92
HN41 5CM A 9 -2.40 11.35 8.03
HN42 5CM A 9 -3.30 10.41 9.19
H1' 5CM A 9 3.15 9.87 10.69
H2' 5CM A 9 1.48 8.97 13.10
H2'' 5CM A 9 2.66 10.27 13.01
H3' 5CM A 9 3.34 7.73 13.86
H4' 5CM A 9 4.56 7.27 11.39
H5' 5CM A 9 3.07 5.35 11.11
H5'' 5CM A 9 3.79 5.46 12.73
N1 5CM B 1 -2.32 17.03 6.24
C2 5CM B 1 -1.27 16.54 7.02
N3 5CM B 1 -1.55 15.68 8.03
C4 5CM B 1 -2.82 15.33 8.28
C5 5CM B 1 -3.90 15.82 7.50
C5A 5CM B 1 -5.16 15.62 7.93
C6 5CM B 1 -3.60 16.67 6.50
O2 5CM B 1 -0.12 16.89 6.76
N4 5CM B 1 -3.04 14.49 9.29
C1' 5CM B 1 -2.01 17.97 5.14
C2' 5CM B 1 -2.75 17.68 3.84
C3' 5CM B 1 -3.00 19.07 3.27
C4' 5CM B 1 -3.15 19.93 4.52
O4' 5CM B 1 -2.39 19.27 5.56
O3' 5CM B 1 -1.88 19.50 2.50
C5' 5CM B 1 -4.57 20.12 5.00
O5' 5CM B 1 -5.12 21.35 4.52
H5A1 5CM B 1 -5.34 14.55 8.03
H5A2 5CM B 1 -5.28 16.10 8.90
H5A3 5CM B 1 -5.86 16.05 7.22
H6 5CM B 1 -4.41 17.06 5.89
HN41 5CM B 1 -2.27 14.13 9.83
HN42 5CM B 1 -3.98 14.20 9.50
H1' 5CM B 1 -0.93 17.96 4.98
H2' 5CM B 1 -3.69 17.14 4.00
H2'' 5CM B 1 -2.14 17.08 3.17
H3' 5CM B 1 -3.89 19.10 2.65
H4' 5CM B 1 -2.76 20.92 4.26
H5' 5CM B 1 -5.18 19.28 4.65
H5'' 5CM B 1 -4.58 20.12 6.09
N1 5CM B 3 1.79 10.36 1.36
C2 5CM B 3 1.41 9.68 2.52
N3 5CM B 3 0.17 9.89 3.04
C4 5CM B 3 -0.66 10.76 2.44
C5 5CM B 3 -0.29 11.44 1.25
C5A 5CM B 3 -1.27 12.03 0.53
C6 5CM B 3 0.93 11.23 0.76
O2 5CM B 3 2.20 8.90 3.05
N4 5CM B 3 -1.86 10.94 2.99
C1' 5CM B 3 3.13 10.11 0.81
C2' 5CM B 3 3.17 9.75 -0.66
C3' 5CM B 3 4.54 10.21 -1.07
C4' 5CM B 3 4.79 11.44 -0.19
O4' 5CM B 3 3.89 11.29 0.93
O3' 5CM B 3 5.53 9.20 -0.79
C5' 5CM B 3 4.52 12.77 -0.86
O5' 5CM B 3 3.11 12.97 -1.03
P 5CM B 3 2.54 14.35 -1.56
OP1 5CM B 3 3.51 14.92 -2.53
OP2 5CM B 3 1.13 14.12 -1.99
H5A1 5CM B 3 -1.69 12.86 1.08
H5A2 5CM B 3 -0.85 12.39 -0.41
H5A3 5CM B 3 -2.05 11.30 0.32
H6 5CM B 3 1.24 11.75 -0.15
HN41 5CM B 3 -2.11 10.44 3.83
HN42 5CM B 3 -2.52 11.58 2.57
H1' 5CM B 3 3.62 9.33 1.42
H2' 5CM B 3 2.38 10.25 -1.22
H2'' 5CM B 3 3.04 8.67 -0.82
H3' 5CM B 3 4.59 10.47 -2.13
H4' 5CM B 3 5.84 11.42 0.10
H5' 5CM B 3 4.93 13.56 -0.24
H5'' 5CM B 3 5.02 12.78 -1.83
P 0DC B 5 5.94 2.39 2.06
OP1 0DC B 5 4.85 3.01 2.84
OP2 0DC B 5 7.35 2.69 2.42
O5' 0DC B 5 5.74 0.81 2.15
C5' 0DC B 5 4.92 0.12 1.21
C4' 0DC B 5 3.99 -0.84 1.91
O4' 0DC B 5 2.76 -0.92 1.16
C3' 0DC B 5 3.58 -0.41 3.32
O3' 0DC B 5 3.32 -1.57 4.13
C2' 0DC B 5 2.30 0.37 3.09
C1' 0DC B 5 1.69 -0.30 1.87
N1 0DC B 5 1.01 0.63 0.96
C2 0DC B 5 -0.32 0.98 1.23
O2 0DC B 5 -0.88 0.49 2.21
N3 0DC B 5 -0.94 1.85 0.40
C4 0DC B 5 -0.30 2.37 -0.64
N4 0DC B 5 -0.95 3.23 -1.41
C5 0DC B 5 1.05 2.02 -0.94
C6 0DC B 5 1.66 1.16 -0.13
H5' 0DC B 5 5.55 -0.43 0.52
H5'' 0DC B 5 4.34 0.85 0.64
H4' 0DC B 5 4.51 -1.79 2.00
H3' 0DC B 5 4.35 0.19 3.78
H2' 0DC B 5 1.63 0.30 3.95
H2'' 0DC B 5 2.50 1.42 2.92
H1' 0DC B 5 0.99 -1.08 2.15
H41 0DC B 5 -0.50 3.64 -2.21
H42 0DC B 5 -1.90 3.49 -1.19
H5 0DC B 5 1.57 2.45 -1.80
H6 0DC B 5 2.69 0.86 -0.33
P 0DG B 6 4.19 -1.83 5.46
OP1 0DG B 6 3.25 -2.26 6.53
OP2 0DG B 6 5.07 -0.65 5.69
O5' 0DG B 6 5.11 -3.07 5.09
C5' 0DG B 6 4.59 -4.18 4.37
C4' 0DG B 6 5.71 -5.03 3.82
O4' 0DG B 6 6.27 -4.37 2.66
C3' 0DG B 6 5.31 -6.42 3.34
O3' 0DG B 6 6.40 -7.34 3.55
C2' 0DG B 6 5.02 -6.20 1.87
C1' 0DG B 6 6.04 -5.15 1.49
N9 0DG B 6 5.62 -4.25 0.42
C8 0DG B 6 6.43 -3.67 -0.53
N7 0DG B 6 5.77 -2.91 -1.36
C5 0DG B 6 4.45 -2.99 -0.94
C6 0DG B 6 3.28 -2.38 -1.45
O6 0DG B 6 3.16 -1.62 -2.41
N1 0DG B 6 2.15 -2.74 -0.71
C2 0DG B 6 2.16 -3.57 0.38
N2 0DG B 6 0.97 -3.79 0.95
N3 0DG B 6 3.24 -4.15 0.86
C4 0DG B 6 4.35 -3.82 0.16
H5' 0DG B 6 3.97 -3.84 3.55
H5'' 0DG B 6 3.98 -4.80 5.04
H4' 0DG B 6 6.44 -5.17 4.61
H3' 0DG B 6 4.43 -6.78 3.88
H2' 0DG B 6 5.14 -7.12 1.30
H2'' 0DG B 6 4.00 -5.85 1.72
H1' 0DG B 6 7.00 -5.60 1.21
H8 0DG B 6 7.49 -3.82 -0.58
H1 0DG B 6 1.26 -2.35 -1.01
H21 0DG B 6 0.92 -4.40 1.76
H22 0DG B 6 0.13 -3.34 0.61
N1 5CM B 7 2.44 -8.60 -0.32
C2 5CM B 7 1.44 -7.94 -1.05
N3 5CM B 7 1.80 -7.09 -2.03
C4 5CM B 7 3.09 -6.88 -2.31
C5 5CM B 7 4.13 -7.54 -1.58
C5A 5CM B 7 5.41 -7.17 -1.78
C6 5CM B 7 3.75 -8.38 -0.60
O2 5CM B 7 0.25 -8.14 -0.77
N4 5CM B 7 3.39 -6.04 -3.30
C1' 5CM B 7 2.03 -9.53 0.76
C2' 5CM B 7 2.74 -10.87 0.73
C3' 5CM B 7 2.72 -11.27 2.19
C4' 5CM B 7 2.80 -9.95 2.94
O4' 5CM B 7 2.37 -8.93 2.00
O3' 5CM B 7 1.50 -11.96 2.51
C5' 5CM B 7 4.17 -9.59 3.47
O5' 5CM B 7 4.99 -9.11 2.41
P 5CM B 7 6.51 -8.68 2.67
OP1 5CM B 7 7.15 -9.74 3.50
OP2 5CM B 7 7.12 -8.30 1.37
H5A1 5CM B 7 5.71 -7.46 -2.78
H5A2 5CM B 7 6.04 -7.67 -1.05
H5A3 5CM B 7 5.49 -6.10 -1.66
H6 5CM B 7 4.52 -8.89 -0.02
HN41 5CM B 7 2.66 -5.58 -3.82
HN42 5CM B 7 4.35 -5.87 -3.54
H1' 5CM B 7 0.95 -9.65 0.72
H2' 5CM B 7 3.76 -10.79 0.35
H2'' 5CM B 7 2.21 -11.60 0.11
H3' 5CM B 7 3.57 -11.91 2.44
H4' 5CM B 7 2.13 -10.04 3.80
H5' 5CM B 7 4.06 -8.81 4.22
H5'' 5CM B 7 4.62 -10.47 3.92
N1 5CM B 9 -1.47 -13.67 -6.32
C2 5CM B 9 -0.81 -12.69 -7.07
N3 5CM B 9 0.53 -12.60 -6.99
C4 5CM B 9 1.21 -13.43 -6.21
C5 5CM B 9 0.57 -14.45 -5.45
C5A 5CM B 9 1.28 -15.16 -4.56
C6 5CM B 9 -0.77 -14.53 -5.53
O2 5CM B 9 -1.48 -11.93 -7.79
N4 5CM B 9 2.54 -13.31 -6.17
C1' 5CM B 9 -2.94 -13.78 -6.43
C2' 5CM B 9 -3.47 -15.15 -6.77
C3' 5CM B 9 -4.86 -15.16 -6.16
C4' 5CM B 9 -4.78 -14.10 -5.04
O4' 5CM B 9 -3.48 -13.48 -5.15
O3' 5CM B 9 -5.84 -14.75 -7.13
C5' 5CM B 9 -4.92 -14.67 -3.64
O5' 5CM B 9 -3.92 -15.67 -3.40
P 5CM B 9 -3.33 -15.92 -1.94
OP1 5CM B 9 -4.42 -16.47 -1.10
OP2 5CM B 9 -2.06 -16.66 -2.08
H5A1 5CM B 9 0.62 -15.82 -4.00
H5A2 5CM B 9 1.78 -14.48 -3.87
H5A3 5CM B 9 2.03 -15.75 -5.09
H6 5CM B 9 -1.29 -15.28 -4.95
HN41 5CM B 9 2.99 -12.59 -6.71
HN42 5CM B 9 3.10 -13.92 -5.60
H1' 5CM B 9 -3.30 -13.02 -7.13
H2' 5CM B 9 -2.85 -15.95 -6.36
H2'' 5CM B 9 -3.51 -15.30 -7.85
H3' 5CM B 9 -5.12 -16.13 -5.77
H4' 5CM B 9 -5.60 -13.42 -5.19
H5' 5CM B 9 -4.79 -13.85 -2.92
H5'' 5CM B 9 -5.91 -15.10 -3.52
N1 5CM A 1 5.09 -12.58 -12.14
C2 5CM A 1 3.76 -12.97 -11.95
N3 5CM A 1 3.46 -13.85 -10.95
C4 5CM A 1 4.45 -14.33 -10.18
C5 5CM A 1 5.81 -13.94 -10.36
C5A 5CM A 1 6.77 -14.63 -9.71
C6 5CM A 1 6.08 -13.08 -11.34
O2 5CM A 1 2.88 -12.50 -12.67
N4 5CM A 1 4.11 -15.19 -9.22
C1' 5CM A 1 5.40 -11.63 -13.22
C2' 5CM A 1 6.28 -10.46 -12.80
C3' 5CM A 1 7.19 -10.25 -14.00
C4' 5CM A 1 7.33 -11.66 -14.57
O4' 5CM A 1 6.11 -12.34 -14.23
O3' 5CM A 1 6.58 -9.39 -14.96
C5' 5CM A 1 8.51 -12.45 -14.03
O5' 5CM A 1 9.55 -12.56 -15.01
H5A1 5CM A 1 6.63 -14.52 -8.63
H5A2 5CM A 1 6.69 -15.69 -9.97
H5A3 5CM A 1 7.74 -14.25 -9.99
H6 5CM A 1 7.11 -12.76 -11.50
HN41 5CM A 1 3.14 -15.47 -9.11
HN42 5CM A 1 4.81 -15.59 -8.61
H1' 5CM A 1 4.47 -11.28 -13.65
H2' 5CM A 1 6.86 -10.67 -11.90
H2'' 5CM A 1 5.68 -9.57 -12.60
H3' 5CM A 1 8.16 -9.85 -13.71
H4' 5CM A 1 7.47 -11.55 -15.65
H5' 5CM A 1 8.89 -11.96 -13.14
H5'' 5CM A 1 8.16 -13.45 -13.76
N1 5CM A 3 0.08 -5.07 -9.19
C2 5CM A 3 -0.04 -6.06 -8.21
N3 5CM A 3 1.08 -6.66 -7.75
C4 5CM A 3 2.28 -6.30 -8.21
C5 5CM A 3 2.42 -5.28 -9.21
C5A 5CM A 3 3.65 -4.80 -9.47
C6 5CM A 3 1.31 -4.70 -9.67
O2 5CM A 3 -1.16 -6.38 -7.79
N4 5CM A 3 3.36 -6.92 -7.73
C1' 5CM A 3 -1.16 -4.43 -9.69
C2' 5CM A 3 -1.00 -2.98 -10.14
C3' 5CM A 3 -1.99 -2.87 -11.28
C4' 5CM A 3 -1.98 -4.26 -11.90
O4' 5CM A 3 -1.58 -5.16 -10.83
O3' 5CM A 3 -3.30 -2.54 -10.79
C5' 5CM A 3 -1.05 -4.45 -13.07
O5' 5CM A 3 0.13 -3.66 -12.90
P 5CM A 3 1.40 -3.87 -13.83
OP1 5CM A 3 1.12 -3.27 -15.16
OP2 5CM A 3 2.61 -3.44 -13.07
H5A1 5CM A 3 4.07 -4.36 -8.57
H5A2 5CM A 3 4.29 -5.62 -9.80
H5A3 5CM A 3 3.59 -4.05 -10.26
H6 5CM A 3 1.38 -3.95 -10.43
HN41 5CM A 3 3.25 -7.63 -7.03
HN42 5CM A 3 4.28 -6.67 -8.06
H1' 5CM A 3 -1.93 -4.52 -8.93
H2' 5CM A 3 0.01 -2.76 -10.46
H2'' 5CM A 3 -1.25 -2.29 -9.33
H3' 5CM A 3 -1.68 -2.12 -12.01
H4' 5CM A 3 -3.00 -4.46 -12.25
H5' 5CM A 3 -0.78 -5.51 -13.15
H5'' 5CM A 3 -1.57 -4.15 -13.99
P 0DC A 5 -6.82 0.67 -4.81
OP1 0DC A 5 -8.31 0.64 -4.89
OP2 0DC A 5 -6.08 1.81 -5.42
O5' 0DC A 5 -6.40 0.58 -3.28
C5' 0DC A 5 -5.15 1.09 -2.81
C4' 0DC A 5 -4.73 0.37 -1.55
O4' 0DC A 5 -3.33 0.66 -1.30
C3' 0DC A 5 -4.85 -1.14 -1.60
O3' 0DC A 5 -5.23 -1.65 -0.31
C2' 0DC A 5 -3.44 -1.60 -1.95
C1' 0DC A 5 -2.57 -0.54 -1.29
N1 0DC A 5 -1.30 -0.29 -1.97
C2 0DC A 5 -0.13 -0.87 -1.45
O2 0DC A 5 -0.20 -1.59 -0.44
N3 0DC A 5 1.05 -0.65 -2.08
C4 0DC A 5 1.09 0.13 -3.16
N4 0DC A 5 2.27 0.33 -3.74
C5 0DC A 5 -0.08 0.73 -3.71
C6 0DC A 5 -1.24 0.50 -3.08
H5' 0DC A 5 -5.25 2.16 -2.61
H5'' 0DC A 5 -4.39 0.94 -3.58
H4' 0DC A 5 -5.38 0.73 -0.74
H3' 0DC A 5 -5.58 -1.45 -2.34
H2' 0DC A 5 -3.24 -2.60 -1.56
H2'' 0DC A 5 -3.30 -1.63 -3.03
H1' 0DC A 5 -2.37 -0.80 -0.25
H41 0DC A 5 2.34 0.91 -4.56
H42 0DC A 5 3.11 -0.10 -3.35
H5 0DC A 5 -0.03 1.36 -4.60
H6 0DC A 5 -2.15 0.94 -3.47
P 0DG A 6 -6.61 -2.47 -0.15
OP1 0DG A 6 -6.40 -3.49 0.91
OP2 0DG A 6 -7.05 -2.90 -1.50
O5' 0DG A 6 -7.64 -1.39 0.39
C5' 0DG A 6 -7.48 -0.79 1.68
C4' 0DG A 6 -8.64 0.12 1.98
O4' 0DG A 6 -8.69 1.17 0.98
C3' 0DG A 6 -8.55 0.86 3.32
O3' 0DG A 6 -9.88 1.16 3.80
C2' 0DG A 6 -7.80 2.11 2.96
C1' 0DG A 6 -8.33 2.42 1.56
N9 0DG A 6 -7.37 3.06 0.67
C8 0DG A 6 -7.65 3.93 -0.36
N7 0DG A 6 -6.59 4.34 -0.99
C5 0DG A 6 -5.54 3.72 -0.33
C6 0DG A 6 -4.14 3.78 -0.56
O6 0DG A 6 -3.53 4.43 -1.42
N1 0DG A 6 -3.44 2.98 0.34
C2 0DG A 6 -4.01 2.23 1.34
N2 0DG A 6 -3.16 1.53 2.11
N3 0DG A 6 -5.31 2.16 1.57
C4 0DG A 6 -6.01 2.93 0.70
H5' 0DG A 6 -6.55 -0.21 1.70
H5'' 0DG A 6 -7.43 -1.57 2.44
H4' 0DG A 6 -9.55 -0.48 2.01
H3' 0DG A 6 -8.03 0.26 4.06
H2' 0DG A 6 -8.00 2.92 3.66
H2'' 0DG A 6 -6.72 1.95 2.95
H1' 0DG A 6 -9.22 3.04 1.62
H8 0DG A 6 -8.66 4.24 -0.62
H1 0DG A 6 -2.43 2.96 0.26
H21 0DG A 6 -3.54 0.96 2.86
H22 0DG A 6 -2.18 1.56 1.94
N1 5CM A 7 -5.43 4.25 5.47
C2 5CM A 7 -4.14 4.37 4.93
N3 5CM A 7 -3.99 4.89 3.69
C4 5CM A 7 -5.06 5.29 3.00
C5 5CM A 7 -6.38 5.18 3.53
C5A 5CM A 7 -7.38 5.81 2.88
C6 5CM A 7 -6.51 4.67 4.75
O2 5CM A 7 -3.18 3.98 5.60
N4 5CM A 7 -4.85 5.79 1.78
C1' 5CM A 7 -5.58 3.68 6.81
C2' 5CM A 7 -6.27 4.59 7.82
C3' 5CM A 7 -6.93 3.60 8.74
C4' 5CM A 7 -7.33 2.46 7.79
O4' 5CM A 7 -6.39 2.52 6.70
O3' 5CM A 7 -6.01 3.12 9.73
C5' 5CM A 7 -8.74 2.57 7.25
O5' 5CM A 7 -8.81 1.96 5.95
P 5CM A 7 -10.07 2.20 5.01
OP1 5CM A 7 -11.30 1.80 5.76
OP2 5CM A 7 -9.98 3.57 4.43
H5A1 5CM A 7 -7.28 6.89 2.99
H5A2 5CM A 7 -7.37 5.54 1.84
H5A3 5CM A 7 -8.34 5.50 3.32
H6 5CM A 7 -7.52 4.57 5.19
HN41 5CM A 7 -3.92 5.85 1.41
HN42 5CM A 7 -5.63 6.11 1.23
H1' 5CM A 7 -4.60 3.37 7.18
H2' 5CM A 7 -7.00 5.25 7.35
H2'' 5CM A 7 -5.56 5.22 8.36
H3' 5CM A 7 -7.81 4.02 9.24
H4' 5CM A 7 -7.27 1.54 8.38
H5' 5CM A 7 -9.43 2.06 7.93
H5'' 5CM A 7 -9.02 3.62 7.18
N1 5CM A 9 0.35 9.47 11.48
C2 5CM A 9 0.42 10.20 10.29
N3 5CM A 9 -0.72 10.53 9.66
C4 5CM A 9 -1.89 10.17 10.15
C5 5CM A 9 -2.01 9.43 11.37
C5A 5CM A 9 -3.21 9.25 11.92
C6 5CM A 9 -0.86 9.10 11.99
O2 5CM A 9 1.53 10.51 9.85
N4 5CM A 9 -3.00 10.51 9.48
C1' 5CM A 9 1.60 9.11 12.17
C2' 5CM A 9 1.58 9.28 13.68
C3' 5CM A 9 2.64 8.28 14.13
C4' 5CM A 9 2.65 7.22 13.03
O4' 5CM A 9 1.84 7.74 11.95
O3' 5CM A 9 3.92 8.93 14.21
C5' 5CM A 9 2.12 5.88 13.45
O5' 5CM A 9 0.82 6.03 14.04
P 5CM A 9 -0.18 4.80 14.17
OP1 5CM A 9 0.58 3.64 14.74
OP2 5CM A 9 -1.41 5.26 14.85
H5A1 5CM A 9 -3.12 8.64 12.82
H5A2 5CM A 9 -3.65 10.21 12.18
H5A3 5CM A 9 -3.87 8.74 11.21
H6 5CM A 9 -0.92 8.53 12.92
HN41 5CM A 9 -2.92 11.04 8.62
HN42 5CM A 9 -3.91 10.26 9.83
H1' 5CM A 9 2.42 9.67 11.73
H2' 5CM A 9 0.61 9.04 14.11
H2'' 5CM A 9 1.83 10.29 13.97
H3' 5CM A 9 2.40 7.85 15.10
H4' 5CM A 9 3.70 7.08 12.75
H5' 5CM A 9 2.04 5.24 12.56
H5'' 5CM A 9 2.79 5.41 14.16
N1 5CM B 1 -2.16 16.96 6.82
C2 5CM B 1 -1.16 16.44 7.65
N3 5CM B 1 -1.48 15.49 8.56
C4 5CM B 1 -2.74 15.05 8.65
C5 5CM B 1 -3.78 15.55 7.81
C5A 5CM B 1 -4.96 14.91 7.78
C6 5CM B 1 -3.45 16.50 6.92
O2 5CM B 1 0.00 16.87 7.54
N4 5CM B 1 -3.00 14.11 9.56
C1' 5CM B 1 -1.80 18.00 5.84
C2' 5CM B 1 -2.53 17.91 4.51
C3' 5CM B 1 -2.65 19.36 4.08
C4' 5CM B 1 -2.75 20.12 5.42
O4' 5CM B 1 -2.14 19.26 6.41
O3' 5CM B 1 -1.47 19.78 3.38
C5' 5CM B 1 -4.16 20.44 5.86
O5' 5CM B 1 -4.31 21.84 6.10
H5A1 5CM B 1 -5.42 14.95 8.76
H5A2 5CM B 1 -5.61 15.38 7.04
H5A3 5CM B 1 -4.79 13.87 7.50
H6 5CM B 1 -4.21 16.91 6.28
HN41 5CM B 1 -2.26 13.76 10.15
HN42 5CM B 1 -3.94 13.75 9.67
H1' 5CM B 1 -0.72 17.97 5.69
H2' 5CM B 1 -3.52 17.45 4.61
H2'' 5CM B 1 -1.97 17.32 3.78
H3' 5CM B 1 -3.52 19.54 3.46
H4' 5CM B 1 -2.22 21.06 5.28
H5' 5CM B 1 -4.85 20.14 5.08
H5'' 5CM B 1 -4.38 19.88 6.76
N1 5CM B 3 1.83 10.51 2.24
C2 5CM B 3 1.35 9.80 3.35
N3 5CM B 3 0.05 9.93 3.70
C4 5CM B 3 -0.77 10.71 2.98
C5 5CM B 3 -0.31 11.44 1.85
C5A 5CM B 3 -1.20 12.01 1.04
C6 5CM B 3 1.00 11.32 1.52
O2 5CM B 3 2.13 9.08 3.98
N4 5CM B 3 -2.04 10.79 3.36
C1' 5CM B 3 3.25 10.39 1.87
C2' 5CM B 3 3.50 10.11 0.40
C3' 5CM B 3 4.87 10.72 0.17
C4' 5CM B 3 4.91 11.89 1.17
O4' 5CM B 3 3.89 11.62 2.15
O3' 5CM B 3 5.90 9.78 0.47
C5' 5CM B 3 4.67 13.25 0.57
O5' 5CM B 3 3.48 13.24 -0.21
P 5CM B 3 2.70 14.60 -0.55
OP1 5CM B 3 3.56 15.40 -1.45
OP2 5CM B 3 1.33 14.25 -0.97
H5A1 5CM B 3 -1.91 11.25 0.69
H5A2 5CM B 3 -1.75 12.78 1.57
H5A3 5CM B 3 -0.70 12.45 0.17
H6 5CM B 3 1.38 11.87 0.67
HN41 5CM B 3 -2.36 10.27 4.16
HN42 5CM B 3 -2.69 11.37 2.84
H1' 5CM B 3 3.70 9.62 2.50
H2' 5CM B 3 2.74 10.56 -0.24
H2'' 5CM B 3 3.51 9.03 0.20
H3' 5CM B 3 4.99 11.08 -0.85
H4' 5CM B 3 5.92 11.88 1.59
H5' 5CM B 3 4.58 13.98 1.37
H5'' 5CM B 3 5.52 13.52 -0.06
P 0DC B 5 7.38 2.67 1.32
OP1 0DC B 5 8.63 2.60 2.12
OP2 0DC B 5 7.48 3.00 -0.14
O5' 0DC B 5 6.62 1.27 1.45
C5' 0DC B 5 5.55 0.93 0.57
C4' 0DC B 5 4.45 0.22 1.35
O4' 0DC B 5 3.22 0.32 0.60
C3' 0DC B 5 4.16 0.78 2.73
O3' 0DC B 5 3.83 -0.26 3.65
C2' 0DC B 5 2.96 1.68 2.50
C1' 0DC B 5 2.23 0.97 1.38
N1 0DC B 5 1.45 1.85 0.50
C2 0DC B 5 0.08 1.99 0.71
O2 0DC B 5 -0.45 1.37 1.64
N3 0DC B 5 -0.63 2.81 -0.10
C4 0DC B 5 -0.02 3.46 -1.10
N4 0DC B 5 -0.77 4.25 -1.87
C5 0DC B 5 1.37 3.34 -1.33
C6 0DC B 5 2.07 2.53 -0.52
H5' 0DC B 5 5.91 0.27 -0.21
H5'' 0DC B 5 5.14 1.83 0.13
H4' 0DC B 5 4.78 -0.82 1.49
H3' 0DC B 5 5.02 1.35 3.12
H2' 0DC B 5 2.34 1.76 3.40
H2'' 0DC B 5 3.26 2.69 2.22
H1' 0DC B 5 1.55 0.20 1.78
H41 0DC B 5 -0.34 4.76 -2.63
H42 0DC B 5 -1.76 4.34 -1.69
H5 0DC B 5 1.86 3.87 -2.15
H6 0DC B 5 3.14 2.41 -0.68
P 0DG B 6 4.74 -0.50 4.96
OP1 0DG B 6 3.84 -0.94 6.06
OP2 0DG B 6 5.61 0.69 5.15
O5' 0DG B 6 5.67 -1.73 4.56
C5' 0DG B 6 5.12 -2.91 3.96
C4' 0DG B 6 6.18 -3.97 3.84
O4' 0DG B 6 7.13 -3.58 2.81
C3' 0DG B 6 5.69 -5.36 3.43
O3' 0DG B 6 6.50 -6.37 4.05
C2' 0DG B 6 5.84 -5.36 1.92
C1' 0DG B 6 6.96 -4.36 1.64
N9 0DG B 6 6.66 -3.45 0.53
C8 0DG B 6 7.58 -2.85 -0.30
N7 0DG B 6 7.03 -2.09 -1.21
C5 0DG B 6 5.66 -2.19 -0.96
C6 0DG B 6 4.56 -1.59 -1.62
O6 0DG B 6 4.57 -0.82 -2.57
N1 0DG B 6 3.35 -1.97 -1.03
C2 0DG B 6 3.23 -2.82 0.04
N2 0DG B 6 1.98 -3.07 0.45
N3 0DG B 6 4.24 -3.38 0.66
C4 0DG B 6 5.43 -3.03 0.11
H5' 0DG B 6 4.74 -2.67 2.97
H5'' 0DG B 6 4.30 -3.29 4.58
H4' 0DG B 6 6.65 -4.09 4.82
H3' 0DG B 6 4.65 -5.51 3.73
H2' 0DG B 6 6.13 -6.34 1.55
H2'' 0DG B 6 4.91 -5.09 1.42
H1' 0DG B 6 7.90 -4.87 1.43
H8 0DG B 6 8.65 -2.99 -0.21
H1 0DG B 6 2.50 -1.59 -1.44
H21 0DG B 6 1.82 -3.68 1.24
H22 0DG B 6 1.20 -2.62 0.00
N1 5CM B 7 2.86 -7.64 -1.28
C2 5CM B 7 1.97 -6.89 -2.05
N3 5CM B 7 2.43 -5.85 -2.79
C4 5CM B 7 3.74 -5.57 -2.77
C5 5CM B 7 4.68 -6.31 -1.99
C5A 5CM B 7 5.97 -5.95 -1.97
C6 5CM B 7 4.19 -7.34 -1.27
O2 5CM B 7 0.77 -7.20 -2.05
N4 5CM B 7 4.16 -4.53 -3.51
C1' 5CM B 7 2.34 -8.76 -0.48
C2' 5CM B 7 3.20 -10.02 -0.49
C3' 5CM B 7 3.35 -10.39 0.97
C4' 5CM B 7 3.21 -9.05 1.68
O4' 5CM B 7 2.26 -8.32 0.88
O3' 5CM B 7 2.31 -11.28 1.39
C5' 5CM B 7 4.48 -8.25 1.78
O5' 5CM B 7 4.86 -8.09 3.16
P 5CM B 7 6.39 -7.91 3.57
OP1 5CM B 7 6.64 -8.77 4.75
OP2 5CM B 7 7.24 -8.05 2.35
H5A1 5CM B 7 6.44 -6.22 -2.91
H5A2 5CM B 7 6.47 -6.44 -1.15
H5A3 5CM B 7 6.03 -4.86 -1.83
H6 5CM B 7 4.88 -7.93 -0.67
HN41 5CM B 7 3.49 -4.01 -4.05
HN42 5CM B 7 5.13 -4.27 -3.52
H1' 5CM B 7 1.32 -8.99 -0.81
H2' 5CM B 7 4.17 -9.85 -0.96
H2'' 5CM B 7 2.70 -10.82 -1.05
H3' 5CM B 7 4.32 -10.86 1.18
H4' 5CM B 7 2.86 -9.25 2.69
H5' 5CM B 7 5.28 -8.76 1.25
H5'' 5CM B 7 4.33 -7.27 1.33
N1 5CM B 9 -1.52 -14.71 -6.19
C2 5CM B 9 -1.00 -13.77 -7.08
N3 5CM B 9 0.34 -13.56 -7.11
C4 5CM B 9 1.14 -14.24 -6.29
C5 5CM B 9 0.64 -15.20 -5.38
C5A 5CM B 9 1.49 -15.78 -4.50
C6 5CM B 9 -0.68 -15.40 -5.36
O2 5CM B 9 -1.78 -13.16 -7.83
N4 5CM B 9 2.45 -13.99 -6.36
C1' 5CM B 9 -2.97 -14.94 -6.16
C2' 5CM B 9 -3.40 -16.39 -6.13
C3' 5CM B 9 -4.76 -16.32 -5.45
C4' 5CM B 9 -4.70 -15.05 -4.60
O4' 5CM B 9 -3.47 -14.37 -4.98
O3' 5CM B 9 -5.79 -16.21 -6.43
C5' 5CM B 9 -4.68 -15.27 -3.11
O5' 5CM B 9 -3.68 -16.24 -2.78
P 5CM B 9 -2.82 -16.11 -1.44
OP1 5CM B 9 -3.68 -16.49 -0.29
OP2 5CM B 9 -1.53 -16.82 -1.67
H5A1 5CM B 9 0.93 -16.46 -3.86
H5A2 5CM B 9 1.97 -15.02 -3.90
H5A3 5CM B 9 2.24 -16.35 -5.06
H6 5CM B 9 -1.10 -16.13 -4.66
HN41 5CM B 9 2.80 -13.30 -7.02
HN42 5CM B 9 3.09 -14.48 -5.76
H1' 5CM B 9 -3.43 -14.41 -7.01
H2' 5CM B 9 -2.71 -17.01 -5.55
H2'' 5CM B 9 -3.47 -16.81 -7.13
H3' 5CM B 9 -4.95 -17.19 -4.83
H4' 5CM B 9 -5.59 -14.47 -4.84
H5' 5CM B 9 -4.47 -14.34 -2.60
H5'' 5CM B 9 -5.66 -15.63 -2.80
N1 5CM A 1 4.60 -13.75 -11.12
C2 5CM A 1 3.20 -13.76 -10.97
N3 5CM A 1 2.67 -14.25 -9.83
C4 5CM A 1 3.47 -14.74 -8.87
C5 5CM A 1 4.88 -14.74 -9.00
C5A 5CM A 1 5.61 -15.43 -8.11
C6 5CM A 1 5.40 -14.25 -10.12
O2 5CM A 1 2.50 -13.30 -11.87
N4 5CM A 1 2.89 -15.22 -7.76
C1' 5CM A 1 5.17 -13.20 -12.36
C2' 5CM A 1 6.30 -12.21 -12.14
C3' 5CM A 1 7.31 -12.56 -13.22
C4' 5CM A 1 7.11 -14.05 -13.43
O4' 5CM A 1 5.72 -14.30 -13.10
O3' 5CM A 1 7.03 -11.84 -14.43
C5' 5CM A 1 7.97 -14.95 -12.58
O5' 5CM A 1 8.95 -15.62 -13.38
H5A1 5CM A 1 6.67 -15.35 -8.36
H5A2 5CM A 1 5.45 -15.02 -7.11
H5A3 5CM A 1 5.32 -16.48 -8.12
H6 5CM A 1 6.49 -14.23 -10.26
HN41 5CM A 1 1.88 -15.21 -7.69
HN42 5CM A 1 3.45 -15.59 -7.02
H1' 5CM A 1 4.37 -12.77 -12.96
H2' 5CM A 1 6.74 -12.29 -11.15
H2'' 5CM A 1 5.94 -11.19 -12.25
H3' 5CM A 1 8.34 -12.34 -12.91
H4' 5CM A 1 7.34 -14.26 -14.48
H5' 5CM A 1 8.48 -14.35 -11.82
H5'' 5CM A 1 7.35 -15.68 -12.08
N1 5CM A 3 1.10 -5.48 -9.25
C2 5CM A 3 0.79 -6.17 -8.07
N3 5CM A 3 1.78 -6.74 -7.37
C4 5CM A 3 3.05 -6.65 -7.79
C5 5CM A 3 3.40 -5.97 -8.99
C5A 5CM A 3 4.70 -5.71 -9.22
C6 5CM A 3 2.40 -5.39 -9.68
O2 5CM A 3 -0.39 -6.23 -7.72
N4 5CM A 3 3.99 -7.25 -7.05
C1' 5CM A 3 0.02 -4.86 -10.03
C2' 5CM A 3 0.31 -3.44 -10.50
C3' 5CM A 3 -0.46 -3.36 -11.81
C4' 5CM A 3 -0.42 -4.79 -12.34
O4' 5CM A 3 -0.19 -5.64 -11.19
O3' 5CM A 3 -1.82 -2.96 -11.56
C5' 5CM A 3 0.65 -5.05 -13.37
O5' 5CM A 3 1.91 -4.55 -12.92
P 5CM A 3 3.27 -5.06 -13.56
OP1 5CM A 3 3.40 -4.45 -14.91
OP2 5CM A 3 4.36 -4.86 -12.57
H5A1 5CM A 3 5.12 -5.14 -8.38
H5A2 5CM A 3 5.24 -6.64 -9.34
H5A3 5CM A 3 4.78 -5.11 -10.14
H6 5CM A 3 2.64 -4.87 -10.61
HN41 5CM A 3 3.74 -7.74 -6.22
HN42 5CM A 3 4.97 -7.21 -7.34
H1' 5CM A 3 -0.89 -4.89 -9.43
H2' 5CM A 3 1.37 -3.27 -10.67
H2'' 5CM A 3 -0.03 -2.70 -9.78
H3' 5CM A 3 -0.01 -2.66 -12.51
H4' 5CM A 3 -1.39 -4.97 -12.82
H5' 5CM A 3 0.72 -6.13 -13.55
H5'' 5CM A 3 0.38 -4.55 -14.30
P 0DC A 5 -5.95 0.43 -6.52
OP1 0DC A 5 -7.33 0.18 -7.00
OP2 0DC A 5 -5.16 1.55 -7.10
O5' 0DC A 5 -6.01 0.64 -4.94
C5' 0DC A 5 -4.95 1.30 -4.24
C4' 0DC A 5 -4.66 0.57 -2.95
O4' 0DC A 5 -3.30 0.89 -2.54
C3' 0DC A 5 -4.75 -0.95 -3.01
O3' 0DC A 5 -5.28 -1.48 -1.80
C2' 0DC A 5 -3.30 -1.39 -3.20
C1' 0DC A 5 -2.52 -0.30 -2.46
N1 0DC A 5 -1.20 -0.02 -3.03
C2 0DC A 5 -0.07 -0.57 -2.45
O2 0DC A 5 -0.19 -1.29 -1.44
N3 0DC A 5 1.15 -0.31 -2.97
C4 0DC A 5 1.25 0.47 -4.05
N4 0DC A 5 2.47 0.69 -4.54
C5 0DC A 5 0.11 1.04 -4.68
C6 0DC A 5 -1.09 0.78 -4.14
H5' 0DC A 5 -5.23 2.32 -4.02
H5'' 0DC A 5 -4.05 1.30 -4.85
H4' 0DC A 5 -5.41 0.90 -2.21
H3' 0DC A 5 -5.36 -1.27 -3.85
H2' 0DC A 5 -3.13 -2.37 -2.75
H2'' 0DC A 5 -3.03 -1.44 -4.25
H1' 0DC A 5 -2.39 -0.57 -1.41
H41 0DC A 5 2.59 1.27 -5.36
H42 0DC A 5 3.28 0.27 -4.11
H5 0DC A 5 0.22 1.68 -5.56
H6 0DC A 5 -1.98 1.21 -4.59
P 0DG A 6 -6.64 -2.34 -1.83
OP1 0DG A 6 -6.46 -3.52 -0.94
OP2 0DG A 6 -7.04 -2.54 -3.25
O5' 0DG A 6 -7.73 -1.38 -1.15
C5' 0DG A 6 -7.52 -0.84 0.15
C4' 0DG A 6 -8.63 0.11 0.50
O4' 0DG A 6 -8.51 1.29 -0.34
C3' 0DG A 6 -8.61 0.64 1.94
O3' 0DG A 6 -9.95 0.91 2.38
C2' 0DG A 6 -7.80 1.92 1.81
C1' 0DG A 6 -8.23 2.43 0.45
N9 0DG A 6 -7.21 3.21 -0.25
C8 0DG A 6 -7.41 4.35 -0.99
N7 0DG A 6 -6.31 4.83 -1.49
C5 0DG A 6 -5.32 3.97 -1.06
C6 0DG A 6 -3.92 3.99 -1.30
O6 0DG A 6 -3.26 4.80 -1.94
N1 0DG A 6 -3.29 2.91 -0.67
C2 0DG A 6 -3.93 1.95 0.07
N2 0DG A 6 -3.14 0.99 0.59
N3 0DG A 6 -5.22 1.92 0.30
C4 0DG A 6 -5.85 2.96 -0.30
H5' 0DG A 6 -6.57 -0.32 0.19
H5'' 0DG A 6 -7.51 -1.67 0.88
H4' 0DG A 6 -9.58 -0.41 0.38
H3' 0DG A 6 -8.14 -0.08 2.61
H2' 0DG A 6 -8.04 2.62 2.62
H2'' 0DG A 6 -6.73 1.71 1.87
H1' 0DG A 6 -9.13 3.03 0.53
H8 0DG A 6 -8.39 4.80 -1.14
H1 0DG A 6 -2.29 2.83 -0.79
H21 0DG A 6 -3.55 0.26 1.15
H22 0DG A 6 -2.14 1.01 0.42
N1 5CM A 7 -5.62 3.42 4.80
C2 5CM A 7 -4.39 3.71 4.21
N3 5CM A 7 -4.34 4.63 3.22
C4 5CM A 7 -5.45 5.26 2.82
C5 5CM A 7 -6.72 4.98 3.40
C5A 5CM A 7 -7.82 5.49 2.84
C6 5CM A 7 -6.76 4.07 4.39
O2 5CM A 7 -3.38 3.12 4.60
N4 5CM A 7 -5.34 6.16 1.84
C1' 5CM A 7 -5.67 2.43 5.89
C2' 5CM A 7 -6.25 2.94 7.19
C3' 5CM A 7 -6.94 1.71 7.76
C4' 5CM A 7 -7.43 0.98 6.50
O4' 5CM A 7 -6.51 1.36 5.45
O3' 5CM A 7 -6.02 0.89 8.49
C5' 5CM A 7 -8.83 1.30 6.08
O5' 5CM A 7 -9.07 0.84 4.75
P 5CM A 7 -10.21 1.51 3.85
OP1 5CM A 7 -11.52 1.02 4.32
OP2 5CM A 7 -9.94 2.97 3.79
H5A1 5CM A 7 -7.89 5.16 1.81
H5A2 5CM A 7 -8.71 5.15 3.38
H5A3 5CM A 7 -7.79 6.58 2.87
H6 5CM A 7 -7.71 3.83 4.86
HN41 5CM A 7 -4.44 6.35 1.42
HN42 5CM A 7 -6.16 6.65 1.51
H1' 5CM A 7 -4.67 2.03 6.03
H2' 5CM A 7 -6.96 3.75 7.04
H2'' 5CM A 7 -5.48 3.30 7.86
H3' 5CM A 7 -7.78 1.96 8.41
H4' 5CM A 7 -7.38 -0.10 6.74
H5' 5CM A 7 -9.54 0.81 6.76
H5'' 5CM A 7 -8.99 2.37 6.14
N1 5CM A 9 0.67 7.89 11.08
C2 5CM A 9 0.55 8.99 10.23
N3 5CM A 9 -0.66 9.57 10.04
C4 5CM A 9 -1.73 9.08 10.69
C5 5CM A 9 -1.63 7.96 11.58
C5A 5CM A 9 -2.77 7.42 12.05
C6 5CM A 9 -0.43 7.41 11.74
O2 5CM A 9 1.56 9.41 9.65
N4 5CM A 9 -2.90 9.68 10.48
C1' 5CM A 9 1.99 7.27 11.28
C2' 5CM A 9 2.42 7.10 12.72
C3' 5CM A 9 3.41 5.95 12.61
C4' 5CM A 9 2.94 5.15 11.40
O4' 5CM A 9 1.95 5.98 10.73
O3' 5CM A 9 4.74 6.46 12.38
C5' 5CM A 9 2.31 3.83 11.71
O5' 5CM A 9 1.22 4.00 12.63
P 5CM A 9 -0.05 3.04 12.58
OP1 5CM A 9 0.34 1.72 13.13
OP2 5CM A 9 -1.20 3.77 13.19
H5A1 5CM A 9 -3.27 8.13 12.70
H5A2 5CM A 9 -3.42 7.16 11.22
H5A3 5CM A 9 -2.52 6.51 12.62
H6 5CM A 9 -0.33 6.55 12.40
HN41 5CM A 9 -2.96 10.47 9.85
HN42 5CM A 9 -3.74 9.35 10.95
H1' 5CM A 9 2.74 7.85 10.72
H2' 5CM A 9 1.58 6.83 13.36
H2'' 5CM A 9 2.88 7.99 13.12
H3' 5CM A 9 3.42 5.34 13.51
H4' 5CM A 9 3.82 4.97 10.78
H5' 5CM A 9 1.94 3.37 10.80
H5'' 5CM A 9 3.06 3.17 12.16
N1 5CM B 1 -2.43 16.69 8.84
C2 5CM B 1 -1.31 15.91 9.16
N3 5CM B 1 -1.47 14.81 9.93
C4 5CM B 1 -2.69 14.47 10.38
C5 5CM B 1 -3.85 15.24 10.05
C5A 5CM B 1 -5.06 14.76 10.39
C6 5CM B 1 -3.68 16.32 9.29
O2 5CM B 1 -0.20 16.26 8.74
N4 5CM B 1 -2.80 13.38 11.13
C1' 5CM B 1 -2.26 17.89 8.02
C2' 5CM B 1 -3.23 18.01 6.86
C3' 5CM B 1 -3.48 19.51 6.76
C4' 5CM B 1 -3.35 19.98 8.21
O4' 5CM B 1 -2.46 19.03 8.85
O3' 5CM B 1 -2.47 20.14 5.95
C5' 5CM B 1 -4.65 20.03 8.98
O5' 5CM B 1 -5.40 21.20 8.65
H5A1 5CM B 1 -5.21 13.79 9.94
H5A2 5CM B 1 -5.11 14.67 11.47
H5A3 5CM B 1 -5.82 15.46 10.04
H6 5CM B 1 -4.54 16.94 9.04
HN41 5CM B 1 -1.97 12.84 11.36
HN42 5CM B 1 -3.69 13.09 11.49
H1' 5CM B 1 -1.22 17.92 7.66
H2' 5CM B 1 -4.16 17.47 7.04
H2'' 5CM B 1 -2.79 17.63 5.93
H3' 5CM B 1 -4.46 19.74 6.36
H4' 5CM B 1 -2.94 20.99 8.18
H5' 5CM B 1 -5.24 19.14 8.74
H5'' 5CM B 1 -4.43 20.03 10.05
N1 5CM B 3 0.64 11.40 2.03
C2 5CM B 3 0.35 10.42 2.98
N3 5CM B 3 -0.92 10.33 3.46
C4 5CM B 3 -1.86 11.17 3.04
C5 5CM B 3 -1.58 12.18 2.07
C5A 5CM B 3 -2.61 12.86 1.53
C6 5CM B 3 -0.33 12.26 1.60
O2 5CM B 3 1.24 9.65 3.35
N4 5CM B 3 -3.09 11.05 3.56
C1' 5CM B 3 2.01 11.49 1.51
C2' 5CM B 3 2.11 11.41 -0.01
C3' 5CM B 3 3.39 12.19 -0.28
C4' 5CM B 3 3.41 13.25 0.82
O4' 5CM B 3 2.54 12.76 1.87
O3' 5CM B 3 4.54 11.35 -0.18
C5' 5CM B 3 2.94 14.62 0.40
O5' 5CM B 3 1.54 14.61 0.13
P 5CM B 3 0.65 15.92 0.33
OP1 5CM B 3 1.20 16.99 -0.54
OP2 5CM B 3 -0.77 15.52 0.19
H5A1 5CM B 3 -3.11 13.45 2.30
H5A2 5CM B 3 -2.23 13.53 0.76
H5A3 5CM B 3 -3.32 12.16 1.10
H6 5CM B 3 -0.08 13.02 0.87
HN41 5CM B 3 -3.28 10.33 4.24
HN42 5CM B 3 -3.82 11.66 3.26
H1' 5CM B 3 2.62 10.72 1.99
H2' 5CM B 3 1.26 11.85 -0.50
H2'' 5CM B 3 2.21 10.37 -0.35
H3' 5CM B 3 3.37 12.65 -1.27
H4' 5CM B 3 4.45 13.34 1.14
H5' 5CM B 3 3.15 15.32 1.21
H5'' 5CM B 3 3.49 14.93 -0.49
P 0DC B 5 7.22 4.26 0.20
OP1 0DC B 5 8.48 4.48 0.94
OP2 0DC B 5 7.14 4.62 -1.25
O5' 0DC B 5 6.79 2.74 0.35
C5' 0DC B 5 5.85 2.13 -0.54
C4' 0DC B 5 4.90 1.24 0.24
O4' 0DC B 5 3.68 1.11 -0.52
C3' 0DC B 5 4.50 1.77 1.61
O3' 0DC B 5 4.47 0.70 2.56
C2' 0DC B 5 3.12 2.34 1.40
C1' 0DC B 5 2.56 1.53 0.25
N1 0DC B 5 1.67 2.29 -0.65
C2 0DC B 5 0.28 2.10 -0.54
O2 0DC B 5 -0.15 1.30 0.29
N3 0DC B 5 -0.54 2.81 -1.34
C4 0DC B 5 -0.03 3.67 -2.23
N4 0DC B 5 -0.88 4.34 -3.01
C5 0DC B 5 1.37 3.89 -2.36
C6 0DC B 5 2.18 3.18 -1.56
H5' 0DC B 5 6.38 1.53 -1.28
H5'' 0DC B 5 5.27 2.91 -1.04
H4' 0DC B 5 5.42 0.29 0.40
H3' 0DC B 5 5.21 2.53 1.96
H2' 0DC B 5 2.49 2.23 2.29
H2'' 0DC B 5 3.17 3.41 1.17
H1' 0DC B 5 2.03 0.65 0.61
H41 0DC B 5 -0.54 5.00 -3.68
H42 0DC B 5 -1.88 4.18 -2.91
H5 0DC B 5 1.77 4.60 -3.08
H6 0DC B 5 3.25 3.31 -1.63
P 0DG B 6 5.34 0.78 3.91
OP1 0DG B 6 4.43 0.59 5.07
OP2 0DG B 6 6.19 2.01 3.84
O5' 0DG B 6 6.30 -0.48 3.82
C5' 0DG B 6 5.76 -1.80 3.68
C4' 0DG B 6 6.88 -2.77 3.39
O4' 0DG B 6 7.52 -2.40 2.14
C3' 0DG B 6 6.44 -4.23 3.18
O3' 0DG B 6 7.47 -5.12 3.61
C2' 0DG B 6 6.20 -4.29 1.68
C1' 0DG B 6 7.29 -3.38 1.14
N9 0DG B 6 6.95 -2.69 -0.10
C8 0DG B 6 7.81 -2.30 -1.09
N7 0DG B 6 7.22 -1.69 -2.07
C5 0DG B 6 5.87 -1.69 -1.72
C6 0DG B 6 4.75 -1.17 -2.41
O6 0DG B 6 4.71 -0.60 -3.50
N1 0DG B 6 3.58 -1.38 -1.69
C2 0DG B 6 3.50 -2.00 -0.47
N2 0DG B 6 2.28 -2.10 0.06
N3 0DG B 6 4.54 -2.49 0.18
C4 0DG B 6 5.70 -2.30 -0.50
H5' 0DG B 6 5.05 -1.81 2.87
H5'' 0DG B 6 5.27 -2.09 4.61
H4' 0DG B 6 7.56 -2.78 4.24
H3' 0DG B 6 5.52 -4.44 3.74
H2' 0DG B 6 6.30 -5.32 1.31
H2'' 0DG B 6 5.20 -3.94 1.42
H1' 0DG B 6 8.22 -3.93 1.00
H8 0DG B 6 8.88 -2.46 -1.05
H1 0DG B 6 2.72 -1.04 -2.10
H21 0DG B 6 2.17 -2.56 0.96
H22 0DG B 6 1.47 -1.74 -0.42
N1 5CM B 7 3.86 -6.78 -0.38
C2 5CM B 7 3.01 -6.00 -1.17
N3 5CM B 7 3.55 -5.17 -2.10
C4 5CM B 7 4.87 -5.08 -2.23
C5 5CM B 7 5.76 -5.86 -1.44
C5A 5CM B 7 7.06 -5.86 -1.73
C6 5CM B 7 5.21 -6.69 -0.53
O2 5CM B 7 1.79 -6.11 -1.02
N4 5CM B 7 5.35 -4.24 -3.14
C1' 5CM B 7 3.27 -7.68 0.61
C2' 5CM B 7 3.72 -9.13 0.50
C3' 5CM B 7 3.55 -9.62 1.93
C4' 5CM B 7 3.91 -8.40 2.76
O4' 5CM B 7 3.68 -7.25 1.90
O3' 5CM B 7 2.19 -10.01 2.17
C5' 5CM B 7 5.35 -8.36 3.25
O5' 5CM B 7 5.81 -7.01 3.35
P 5CM B 7 7.37 -6.68 3.26
OP1 5CM B 7 8.05 -7.43 4.35
OP2 5CM B 7 7.82 -6.87 1.86
H5A1 5CM B 7 7.62 -6.35 -0.93
H5A2 5CM B 7 7.42 -4.84 -1.84
H5A3 5CM B 7 7.23 -6.40 -2.65
H6 5CM B 7 5.86 -7.30 0.10
HN41 5CM B 7 4.71 -3.68 -3.70
HN42 5CM B 7 6.34 -4.14 -3.27
H1' 5CM B 7 2.18 -7.61 0.55
H2' 5CM B 7 4.76 -9.22 0.17
H2'' 5CM B 7 3.10 -9.71 -0.18
H3' 5CM B 7 4.21 -10.45 2.16
H4' 5CM B 7 3.27 -8.41 3.64
H5' 5CM B 7 5.40 -8.84 4.23
H5'' 5CM B 7 5.96 -8.92 2.55
N1 5CM B 9 -2.24 -13.29 -4.69
C2 5CM B 9 -1.47 -12.66 -5.66
N3 5CM B 9 -0.13 -12.76 -5.62
C4 5CM B 9 0.45 -13.46 -4.65
C5 5CM B 9 -0.30 -14.11 -3.63
C5A 5CM B 9 0.34 -14.72 -2.62
C6 5CM B 9 -1.64 -14.01 -3.69
O2 5CM B 9 -2.06 -12.02 -6.55
N4 5CM B 9 1.78 -13.54 -4.65
C1' 5CM B 9 -3.72 -13.18 -4.74
C2' 5CM B 9 -4.46 -14.49 -4.63
C3' 5CM B 9 -5.82 -14.04 -4.10
C4' 5CM B 9 -5.51 -12.76 -3.33
O4' 5CM B 9 -4.14 -12.41 -3.65
O3' 5CM B 9 -6.71 -13.77 -5.17
C5' 5CM B 9 -5.65 -12.85 -1.83
O5' 5CM B 9 -4.75 -13.85 -1.31
P 5CM B 9 -4.13 -13.72 0.14
OP1 5CM B 9 -5.23 -13.65 1.13
OP2 5CM B 9 -3.08 -14.77 0.28
H5A1 5CM B 9 -0.39 -15.11 -1.91
H5A2 5CM B 9 0.99 -14.01 -2.13
H5A3 5CM B 9 0.93 -15.55 -3.01
H6 5CM B 9 -2.24 -14.49 -2.92
HN41 5CM B 9 2.32 -13.07 -5.37
HN42 5CM B 9 2.27 -14.06 -3.93
H1' 5CM B 9 -3.98 -12.64 -5.66
H2' 5CM B 9 -3.97 -15.19 -3.94
H2'' 5CM B 9 -4.56 -14.99 -5.58
H3' 5CM B 9 -6.26 -14.80 -3.44
H4' 5CM B 9 -6.22 -12.00 -3.68
H5' 5CM B 9 -5.40 -11.89 -1.38
H5'' 5CM B 9 -6.67 -13.12 -1.58
N1 5CM A 1 3.58 -14.23 -10.90
C2 5CM A 1 2.21 -14.15 -10.64
N3 5CM A 1 1.71 -14.71 -9.51
C4 5CM A 1 2.53 -15.34 -8.67
C5 5CM A 1 3.94 -15.43 -8.89
C5A 5CM A 1 4.68 -16.21 -8.11
C6 5CM A 1 4.42 -14.86 -10.01
O2 5CM A 1 1.48 -13.56 -11.45
N4 5CM A 1 1.99 -15.87 -7.57
C1' 5CM A 1 4.11 -13.62 -12.13
C2' 5CM A 1 5.39 -12.82 -11.96
C3' 5CM A 1 6.00 -12.91 -13.34
C4' 5CM A 1 5.57 -14.30 -13.83
O4' 5CM A 1 4.41 -14.66 -13.03
O3' 5CM A 1 5.44 -11.90 -14.20
C5' 5CM A 1 6.62 -15.38 -13.66
O5' 5CM A 1 7.36 -15.56 -14.88
H5A1 5CM A 1 5.72 -16.18 -8.43
H5A2 5CM A 1 4.61 -15.86 -7.07
H5A3 5CM A 1 4.32 -17.24 -8.16
H6 5CM A 1 5.48 -14.92 -10.23
HN41 5CM A 1 1.00 -15.81 -7.41
HN42 5CM A 1 2.58 -16.36 -6.90
H1' 5CM A 1 3.32 -13.00 -12.57
H2' 5CM A 1 6.05 -13.26 -11.20
H2'' 5CM A 1 5.20 -11.78 -11.67
H3' 5CM A 1 7.08 -12.81 -13.32
H4' 5CM A 1 5.36 -14.21 -14.89
H5' 5CM A 1 7.30 -15.09 -12.86
H5'' 5CM A 1 6.13 -16.30 -13.39
N1 5CM A 3 1.27 -4.96 -9.94
C2 5CM A 3 1.00 -5.78 -8.84
N3 5CM A 3 2.01 -6.51 -8.29
C4 5CM A 3 3.24 -6.42 -8.80
C5 5CM A 3 3.55 -5.58 -9.92
C5A 5CM A 3 4.83 -5.42 -10.27
C6 5CM A 3 2.54 -4.88 -10.45
O2 5CM A 3 -0.15 -5.82 -8.39
N4 5CM A 3 4.20 -7.16 -8.22
C1' 5CM A 3 0.18 -4.18 -10.54
C2' 5CM A 3 0.52 -2.75 -10.88
C3' 5CM A 3 -0.41 -2.44 -12.03
C4' 5CM A 3 -0.58 -3.80 -12.73
O4' 5CM A 3 -0.17 -4.80 -11.76
O3' 5CM A 3 -1.68 -1.97 -11.56
C5' 5CM A 3 0.22 -3.98 -13.99
O5' 5CM A 3 1.62 -3.86 -13.71
P 5CM A 3 2.71 -4.54 -14.65
OP1 5CM A 3 2.55 -4.00 -16.02
OP2 5CM A 3 4.03 -4.43 -13.97
H5A1 5CM A 3 5.39 -5.00 -9.44
H5A2 5CM A 3 5.26 -6.38 -10.56
H5A3 5CM A 3 4.88 -4.73 -11.12
H6 5CM A 3 2.74 -4.23 -11.30
HN41 5CM A 3 3.98 -7.74 -7.44
HN42 5CM A 3 5.15 -7.12 -8.57
H1' 5CM A 3 -0.69 -4.23 -9.87
H2' 5CM A 3 1.57 -2.62 -11.17
H2'' 5CM A 3 0.33 -2.08 -10.03
H3' 5CM A 3 0.01 -1.70 -12.71
H4' 5CM A 3 -1.63 -3.87 -13.01
H5' 5CM A 3 0.02 -4.96 -14.41
H5'' 5CM A 3 -0.08 -3.22 -14.72
P 0DC A 5 -5.64 0.52 -5.73
OP1 0DC A 5 -7.03 0.24 -6.16
OP2 0DC A 5 -4.95 1.75 -6.20
O5' 0DC A 5 -5.59 0.51 -4.14
C5' 0DC A 5 -4.53 1.16 -3.42
C4' 0DC A 5 -4.12 0.33 -2.23
O4' 0DC A 5 -2.75 0.64 -1.89
C3' 0DC A 5 -4.17 -1.18 -2.45
O3' 0DC A 5 -4.56 -1.85 -1.24
C2' 0DC A 5 -2.74 -1.53 -2.81
C1' 0DC A 5 -1.94 -0.51 -2.02
N1 0DC A 5 -0.68 -0.12 -2.68
C2 0DC A 5 0.53 -0.69 -2.26
O2 0DC A 5 0.51 -1.52 -1.34
N3 0DC A 5 1.68 -0.33 -2.86
C4 0DC A 5 1.66 0.57 -3.86
N4 0DC A 5 2.82 0.89 -4.43
C5 0DC A 5 0.45 1.17 -4.30
C6 0DC A 5 -0.68 0.81 -3.70
H5' 0DC A 5 -4.87 2.13 -3.08
H5'' 0DC A 5 -3.67 1.29 -4.08
H4' 0DC A 5 -4.82 0.55 -1.42
H3' 0DC A 5 -4.87 -1.44 -3.24
H2' 0DC A 5 -2.49 -2.55 -2.50
H2'' 0DC A 5 -2.57 -1.46 -3.88
H1' 0DC A 5 -1.70 -0.88 -1.02
H41 0DC A 5 2.84 1.57 -5.17
H42 0DC A 5 3.68 0.47 -4.11
H5 0DC A 5 0.45 1.90 -5.11
H6 0DC A 5 -1.63 1.26 -4.00
P 0DG A 6 -5.85 -2.82 -1.24
OP1 0DG A 6 -5.59 -3.93 -0.30
OP2 0DG A 6 -6.21 -3.11 -2.65
O5' 0DG A 6 -7.01 -1.90 -0.62
C5' 0DG A 6 -6.80 -1.18 0.60
C4' 0DG A 6 -7.97 -0.27 0.86
O4' 0DG A 6 -7.87 0.88 -0.01
C3' 0DG A 6 -8.03 0.31 2.28
O3' 0DG A 6 -9.40 0.54 2.65
C2' 0DG A 6 -7.27 1.61 2.14
C1' 0DG A 6 -7.69 2.06 0.75
N9 0DG A 6 -6.71 2.90 0.05
C8 0DG A 6 -6.98 3.94 -0.81
N7 0DG A 6 -5.91 4.50 -1.29
C5 0DG A 6 -4.86 3.79 -0.71
C6 0DG A 6 -3.46 3.93 -0.86
O6 0DG A 6 -2.84 4.75 -1.54
N1 0DG A 6 -2.76 2.99 -0.10
C2 0DG A 6 -3.35 2.03 0.69
N2 0DG A 6 -2.51 1.23 1.34
N3 0DG A 6 -4.65 1.89 0.84
C4 0DG A 6 -5.34 2.79 0.12
H5' 0DG A 6 -5.89 -0.59 0.52
H5'' 0DG A 6 -6.70 -1.89 1.43
H4' 0DG A 6 -8.88 -0.85 0.72
H3' 0DG A 6 -7.57 -0.36 3.00
H2' 0DG A 6 -7.55 2.32 2.91
H2'' 0DG A 6 -6.19 1.45 2.21
H1' 0DG A 6 -8.64 2.60 0.79
H8 0DG A 6 -7.98 4.26 -1.05
H1 0DG A 6 -1.76 3.01 -0.15
H21 0DG A 6 -2.89 0.51 1.95
H22 0DG A 6 -1.51 1.33 1.25
N1 5CM A 7 -5.21 3.89 4.81
C2 5CM A 7 -3.92 4.17 4.34
N3 5CM A 7 -3.77 4.88 3.21
C4 5CM A 7 -4.85 5.32 2.54
C5 5CM A 7 -6.17 5.04 3.00
C5A 5CM A 7 -7.22 5.60 2.36
C6 5CM A 7 -6.30 4.32 4.13
O2 5CM A 7 -2.95 3.74 4.99
N4 5CM A 7 -4.65 6.02 1.43
C1' 5CM A 7 -5.36 3.10 6.05
C2' 5CM A 7 -6.11 3.82 7.17
C3' 5CM A 7 -6.76 2.68 7.91
C4' 5CM A 7 -7.09 1.69 6.79
O4' 5CM A 7 -6.12 1.94 5.75
O3' 5CM A 7 -5.86 2.09 8.84
C5' 5CM A 7 -8.48 1.82 6.21
O5' 5CM A 7 -8.57 1.13 4.96
P 5CM A 7 -9.75 1.45 3.94
OP1 5CM A 7 -11.02 0.95 4.52
OP2 5CM A 7 -9.64 2.87 3.52
H5A1 5CM A 7 -7.26 6.65 2.61
H5A2 5CM A 7 -7.09 5.48 1.29
H5A3 5CM A 7 -8.14 5.11 2.67
H6 5CM A 7 -7.30 4.10 4.50
HN41 5CM A 7 -3.71 6.20 1.12
HN42 5CM A 7 -5.43 6.36 0.90
H1' 5CM A 7 -4.37 2.78 6.39
H2' 5CM A 7 -6.83 4.53 6.79
H2'' 5CM A 7 -5.43 4.37 7.82
H3' 5CM A 7 -7.67 2.99 8.43
H4' 5CM A 7 -7.02 0.69 7.22
H5' 5CM A 7 -9.20 1.41 6.90
H5'' 5CM A 7 -8.70 2.88 6.06
N1 5CM A 9 -0.26 8.66 11.82
C2 5CM A 9 -0.27 9.44 10.66
N3 5CM A 9 -1.44 9.82 10.11
C4 5CM A 9 -2.59 9.45 10.69
C5 5CM A 9 -2.62 8.65 11.87
C5A 5CM A 9 -3.80 8.19 12.32
C6 5CM A 9 -1.44 8.28 12.39
O2 5CM A 9 0.82 9.78 10.16
N4 5CM A 9 -3.73 9.84 10.12
C1' 5CM A 9 1.03 8.24 12.40
C2' 5CM A 9 1.17 8.47 13.88
C3' 5CM A 9 2.18 7.41 14.30
C4' 5CM A 9 2.03 6.31 13.24
O4' 5CM A 9 1.14 6.85 12.22
O3' 5CM A 9 3.51 7.95 14.25
C5' 5CM A 9 1.43 5.01 13.74
O5' 5CM A 9 0.21 5.26 14.43
P 5CM A 9 -1.03 4.26 14.31
OP1 5CM A 9 -0.71 3.06 15.11
OP2 5CM A 9 -2.26 5.03 14.58
H5A1 5CM A 9 -3.64 7.57 13.20
H5A2 5CM A 9 -4.45 9.01 12.57
H5A3 5CM A 9 -4.26 7.57 11.53
H6 5CM A 9 -1.43 7.67 13.30
HN41 5CM A 9 -3.70 10.41 9.28
HN42 5CM A 9 -4.62 9.58 10.51
H1' 5CM A 9 1.83 8.72 11.84
H2' 5CM A 9 0.22 8.33 14.41
H2'' 5CM A 9 1.53 9.47 14.11
H3' 5CM A 9 1.98 7.02 15.29
H4' 5CM A 9 3.02 6.10 12.86
H5' 5CM A 9 1.26 4.36 12.90
H5'' 5CM A 9 2.15 4.54 14.43
N1 5CM B 1 -3.58 15.98 7.37
C2 5CM B 1 -2.48 15.42 8.04
N3 5CM B 1 -2.68 14.61 9.09
C4 5CM B 1 -3.92 14.35 9.51
C5 5CM B 1 -5.07 14.90 8.84
C5A 5CM B 1 -6.29 14.52 9.25
C6 5CM B 1 -4.85 15.69 7.80
O2 5CM B 1 -1.33 15.69 7.63
N4 5CM B 1 -4.07 13.54 10.55
C1' 5CM B 1 -3.36 16.86 6.21
C2' 5CM B 1 -4.24 16.57 5.02
C3' 5CM B 1 -4.61 17.95 4.49
C4' 5CM B 1 -4.59 18.81 5.74
O4' 5CM B 1 -3.63 18.19 6.64
O3' 5CM B 1 -3.64 18.41 3.55
C5' 5CM B 1 -5.92 18.93 6.46
O5' 5CM B 1 -6.51 20.23 6.23
H5A1 5CM B 1 -7.05 15.03 8.64
H5A2 5CM B 1 -6.40 13.44 9.12
H5A3 5CM B 1 -6.43 14.78 10.29
H6 5CM B 1 -5.71 16.14 7.28
HN41 5CM B 1 -3.27 13.16 11.01
HN42 5CM B 1 -5.00 13.32 10.89
H1' 5CM B 1 -2.30 16.81 5.94
H2' 5CM B 1 -5.13 15.99 5.29
H2'' 5CM B 1 -3.69 15.99 4.26
H3' 5CM B 1 -5.60 17.95 4.03
H4' 5CM B 1 -4.30 19.82 5.42
H5' 5CM B 1 -6.59 18.16 6.10
H5'' 5CM B 1 -5.75 18.80 7.53
N1 5CM B 3 1.81 10.14 2.39
C2 5CM B 3 1.35 9.30 3.41
N3 5CM B 3 0.02 9.06 3.51
C4 5CM B 3 -0.83 9.62 2.65
C5 5CM B 3 -0.39 10.47 1.60
C5A 5CM B 3 -1.24 10.80 0.63
C6 5CM B 3 0.93 10.72 1.52
O2 5CM B 3 2.16 8.79 4.19
N4 5CM B 3 -2.12 9.34 2.78
C1' 5CM B 3 3.25 10.40 2.28
C2' 5CM B 3 3.82 10.24 0.88
C3' 5CM B 3 4.95 11.25 0.84
C4' 5CM B 3 4.47 12.36 1.78
O4' 5CM B 3 3.48 11.74 2.65
O3' 5CM B 3 6.17 10.69 1.32
C5' 5CM B 3 3.85 13.55 1.10
O5' 5CM B 3 2.81 13.12 0.21
P 5CM B 3 1.66 14.14 -0.24
OP1 5CM B 3 2.23 15.08 -1.23
OP2 5CM B 3 0.46 13.34 -0.58
H5A1 5CM B 3 -0.70 11.25 -0.21
H5A2 5CM B 3 -1.75 9.91 0.27
H5A3 5CM B 3 -1.97 11.51 1.01
H6 5CM B 3 1.30 11.38 0.74
HN41 5CM B 3 -2.44 8.73 3.53
HN42 5CM B 3 -2.80 9.74 2.15
H1' 5CM B 3 3.78 9.76 3.00
H2' 5CM B 3 3.08 10.43 0.11
H2'' 5CM B 3 4.20 9.22 0.73
H3' 5CM B 3 5.12 11.64 -0.16
H4' 5CM B 3 5.35 12.71 2.31
H5' 5CM B 3 3.44 14.22 1.85
H5'' 5CM B 3 4.61 14.08 0.53
P 0DC B 5 7.81 3.48 0.80
OP1 0DC B 5 9.13 3.53 1.51
OP2 0DC B 5 7.72 3.93 -0.60
O5' 0DC B 5 7.28 1.97 0.87
C5' 0DC B 5 6.27 1.51 -0.03
C4' 0DC B 5 5.31 0.60 0.69
O4' 0DC B 5 4.03 0.64 0.00
C3' 0DC B 5 5.01 0.98 2.14
O3' 0DC B 5 4.78 -0.19 2.93
C2' 0DC B 5 3.74 1.80 2.02
C1' 0DC B 5 3.02 1.17 0.85
N1 0DC B 5 2.21 2.10 0.05
C2 0DC B 5 0.83 2.14 0.24
O2 0DC B 5 0.32 1.39 1.09
N3 0DC B 5 0.08 3.00 -0.48
C4 0DC B 5 0.66 3.80 -1.38
N4 0DC B 5 -0.11 4.63 -2.07
C5 0DC B 5 2.07 3.79 -1.60
C6 0DC B 5 2.80 2.93 -0.87
H5' 0DC B 5 6.74 0.95 -0.85
H5'' 0DC B 5 5.73 2.35 -0.45
H4' 0DC B 5 5.75 -0.40 0.72
H3' 0DC B 5 5.83 1.55 2.56
H2' 0DC B 5 3.14 1.74 2.93
H2'' 0DC B 5 3.96 2.86 1.85
H1' 0DC B 5 2.38 0.35 1.17
H41 0DC B 5 0.29 5.26 -2.75
H42 0DC B 5 -1.11 4.63 -1.92
H5 0DC B 5 2.53 4.44 -2.33
H6 0DC B 5 3.88 2.88 -1.03
P 0DG B 6 5.54 -0.38 4.33
OP1 0DG B 6 4.58 -0.92 5.32
OP2 0DG B 6 6.26 0.89 4.64
O5' 0DG B 6 6.64 -1.49 4.03
C5' 0DG B 6 6.29 -2.69 3.32
C4' 0DG B 6 7.54 -3.39 2.84
O4' 0DG B 6 8.04 -2.69 1.66
C3' 0DG B 6 7.34 -4.84 2.41
O3' 0DG B 6 8.53 -5.60 2.68
C2' 0DG B 6 7.10 -4.72 0.91
C1' 0DG B 6 8.00 -3.56 0.54
N9 0DG B 6 7.57 -2.78 -0.61
C8 0DG B 6 8.36 -2.24 -1.59
N7 0DG B 6 7.69 -1.58 -2.49
C5 0DG B 6 6.37 -1.69 -2.09
C6 0DG B 6 5.18 -1.18 -2.67
O6 0DG B 6 5.05 -0.51 -3.70
N1 0DG B 6 4.05 -1.53 -1.93
C2 0DG B 6 4.07 -2.28 -0.79
N2 0DG B 6 2.88 -2.51 -0.22
N3 0DG B 6 5.16 -2.76 -0.23
C4 0DG B 6 6.27 -2.43 -0.93
H5' 0DG B 6 5.67 -2.44 2.47
H5'' 0DG B 6 5.74 -3.36 3.98
H4' 0DG B 6 8.25 -3.40 3.67
H3' 0DG B 6 6.49 -5.30 2.92
H2' 0DG B 6 7.35 -5.64 0.39
H2'' 0DG B 6 6.05 -4.50 0.70
H1' 0DG B 6 9.02 -3.91 0.35
H8 0DG B 6 9.43 -2.35 -1.61
H1 0DG B 6 3.17 -1.19 -2.27
H21 0DG B 6 2.83 -3.05 0.63
H22 0DG B 6 2.04 -2.14 -0.64
N1 5CM B 7 4.68 -7.13 -1.12
C2 5CM B 7 3.75 -6.29 -1.76
N3 5CM B 7 4.20 -5.35 -2.62
C4 5CM B 7 5.51 -5.21 -2.84
C5 5CM B 7 6.47 -6.05 -2.20
C5A 5CM B 7 7.77 -5.95 -2.54
C6 5CM B 7 6.01 -6.99 -1.35
O2 5CM B 7 2.54 -6.45 -1.54
N4 5CM B 7 5.91 -4.26 -3.68
C1' 5CM B 7 4.17 -8.16 -0.19
C2' 5CM B 7 4.59 -9.58 -0.53
C3' 5CM B 7 4.75 -10.23 0.84
C4' 5CM B 7 5.28 -9.07 1.68
O4' 5CM B 7 4.72 -7.87 1.10
O3' 5CM B 7 3.50 -10.68 1.35
C5' 5CM B 7 6.78 -8.94 1.73
O5' 5CM B 7 7.15 -7.69 2.32
P 5CM B 7 8.64 -7.13 2.18
OP1 5CM B 7 9.50 -7.86 3.15
OP2 5CM B 7 9.00 -7.12 0.74
H5A1 5CM B 7 8.37 -6.59 -1.90
H5A2 5CM B 7 8.09 -4.91 -2.43
H5A3 5CM B 7 7.90 -6.26 -3.59
H6 5CM B 7 6.72 -7.65 -0.85
HN41 5CM B 7 5.22 -3.67 -4.13
HN42 5CM B 7 6.88 -4.12 -3.87
H1' 5CM B 7 3.09 -8.07 -0.13
H2' 5CM B 7 5.51 -9.62 -1.11
H2'' 5CM B 7 3.82 -10.10 -1.12
H3' 5CM B 7 5.47 -11.05 0.80
H4' 5CM B 7 4.93 -9.25 2.70
H5' 5CM B 7 7.19 -9.76 2.32
H5'' 5CM B 7 7.17 -8.99 0.72
N1 5CM B 9 -2.69 -12.57 -5.07
C2 5CM B 9 -2.05 -11.98 -6.15
N3 5CM B 9 -0.76 -12.30 -6.43
C4 5CM B 9 -0.13 -13.20 -5.66
C5 5CM B 9 -0.76 -13.83 -4.56
C5A 5CM B 9 -0.11 -14.81 -3.90
C6 5CM B 9 -2.03 -13.49 -4.29
O2 5CM B 9 -2.67 -11.16 -6.84
N4 5CM B 9 1.13 -13.49 -5.98
C1' 5CM B 9 -4.08 -12.21 -4.76
C2' 5CM B 9 -4.99 -13.35 -4.38
C3' 5CM B 9 -6.05 -12.67 -3.52
C4' 5CM B 9 -5.34 -11.44 -2.96
O4' 5CM B 9 -4.07 -11.35 -3.65
O3' 5CM B 9 -7.16 -12.27 -4.33
C5' 5CM B 9 -5.07 -11.50 -1.47
O5' 5CM B 9 -4.70 -12.81 -1.09
P 5CM B 9 -3.55 -13.08 -0.03
OP1 5CM B 9 -4.16 -13.12 1.33
OP2 5CM B 9 -2.74 -14.23 -0.51
H5A1 5CM B 9 0.13 -15.61 -4.60
H5A2 5CM B 9 -0.75 -15.20 -3.11
H5A3 5CM B 9 0.82 -14.42 -3.47
H6 5CM B 9 -2.53 -13.95 -3.44
HN41 5CM B 9 1.58 -13.03 -6.76
HN42 5CM B 9 1.66 -14.15 -5.42
H1' 5CM B 9 -4.49 -11.66 -5.61
H2' 5CM B 9 -4.47 -14.13 -3.81
H2'' 5CM B 9 -5.44 -13.83 -5.25
H3' 5CM B 9 -6.41 -13.32 -2.72
H4' 5CM B 9 -5.99 -10.58 -3.15
H5' 5CM B 9 -4.26 -10.80 -1.23
H5'' 5CM B 9 -5.96 -11.19 -0.94
N1 5CM A 1 3.87 -13.01 -12.39
C2 5CM A 1 2.55 -13.34 -12.06
N3 5CM A 1 2.30 -13.85 -10.83
C4 5CM A 1 3.28 -14.04 -9.96
C5 5CM A 1 4.64 -13.71 -10.28
C5A 5CM A 1 5.61 -14.04 -9.42
C6 5CM A 1 4.88 -13.21 -11.50
O2 5CM A 1 1.65 -13.14 -12.88
N4 5CM A 1 2.98 -14.54 -8.77
C1' 5CM A 1 4.14 -12.46 -13.73
C2' 5CM A 1 5.21 -11.39 -13.79
C3' 5CM A 1 5.82 -11.59 -15.17
C4' 5CM A 1 5.67 -13.08 -15.42
O4' 5CM A 1 4.59 -13.52 -14.56
O3' 5CM A 1 5.11 -10.83 -16.15
C5' 5CM A 1 6.89 -13.92 -15.13
O5' 5CM A 1 7.84 -13.82 -16.19
H5A1 5CM A 1 6.58 -13.77 -9.84
H5A2 5CM A 1 5.48 -13.51 -8.48
H5A3 5CM A 1 5.59 -15.12 -9.23
H6 5CM A 1 5.90 -12.95 -11.77
HN41 5CM A 1 2.02 -14.77 -8.55
HN42 5CM A 1 3.71 -14.71 -8.08
H1' 5CM A 1 3.20 -12.09 -14.15
H2' 5CM A 1 5.96 -11.50 -13.00
H2'' 5CM A 1 4.78 -10.39 -13.69
H3' 5CM A 1 6.88 -11.29 -15.19
H4' 5CM A 1 5.44 -13.20 -16.48
H5' 5CM A 1 7.35 -13.56 -14.19
H5'' 5CM A 1 6.59 -14.96 -14.99
N1 5CM A 3 0.26 -5.02 -9.54
C2 5CM A 3 0.07 -5.86 -8.43
N3 5CM A 3 1.12 -6.57 -7.96
C4 5CM A 3 2.32 -6.47 -8.55
C5 5CM A 3 2.53 -5.63 -9.67
C5A 5CM A 3 3.80 -5.38 -10.07
C6 5CM A 3 1.48 -4.92 -10.14
O2 5CM A 3 -1.05 -5.92 -7.91
N4 5CM A 3 3.32 -7.20 -8.05
C1' 5CM A 3 -0.89 -4.26 -10.05
C2' 5CM A 3 -0.58 -2.81 -10.41
C3' 5CM A 3 -1.53 -2.54 -11.56
C4' 5CM A 3 -1.67 -3.89 -12.25
O4' 5CM A 3 -1.34 -4.88 -11.24
O3' 5CM A 3 -2.81 -2.10 -11.09
C5' 5CM A 3 -0.77 -4.10 -13.44
O5' 5CM A 3 0.54 -3.62 -13.16
P 5CM A 3 1.78 -4.04 -14.09
OP1 5CM A 3 1.70 -3.26 -15.35
OP2 5CM A 3 3.01 -3.97 -13.26
H5A1 5CM A 3 3.79 -4.68 -10.90
H5A2 5CM A 3 4.35 -4.95 -9.24
H5A3 5CM A 3 4.26 -6.31 -10.38
H6 5CM A 3 1.61 -4.28 -11.01
HN41 5CM A 3 3.15 -7.79 -7.25
HN42 5CM A 3 4.24 -7.15 -8.46
H1' 5CM A 3 -1.70 -4.31 -9.32
H2' 5CM A 3 0.45 -2.67 -10.71
H2'' 5CM A 3 -0.78 -2.14 -9.57
H3' 5CM A 3 -1.13 -1.78 -12.25
H4' 5CM A 3 -2.70 -3.96 -12.59
H5' 5CM A 3 -0.73 -5.16 -13.68
H5'' 5CM A 3 -1.18 -3.56 -14.30
P 0DC A 5 -5.91 0.72 -5.10
OP1 0DC A 5 -7.35 0.57 -5.35
OP2 0DC A 5 -5.17 1.86 -5.69
O5' 0DC A 5 -5.68 0.76 -3.51
C5' 0DC A 5 -4.47 1.28 -2.95
C4' 0DC A 5 -4.07 0.47 -1.74
O4' 0DC A 5 -2.66 0.68 -1.49
C3' 0DC A 5 -4.24 -1.05 -1.90
O3' 0DC A 5 -4.57 -1.63 -0.64
C2' 0DC A 5 -2.87 -1.51 -2.36
C1' 0DC A 5 -1.93 -0.53 -1.65
N1 0DC A 5 -0.70 -0.24 -2.39
C2 0DC A 5 0.49 -0.87 -2.02
O2 0DC A 5 0.47 -1.68 -1.08
N3 0DC A 5 1.63 -0.60 -2.70
C4 0DC A 5 1.60 0.27 -3.71
N4 0DC A 5 2.74 0.51 -4.35
C5 0DC A 5 0.41 0.94 -4.11
C6 0DC A 5 -0.71 0.66 -3.42
H5' 0DC A 5 -4.62 2.32 -2.65
H5'' 0DC A 5 -3.67 1.24 -3.69
H4' 0DC A 5 -4.71 0.77 -0.91
H3' 0DC A 5 -5.01 -1.28 -2.63
H2' 0DC A 5 -2.68 -2.54 -2.05
H2'' 0DC A 5 -2.77 -1.45 -3.44
H1' 0DC A 5 -1.66 -0.90 -0.65
H41 0DC A 5 2.76 1.17 -5.12
H42 0DC A 5 3.58 0.04 -4.07
H5 0DC A 5 0.40 1.65 -4.94
H6 0DC A 5 -1.65 1.16 -3.69
P 0DG A 6 -5.96 -2.43 -0.47
OP1 0DG A 6 -5.78 -3.45 0.60
OP2 0DG A 6 -6.41 -2.86 -1.82
O5' 0DG A 6 -6.98 -1.33 0.07
C5' 0DG A 6 -6.67 -0.55 1.23
C4' 0DG A 6 -7.83 0.37 1.55
O4' 0DG A 6 -7.84 1.45 0.59
C3' 0DG A 6 -7.78 1.04 2.92
O3' 0DG A 6 -9.10 1.29 3.39
C2' 0DG A 6 -7.03 2.34 2.62
C1' 0DG A 6 -7.52 2.68 1.23
N9 0DG A 6 -6.53 3.36 0.39
C8 0DG A 6 -6.77 4.31 -0.57
N7 0DG A 6 -5.70 4.75 -1.15
C5 0DG A 6 -4.67 4.04 -0.54
C6 0DG A 6 -3.27 4.08 -0.76
O6 0DG A 6 -2.63 4.76 -1.57
N1 0DG A 6 -2.60 3.19 0.07
C2 0DG A 6 -3.19 2.38 1.00
N2 0DG A 6 -2.38 1.60 1.72
N3 0DG A 6 -4.49 2.33 1.22
C4 0DG A 6 -5.17 3.19 0.41
H5' 0DG A 6 -5.78 0.04 1.05
H5'' 0DG A 6 -6.50 -1.21 2.08
H4' 0DG A 6 -8.74 -0.22 1.53
H3' 0DG A 6 -7.24 0.42 3.63
H2' 0DG A 6 -7.27 3.11 3.35
H2'' 0DG A 6 -5.95 2.18 2.66
H1' 0DG A 6 -8.42 3.29 1.26
H8 0DG A 6 -7.76 4.67 -0.82
H1 0DG A 6 -1.59 3.14 -0.01
H21 0DG A 6 -2.76 0.99 2.42
H22 0DG A 6 -1.38 1.62 1.56
N1 5CM A 7 -4.63 4.64 5.25
C2 5CM A 7 -3.32 4.72 4.76
N3 5CM A 7 -3.09 5.37 3.60
C4 5CM A 7 -4.11 5.94 2.94
C5 5CM A 7 -5.46 5.87 3.41
C5A 5CM A 7 -6.45 6.27 2.62
C6 5CM A 7 -5.67 5.21 4.57
O2 5CM A 7 -2.40 4.18 5.40
N4 5CM A 7 -3.83 6.58 1.81
C1' 5CM A 7 -4.86 3.94 6.52
C2' 5CM A 7 -5.62 4.74 7.56
C3' 5CM A 7 -6.24 3.64 8.41
C4' 5CM A 7 -6.55 2.55 7.38
O4' 5CM A 7 -5.69 2.81 6.25
O3' 5CM A 7 -5.31 3.16 9.38
C5' 5CM A 7 -7.99 2.52 6.93
O5' 5CM A 7 -8.08 1.93 5.62
P 5CM A 7 -9.34 2.23 4.68
OP1 5CM A 7 -10.56 1.75 5.38
OP2 5CM A 7 -9.26 3.64 4.22
H5A1 5CM A 7 -6.32 5.85 1.62
H5A2 5CM A 7 -7.40 5.94 3.03
H5A3 5CM A 7 -6.45 7.36 2.55
H6 5CM A 7 -6.68 5.14 4.96
HN41 5CM A 7 -2.89 6.64 1.47
HN42 5CM A 7 -4.57 7.03 1.28
H1' 5CM A 7 -3.92 3.58 6.91
H2' 5CM A 7 -6.37 5.39 7.13
H2'' 5CM A 7 -4.95 5.36 8.17
H3' 5CM A 7 -7.15 3.98 8.91
H4' 5CM A 7 -6.34 1.59 7.88
H5' 5CM A 7 -8.58 1.92 7.62
H5'' 5CM A 7 -8.38 3.54 6.90
N1 5CM A 9 -0.39 9.12 12.02
C2 5CM A 9 -0.28 9.75 10.78
N3 5CM A 9 -1.40 9.99 10.07
C4 5CM A 9 -2.60 9.62 10.55
C5 5CM A 9 -2.73 8.98 11.81
C5A 5CM A 9 -3.96 8.76 12.30
C6 5CM A 9 -1.61 8.75 12.52
O2 5CM A 9 0.84 10.06 10.37
N4 5CM A 9 -3.67 9.88 9.80
C1' 5CM A 9 0.84 8.86 12.79
C2' 5CM A 9 0.90 9.55 14.16
C3' 5CM A 9 1.43 8.50 15.11
C4' 5CM A 9 1.73 7.29 14.23
O4' 5CM A 9 0.92 7.48 13.05
O3' 5CM A 9 2.63 8.95 15.76
C5' 5CM A 9 1.42 5.94 14.83
O5' 5CM A 9 0.08 5.93 15.33
P 5CM A 9 -0.75 4.57 15.42
OP1 5CM A 9 0.02 3.61 16.25
OP2 5CM A 9 -2.15 4.90 15.81
H5A1 5CM A 9 -4.48 9.70 12.46
H5A2 5CM A 9 -4.51 8.14 11.59
H5A3 5CM A 9 -3.87 8.23 13.25
H6 5CM A 9 -1.67 8.27 13.49
HN41 5CM A 9 -3.57 10.33 8.91
HN42 5CM A 9 -4.59 9.63 10.14
H1' 5CM A 9 1.71 9.14 12.18
H2' 5CM A 9 -0.07 9.93 14.47
H2'' 5CM A 9 1.58 10.40 14.09
H3' 5CM A 9 0.70 8.24 15.89
H4' 5CM A 9 2.80 7.31 14.02
H5' 5CM A 9 1.54 5.18 14.08
H5'' 5CM A 9 2.11 5.75 15.66
N1 5CM B 1 -3.60 16.32 5.82
C2 5CM B 1 -2.69 15.92 6.81
N3 5CM B 1 -3.10 15.02 7.74
C4 5CM B 1 -4.34 14.52 7.71
C5 5CM B 1 -5.27 14.92 6.71
C5A 5CM B 1 -6.54 14.51 6.82
C6 5CM B 1 -4.87 15.80 5.79
O2 5CM B 1 -1.56 16.40 6.81
N4 5CM B 1 -4.68 13.64 8.65
C1' 5CM B 1 -3.17 17.30 4.81
C2' 5CM B 1 -3.55 16.97 3.38
C3' 5CM B 1 -3.74 18.33 2.75
C4' 5CM B 1 -4.24 19.19 3.91
O4' 5CM B 1 -3.79 18.54 5.12
O3' 5CM B 1 -2.49 18.83 2.25
C5' 5CM B 1 -5.73 19.36 3.98
O5' 5CM B 1 -6.10 20.75 3.93
H5A1 5CM B 1 -7.12 14.87 5.97
H5A2 5CM B 1 -6.58 13.42 6.82
H5A3 5CM B 1 -6.97 14.88 7.74
H6 5CM B 1 -5.56 16.13 5.02
HN41 5CM B 1 -4.01 13.36 9.35
HN42 5CM B 1 -5.60 13.25 8.65
H1' 5CM B 1 -2.08 17.44 4.90
H2' 5CM B 1 -4.47 16.38 3.33
H2'' 5CM B 1 -2.77 16.39 2.88
H3' 5CM B 1 -4.46 18.31 1.93
H4' 5CM B 1 -3.81 20.19 3.77
H5' 5CM B 1 -6.19 18.84 3.14
H5'' 5CM B 1 -6.09 18.92 4.92
N1 5CM B 3 2.21 9.86 3.18
C2 5CM B 3 1.71 9.21 4.31
N3 5CM B 3 0.38 9.23 4.55
C4 5CM B 3 -0.44 9.84 3.70
C5 5CM B 3 0.04 10.50 2.53
C5A 5CM B 3 -0.85 10.85 1.57
C6 5CM B 3 1.36 10.49 2.31
O2 5CM B 3 2.51 8.65 5.08
N4 5CM B 3 -1.74 9.83 3.98
C1' 5CM B 3 3.66 9.83 2.93
C2' 5CM B 3 4.07 9.69 1.47
C3' 5CM B 3 5.37 10.47 1.41
C4' 5CM B 3 5.15 11.59 2.43
O4' 5CM B 3 4.20 11.07 3.39
O3' 5CM B 3 6.47 9.64 1.79
C5' 5CM B 3 4.62 12.89 1.86
O5' 5CM B 3 3.74 12.62 0.77
P 5CM B 3 2.85 13.77 0.13
OP1 5CM B 3 3.71 14.57 -0.79
OP2 5CM B 3 1.61 13.15 -0.41
H5A1 5CM B 3 -0.32 11.24 0.71
H5A2 5CM B 3 -1.44 9.97 1.29
H5A3 5CM B 3 -1.50 11.62 1.97
H6 5CM B 3 1.76 11.00 1.43
HN41 5CM B 3 -2.08 9.36 4.81
HN42 5CM B 3 -2.40 10.28 3.37
H1' 5CM B 3 4.10 9.03 3.52
H2' 5CM B 3 3.32 10.12 0.79
H2'' 5CM B 3 4.22 8.66 1.19
H3' 5CM B 3 5.56 10.88 0.42
H4' 5CM B 3 6.13 11.80 2.87
H5' 5CM B 3 4.08 13.42 2.64
H5'' 5CM B 3 5.46 13.50 1.53
P 0DC B 5 8.14 2.64 0.77
OP1 0DC B 5 9.53 2.44 1.25
OP2 0DC B 5 7.92 3.18 -0.59
O5' 0DC B 5 7.36 1.27 0.90
C5' 0DC B 5 6.29 0.93 0.00
C4' 0DC B 5 5.25 0.12 0.73
O4' 0DC B 5 3.98 0.27 0.03
C3' 0DC B 5 4.97 0.55 2.17
O3' 0DC B 5 4.64 -0.58 2.97
C2' 0DC B 5 3.78 1.48 2.04
C1' 0DC B 5 3.01 0.88 0.87
N1 0DC B 5 2.27 1.87 0.08
C2 0DC B 5 0.89 1.99 0.26
O2 0DC B 5 0.33 1.26 1.09
N3 0DC B 5 0.20 2.91 -0.46
C4 0DC B 5 0.85 3.68 -1.35
N4 0DC B 5 0.13 4.56 -2.03
C5 0DC B 5 2.25 3.57 -1.56
C6 0DC B 5 2.92 2.67 -0.83
H5' 0DC B 5 6.68 0.36 -0.83
H5'' 0DC B 5 5.84 1.86 -0.37
H4' 0DC B 5 5.59 -0.91 0.77
H3' 0DC B 5 5.84 1.05 2.60
H2' 0DC B 5 3.17 1.47 2.96
H2'' 0DC B 5 4.09 2.50 1.86
H1' 0DC B 5 2.32 0.11 1.20
H41 0DC B 5 0.59 5.16 -2.70
H42 0DC B 5 -0.86 4.63 -1.89
H5 0DC B 5 2.77 4.21 -2.29
H6 0DC B 5 3.99 2.56 -0.97
P 0DG B 6 5.55 -0.96 4.26
OP1 0DG B 6 4.68 -1.66 5.23
OP2 0DG B 6 6.28 0.27 4.66
O5' 0DG B 6 6.61 -2.00 3.69
C5' 0DG B 6 6.18 -3.25 3.13
C4' 0DG B 6 7.38 -4.08 2.75
O4' 0DG B 6 8.02 -3.46 1.59
C3' 0DG B 6 7.06 -5.51 2.30
O3' 0DG B 6 8.17 -6.37 2.58
C2' 0DG B 6 6.86 -5.36 0.80
C1' 0DG B 6 7.87 -4.28 0.44
N9 0DG B 6 7.46 -3.42 -0.66
C8 0DG B 6 8.27 -2.89 -1.64
N7 0DG B 6 7.62 -2.16 -2.49
C5 0DG B 6 6.31 -2.19 -2.06
C6 0DG B 6 5.14 -1.59 -2.59
O6 0DG B 6 5.03 -0.85 -3.59
N1 0DG B 6 4.01 -1.89 -1.83
C2 0DG B 6 4.00 -2.68 -0.71
N2 0DG B 6 2.82 -2.86 -0.13
N3 0DG B 6 5.08 -3.26 -0.21
C4 0DG B 6 6.19 -2.97 -0.93
H5' 0DG B 6 5.56 -3.08 2.26
H5'' 0DG B 6 5.60 -3.80 3.87
H4' 0DG B 6 8.03 -4.16 3.61
H3' 0DG B 6 6.17 -5.89 2.80
H2' 0DG B 6 7.05 -6.30 0.28
H2'' 0DG B 6 5.83 -5.06 0.57
H1' 0DG B 6 8.83 -4.72 0.21
H8 0DG B 6 9.33 -3.07 -1.69
H1 0DG B 6 3.13 -1.48 -2.14
H21 0DG B 6 2.75 -3.43 0.70
H22 0DG B 6 1.99 -2.41 -0.50
N1 5CM B 7 4.29 -7.49 -1.28
C2 5CM B 7 3.37 -6.60 -1.87
N3 5CM B 7 3.82 -5.63 -2.69
C4 5CM B 7 5.13 -5.51 -2.93
C5 5CM B 7 6.08 -6.40 -2.34
C5A 5CM B 7 7.36 -6.35 -2.77
C6 5CM B 7 5.62 -7.36 -1.53
O2 5CM B 7 2.17 -6.74 -1.62
N4 5CM B 7 5.52 -4.52 -3.73
C1' 5CM B 7 3.78 -8.55 -0.39
C2' 5CM B 7 4.18 -9.96 -0.79
C3' 5CM B 7 4.19 -10.67 0.55
C4' 5CM B 7 4.69 -9.59 1.51
O4' 5CM B 7 4.33 -8.33 0.90
O3' 5CM B 7 2.87 -11.09 0.91
C5' 5CM B 7 6.18 -9.61 1.77
O5' 5CM B 7 6.62 -8.34 2.23
P 5CM B 7 8.15 -7.91 2.10
OP1 5CM B 7 8.94 -8.71 3.08
OP2 5CM B 7 8.52 -7.94 0.67
H5A1 5CM B 7 7.72 -5.33 -2.72
H5A2 5CM B 7 7.42 -6.72 -3.80
H5A3 5CM B 7 7.98 -6.98 -2.13
H6 5CM B 7 6.33 -8.05 -1.08
HN41 5CM B 7 4.84 -3.91 -4.14
HN42 5CM B 7 6.50 -4.41 -3.94
H1' 5CM B 7 2.69 -8.45 -0.32
H2' 5CM B 7 5.16 -9.99 -1.26
H2'' 5CM B 7 3.47 -10.41 -1.48
H3' 5CM B 7 4.85 -11.53 0.55
H4' 5CM B 7 4.19 -9.77 2.46
H5' 5CM B 7 6.40 -10.37 2.51
H5'' 5CM B 7 6.69 -9.86 0.84
N1 5CM B 9 -2.17 -13.32 -5.43
C2 5CM B 9 -1.60 -12.58 -6.47
N3 5CM B 9 -0.24 -12.53 -6.57
C4 5CM B 9 0.52 -13.18 -5.68
C5 5CM B 9 -0.06 -13.95 -4.63
C5A 5CM B 9 0.75 -14.72 -3.87
C6 5CM B 9 -1.39 -14.00 -4.54
O2 5CM B 9 -2.33 -11.98 -7.26
N4 5CM B 9 1.83 -13.11 -5.82
C1' 5CM B 9 -3.64 -13.38 -5.34
C2' 5CM B 9 -4.23 -14.73 -5.01
C3' 5CM B 9 -5.55 -14.38 -4.34
C4' 5CM B 9 -5.33 -12.97 -3.78
O4' 5CM B 9 -4.04 -12.53 -4.27
O3' 5CM B 9 -6.61 -14.37 -5.31
C5' 5CM B 9 -5.32 -12.89 -2.27
O5' 5CM B 9 -4.59 -13.99 -1.72
P 5CM B 9 -4.00 -13.92 -0.24
OP1 5CM B 9 -5.13 -13.74 0.70
OP2 5CM B 9 -3.08 -15.07 -0.07
H5A1 5CM B 9 0.17 -15.20 -3.09
H5A2 5CM B 9 1.53 -14.10 -3.42
H5A3 5CM B 9 1.22 -15.49 -4.49
H6 5CM B 9 -1.85 -14.56 -3.73
HN41 5CM B 9 2.23 -12.56 -6.58
HN42 5CM B 9 2.44 -13.59 -5.18
H1' 5CM B 9 -4.08 -12.97 -6.26
H2' 5CM B 9 -3.58 -15.30 -4.34
H2'' 5CM B 9 -4.38 -15.33 -5.90
H3' 5CM B 9 -5.80 -15.08 -3.54
H4' 5CM B 9 -6.16 -12.36 -4.14
H5' 5CM B 9 -4.84 -11.95 -1.97
H5'' 5CM B 9 -6.35 -12.89 -1.91
N1 5CM A 1 3.68 -13.36 -12.79
C2 5CM A 1 2.33 -13.22 -12.44
N3 5CM A 1 1.89 -13.78 -11.28
C4 5CM A 1 2.75 -14.44 -10.50
C5 5CM A 1 4.12 -14.58 -10.83
C5A 5CM A 1 4.89 -15.39 -10.09
C6 5CM A 1 4.55 -14.03 -11.98
O2 5CM A 1 1.57 -12.61 -13.20
N4 5CM A 1 2.27 -14.96 -9.37
C1' 5CM A 1 4.15 -12.76 -14.06
C2' 5CM A 1 5.44 -11.98 -13.94
C3' 5CM A 1 6.14 -12.25 -15.27
C4' 5CM A 1 5.66 -13.65 -15.63
O4' 5CM A 1 4.38 -13.82 -14.98
O3' 5CM A 1 5.72 -11.30 -16.26
C5' 5CM A 1 6.58 -14.77 -15.21
O5' 5CM A 1 7.47 -15.12 -16.26
H5A1 5CM A 1 5.92 -15.37 -10.47
H5A2 5CM A 1 4.88 -15.07 -9.05
H5A3 5CM A 1 4.50 -16.41 -10.15
H6 5CM A 1 5.59 -14.13 -12.27
HN41 5CM A 1 1.29 -14.85 -9.13
HN42 5CM A 1 2.88 -15.47 -8.74
H1' 5CM A 1 3.34 -12.14 -14.47
H2' 5CM A 1 6.05 -12.30 -13.11
H2'' 5CM A 1 5.25 -10.92 -13.81
H3' 5CM A 1 7.22 -12.21 -15.18
H4' 5CM A 1 5.58 -13.68 -16.73
H5' 5CM A 1 7.14 -14.45 -14.34
H5'' 5CM A 1 5.97 -15.64 -14.94
N1 5CM A 3 1.60 -5.34 -9.04
C2 5CM A 3 1.15 -6.14 -7.98
N3 5CM A 3 2.01 -7.00 -7.39
C4 5CM A 3 3.28 -7.07 -7.82
C5 5CM A 3 3.76 -6.28 -8.91
C5A 5CM A 3 5.07 -6.27 -9.19
C6 5CM A 3 2.88 -5.44 -9.48
O2 5CM A 3 -0.02 -6.03 -7.60
N4 5CM A 3 4.09 -7.94 -7.21
C1' 5CM A 3 0.65 -4.41 -9.68
C2' 5CM A 3 1.17 -2.99 -9.83
C3' 5CM A 3 0.42 -2.50 -11.05
C4' 5CM A 3 0.23 -3.76 -11.90
O4' 5CM A 3 0.39 -4.88 -10.98
O3' 5CM A 3 -0.86 -1.96 -10.69
C5' 5CM A 3 1.23 -3.91 -13.03
O5' 5CM A 3 2.57 -3.87 -12.53
P 5CM A 3 3.75 -4.56 -13.33
OP1 5CM A 3 4.04 -3.73 -14.53
OP2 5CM A 3 4.85 -4.85 -12.37
H5A1 5CM A 3 5.62 -5.93 -8.31
H5A2 5CM A 3 5.39 -7.28 -9.45
H5A3 5CM A 3 5.26 -5.59 -10.01
H6 5CM A 3 3.22 -4.81 -10.31
HN41 5CM A 3 3.74 -8.49 -6.44
HN42 5CM A 3 5.05 -8.03 -7.51
H1' 5CM A 3 -0.28 -4.42 -9.12
H2' 5CM A 3 2.24 -2.95 -9.99
H2'' 5CM A 3 0.95 -2.37 -8.96
H3' 5CM A 3 0.97 -1.74 -11.60
H4' 5CM A 3 -0.76 -3.70 -12.34
H5' 5CM A 3 1.05 -4.87 -13.53
H5'' 5CM A 3 1.08 -3.10 -13.75
P 0DC A 5 -5.61 0.81 -5.13
OP1 0DC A 5 -7.04 0.59 -5.47
OP2 0DC A 5 -4.94 2.05 -5.58
O5' 0DC A 5 -5.45 0.71 -3.55
C5' 0DC A 5 -4.32 1.29 -2.89
C4' 0DC A 5 -3.92 0.45 -1.70
O4' 0DC A 5 -2.51 0.65 -1.44
C3' 0DC A 5 -4.10 -1.06 -1.89
O3' 0DC A 5 -4.49 -1.67 -0.65
C2' 0DC A 5 -2.72 -1.53 -2.31
C1' 0DC A 5 -1.79 -0.57 -1.59
N1 0DC A 5 -0.55 -0.27 -2.32
C2 0DC A 5 0.60 -1.01 -2.03
O2 0DC A 5 0.54 -1.89 -1.17
N3 0DC A 5 1.75 -0.74 -2.70
C4 0DC A 5 1.77 0.22 -3.62
N4 0DC A 5 2.92 0.47 -4.25
C5 0DC A 5 0.61 0.99 -3.94
C6 0DC A 5 -0.51 0.72 -3.28
H5' 0DC A 5 -4.58 2.30 -2.54
H5'' 0DC A 5 -3.48 1.37 -3.58
H4' 0DC A 5 -4.55 0.74 -0.86
H3' 0DC A 5 -4.85 -1.26 -2.65
H2' 0DC A 5 -2.55 -2.56 -1.99
H2'' 0DC A 5 -2.61 -1.49 -3.39
H1' 0DC A 5 -1.53 -0.94 -0.60
H41 0DC A 5 2.98 1.18 -4.95
H42 0DC A 5 3.74 -0.09 -4.02
H5 0DC A 5 0.64 1.77 -4.71
H6 0DC A 5 -1.42 1.28 -3.50
P 0DG A 6 -5.89 -2.45 -0.56
OP1 0DG A 6 -5.68 -3.68 0.24
OP2 0DG A 6 -6.47 -2.55 -1.92
O5' 0DG A 6 -6.82 -1.47 0.29
C5' 0DG A 6 -6.31 -0.79 1.44
C4' 0DG A 6 -7.38 0.08 2.06
O4' 0DG A 6 -7.54 1.27 1.25
C3' 0DG A 6 -7.07 0.57 3.47
O3' 0DG A 6 -8.28 0.78 4.21
C2' 0DG A 6 -6.36 1.89 3.21
C1' 0DG A 6 -7.00 2.41 1.92
N9 0DG A 6 -6.07 3.05 1.01
C8 0DG A 6 -6.36 4.00 0.05
N7 0DG A 6 -5.32 4.39 -0.63
C5 0DG A 6 -4.26 3.66 -0.08
C6 0DG A 6 -2.88 3.67 -0.42
O6 0DG A 6 -2.30 4.33 -1.28
N1 0DG A 6 -2.17 2.78 0.38
C2 0DG A 6 -2.70 1.99 1.37
N2 0DG A 6 -1.85 1.21 2.03
N3 0DG A 6 -3.99 1.98 1.69
C4 0DG A 6 -4.71 2.83 0.92
H5' 0DG A 6 -5.46 -0.16 1.15
H5'' 0DG A 6 -5.97 -1.52 2.19
H4' 0DG A 6 -8.29 -0.52 2.14
H3' 0DG A 6 -6.44 -0.14 4.00
H2' 0DG A 6 -6.53 2.60 4.03
H2'' 0DG A 6 -5.29 1.76 3.11
H1' 0DG A 6 -7.82 3.10 2.13
H8 0DG A 6 -7.36 4.37 -0.11
H1 0DG A 6 -1.17 2.71 0.22
H21 0DG A 6 -2.19 0.62 2.77
H22 0DG A 6 -0.87 1.20 1.79
N1 5CM A 7 -3.52 3.54 6.11
C2 5CM A 7 -2.35 3.65 5.36
N3 5CM A 7 -2.37 4.28 4.16
C4 5CM A 7 -3.52 4.79 3.71
C5 5CM A 7 -4.73 4.71 4.45
C5A 5CM A 7 -5.81 5.40 4.03
C6 5CM A 7 -4.69 4.08 5.63
O2 5CM A 7 -1.30 3.16 5.80
N4 5CM A 7 -3.50 5.40 2.52
C1' 5CM A 7 -3.46 2.85 7.40
C2' 5CM A 7 -4.62 3.15 8.37
C3' 5CM A 7 -5.39 1.84 8.50
C4' 5CM A 7 -4.83 0.96 7.40
O4' 5CM A 7 -3.50 1.45 7.15
O3' 5CM A 7 -5.15 1.24 9.78
C5' 5CM A 7 -5.61 0.95 6.10
O5' 5CM A 7 -6.92 0.43 6.32
P 5CM A 7 -8.21 1.18 5.77
OP1 5CM A 7 -9.41 0.61 6.44
OP2 5CM A 7 -7.96 2.64 5.83
H5A1 5CM A 7 -5.62 6.46 4.14
H5A2 5CM A 7 -6.01 5.17 2.99
H5A3 5CM A 7 -6.67 5.12 4.64
H6 5CM A 7 -5.60 3.98 6.21
HN41 5CM A 7 -2.64 5.45 1.99
HN42 5CM A 7 -4.34 5.80 2.13
H1' 5CM A 7 -2.51 3.06 7.87
H2' 5CM A 7 -5.26 3.95 8.00
H2'' 5CM A 7 -4.19 3.46 9.32
H3' 5CM A 7 -6.46 1.99 8.38
H4' 5CM A 7 -4.84 -0.07 7.79
H5' 5CM A 7 -5.68 1.97 5.73
H5'' 5CM A 7 -5.08 0.34 5.38
N1 5CM A 9 -0.75 9.83 12.05
C2 5CM A 9 -0.74 10.59 10.88
N3 5CM A 9 -1.90 10.79 10.20
C4 5CM A 9 -3.04 10.27 10.67
C5 5CM A 9 -3.07 9.48 11.86
C5A 5CM A 9 -4.21 8.84 12.17
C6 5CM A 9 -1.92 9.29 12.51
O2 5CM A 9 0.33 11.07 10.49
N4 5CM A 9 -4.15 10.49 9.97
C1' 5CM A 9 0.51 9.61 12.78
C2' 5CM A 9 0.46 9.88 14.26
C3' 5CM A 9 1.60 9.03 14.78
C4' 5CM A 9 1.69 7.87 13.78
O4' 5CM A 9 0.85 8.25 12.66
O3' 5CM A 9 2.82 9.77 14.78
C5' 5CM A 9 1.22 6.54 14.30
O5' 5CM A 9 -0.11 6.64 14.82
P 5CM A 9 -1.10 5.41 14.79
OP1 5CM A 9 -0.56 4.36 15.70
OP2 5CM A 9 -2.48 5.91 15.01
H5A1 5CM A 9 -4.49 8.17 11.36
H5A2 5CM A 9 -4.06 8.26 13.09
H5A3 5CM A 9 -5.01 9.56 12.33
H6 5CM A 9 -1.92 8.69 13.42
HN41 5CM A 9 -4.12 11.05 9.12
HN42 5CM A 9 -5.03 10.11 10.28
H1' 5CM A 9 1.29 10.20 12.29
H2' 5CM A 9 -0.49 9.58 14.70
H2'' 5CM A 9 0.61 10.93 14.50
H3' 5CM A 9 1.41 8.66 15.78
H4' 5CM A 9 2.74 7.77 13.51
H5' 5CM A 9 1.24 5.81 13.48
H5'' 5CM A 9 1.90 6.20 15.09
N1 5CM B 1 -4.28 16.40 6.50
C2 5CM B 1 -3.24 16.07 7.37
N3 5CM B 1 -3.48 15.26 8.42
C4 5CM B 1 -4.71 14.77 8.61
C5 5CM B 1 -5.79 15.09 7.74
C5A 5CM B 1 -7.04 14.72 8.07
C6 5CM B 1 -5.53 15.90 6.71
O2 5CM B 1 -2.10 16.53 7.16
N4 5CM B 1 -4.91 13.98 9.66
C1' 5CM B 1 -4.00 17.30 5.36
C2' 5CM B 1 -4.58 16.83 4.04
C3' 5CM B 1 -5.01 18.13 3.37
C4' 5CM B 1 -5.38 19.02 4.54
O4' 5CM B 1 -4.58 18.57 5.66
O3' 5CM B 1 -3.93 18.70 2.63
C5' 5CM B 1 -6.84 18.98 4.94
O5' 5CM B 1 -7.01 19.45 6.29
H5A1 5CM B 1 -7.30 15.16 9.04
H5A2 5CM B 1 -7.74 15.07 7.31
H5A3 5CM B 1 -7.09 13.64 8.14
H6 5CM B 1 -6.34 16.17 6.02
HN41 5CM B 1 -4.14 13.76 10.28
HN42 5CM B 1 -5.83 13.59 9.85
H1' 5CM B 1 -2.91 17.43 5.29
H2' 5CM B 1 -5.42 16.15 4.17
H2'' 5CM B 1 -3.83 16.32 3.44
H3' 5CM B 1 -5.86 17.98 2.71
H4' 5CM B 1 -5.15 20.04 4.25
H5' 5CM B 1 -7.41 19.60 4.26
H5'' 5CM B 1 -7.20 17.95 4.88
N1 5CM B 3 1.23 10.10 2.31
C2 5CM B 3 0.80 9.36 3.41
N3 5CM B 3 -0.52 9.35 3.73
C4 5CM B 3 -1.38 10.04 2.98
C5 5CM B 3 -0.97 10.81 1.85
C5A 5CM B 3 -1.90 11.29 1.01
C6 5CM B 3 0.34 10.81 1.56
O2 5CM B 3 1.63 8.72 4.07
N4 5CM B 3 -2.67 10.01 3.33
C1' 5CM B 3 2.67 10.11 1.97
C2' 5CM B 3 2.97 9.97 0.50
C3' 5CM B 3 4.28 10.72 0.34
C4' 5CM B 3 4.21 11.79 1.43
O4' 5CM B 3 3.21 11.35 2.38
O3' 5CM B 3 5.40 9.84 0.59
C5' 5CM B 3 3.84 13.18 0.93
O5' 5CM B 3 2.57 13.14 0.27
P 5CM B 3 1.86 14.48 -0.22
OP1 5CM B 3 2.87 15.34 -0.86
OP2 5CM B 3 0.63 14.09 -0.97
H5A1 5CM B 3 -2.47 10.46 0.59
H5A2 5CM B 3 -2.57 11.95 1.55
H5A3 5CM B 3 -1.42 11.84 0.20
H6 5CM B 3 0.69 11.41 0.71
HN41 5CM B 3 -2.96 9.46 4.13
HN42 5CM B 3 -3.36 10.53 2.80
H1' 5CM B 3 3.16 9.32 2.55
H2' 5CM B 3 2.20 10.39 -0.14
H2'' 5CM B 3 3.08 8.92 0.20
H3' 5CM B 3 4.39 11.17 -0.65
H4' 5CM B 3 5.21 11.86 1.87
H5' 5CM B 3 3.79 13.85 1.79
H5'' 5CM B 3 4.60 13.52 0.24
P 0DC B 5 8.55 2.53 0.18
OP1 0DC B 5 9.94 2.45 0.71
OP2 0DC B 5 8.33 2.88 -1.25
O5' 0DC B 5 7.83 1.13 0.46
C5' 0DC B 5 6.76 0.67 -0.38
C4' 0DC B 5 5.81 -0.19 0.42
O4' 0DC B 5 4.50 -0.12 -0.18
C3' 0DC B 5 5.63 0.22 1.88
O3' 0DC B 5 5.46 -0.94 2.71
C2' 0DC B 5 4.37 1.05 1.86
C1' 0DC B 5 3.56 0.45 0.73
N1 0DC B 5 2.75 1.42 0.00
C2 0DC B 5 1.42 1.62 0.38
O2 0DC B 5 0.95 0.97 1.33
N3 0DC B 5 0.66 2.52 -0.29
C4 0DC B 5 1.18 3.20 -1.31
N4 0DC B 5 0.40 4.08 -1.94
C5 0DC B 5 2.53 3.02 -1.73
C6 0DC B 5 3.27 2.12 -1.05
H5' 0DC B 5 7.17 0.09 -1.19
H5'' 0DC B 5 6.21 1.52 -0.78
H4' 0DC B 5 6.22 -1.21 0.43
H3' 0DC B 5 6.49 0.79 2.23
H2' 0DC B 5 3.84 0.98 2.81
H2'' 0DC B 5 4.59 2.10 1.70
H1' 0DC B 5 2.91 -0.35 1.09
H41 0DC B 5 0.76 4.61 -2.72
H42 0DC B 5 -0.55 4.22 -1.64
H5 0DC B 5 2.95 3.58 -2.57
H6 0DC B 5 4.31 1.96 -1.34
P 0DG B 6 6.51 -1.24 3.89
OP1 0DG B 6 5.74 -1.67 5.09
OP2 0DG B 6 7.44 -0.08 4.00
O5' 0DG B 6 7.34 -2.50 3.36
C5' 0DG B 6 6.68 -3.64 2.81
C4' 0DG B 6 7.70 -4.61 2.27
O4' 0DG B 6 8.25 -4.09 1.04
C3' 0DG B 6 7.15 -5.99 1.91
O3' 0DG B 6 8.17 -6.99 2.11
C2' 0DG B 6 6.79 -5.84 0.45
C1' 0DG B 6 7.88 -4.92 -0.06
N9 0DG B 6 7.47 -4.05 -1.16
C8 0DG B 6 8.26 -3.57 -2.17
N7 0DG B 6 7.63 -2.79 -3.01
C5 0DG B 6 6.33 -2.76 -2.52
C6 0DG B 6 5.17 -2.09 -3.01
O6 0DG B 6 5.07 -1.36 -4.00
N1 0DG B 6 4.06 -2.32 -2.20
C2 0DG B 6 4.06 -3.11 -1.09
N2 0DG B 6 2.88 -3.23 -0.44
N3 0DG B 6 5.12 -3.75 -0.62
C4 0DG B 6 6.21 -3.53 -1.38
H5' 0DG B 6 6.03 -3.31 1.99
H5'' 0DG B 6 6.09 -4.13 3.57
H4' 0DG B 6 8.46 -4.76 3.05
H3' 0DG B 6 6.28 -6.24 2.52
H2' 0DG B 6 6.80 -6.81 -0.06
H2'' 0DG B 6 5.80 -5.42 0.33
H1' 0DG B 6 8.75 -5.48 -0.38
H8 0DG B 6 9.31 -3.80 -2.26
H1 0DG B 6 3.20 -1.88 -2.46
H21 0DG B 6 2.82 -3.79 0.39
H22 0DG B 6 2.07 -2.74 -0.79
N1 5CM B 7 3.97 -8.04 -1.21
C2 5CM B 7 3.16 -7.03 -1.74
N3 5CM B 7 3.67 -6.19 -2.67
C4 5CM B 7 4.94 -6.33 -3.07
C5 5CM B 7 5.79 -7.35 -2.53
C5A 5CM B 7 7.09 -7.36 -2.86
C6 5CM B 7 5.26 -8.18 -1.62
O2 5CM B 7 1.99 -6.92 -1.36
N4 5CM B 7 5.41 -5.48 -3.98
C1' 5CM B 7 3.40 -8.93 -0.18
C2' 5CM B 7 3.66 -10.42 -0.41
C3' 5CM B 7 3.59 -10.95 1.00
C4' 5CM B 7 4.20 -9.83 1.83
O4' 5CM B 7 3.99 -8.62 1.06
O3' 5CM B 7 2.22 -11.18 1.39
C5' 5CM B 7 5.68 -9.99 2.12
O5' 5CM B 7 6.31 -8.71 2.20
P 5CM B 7 7.84 -8.53 1.79
OP1 5CM B 7 8.67 -9.37 2.70
OP2 5CM B 7 7.96 -8.72 0.32
H5A1 5CM B 7 7.51 -6.38 -2.71
H5A2 5CM B 7 7.20 -7.65 -3.91
H5A3 5CM B 7 7.62 -8.08 -2.25
H6 5CM B 7 5.88 -8.96 -1.18
HN41 5CM B 7 4.81 -4.76 -4.35
HN42 5CM B 7 6.36 -5.55 -4.30
H1' 5CM B 7 2.33 -8.74 -0.12
H2' 5CM B 7 4.63 -10.60 -0.86
H2'' 5CM B 7 2.91 -10.88 -1.05
H3' 5CM B 7 4.14 -11.88 1.11
H4' 5CM B 7 3.68 -9.82 2.79
H5' 5CM B 7 5.80 -10.52 3.06
H5'' 5CM B 7 6.13 -10.57 1.32
N1 5CM B 9 -2.74 -12.80 -5.19
C2 5CM B 9 -1.94 -12.22 -6.18
N3 5CM B 9 -0.61 -12.47 -6.19
C4 5CM B 9 -0.08 -13.26 -5.26
C5 5CM B 9 -0.87 -13.88 -4.25
C5A 5CM B 9 -0.31 -14.79 -3.44
C6 5CM B 9 -2.18 -13.62 -4.25
O2 5CM B 9 -2.47 -11.48 -7.02
N4 5CM B 9 1.24 -13.47 -5.32
C1' 5CM B 9 -4.18 -12.52 -5.20
C2' 5CM B 9 -5.08 -13.74 -5.02
C3' 5CM B 9 -6.34 -13.12 -4.45
C4' 5CM B 9 -5.86 -11.85 -3.73
O4' 5CM B 9 -4.47 -11.69 -4.09
O3' 5CM B 9 -7.26 -12.78 -5.49
C5' 5CM B 9 -5.97 -11.88 -2.22
O5' 5CM B 9 -5.36 -13.07 -1.71
P 5CM B 9 -4.95 -13.18 -0.17
OP1 5CM B 9 -6.15 -12.89 0.65
OP2 5CM B 9 -4.22 -14.46 0.02
H5A1 5CM B 9 0.57 -14.35 -2.95
H5A2 5CM B 9 0.02 -15.65 -4.03
H5A3 5CM B 9 -1.02 -15.11 -2.68
H6 5CM B 9 -2.81 -14.06 -3.48
HN41 5CM B 9 1.80 -13.02 -6.03
HN42 5CM B 9 1.69 -14.07 -4.63
H1' 5CM B 9 -4.44 -11.98 -6.11
H2' 5CM B 9 -4.65 -14.47 -4.34
H2'' 5CM B 9 -5.27 -14.24 -5.97
H3' 5CM B 9 -6.84 -13.80 -3.75
H4' 5CM B 9 -6.49 -11.05 -4.09
H5' 5CM B 9 -5.47 -11.01 -1.82
H5'' 5CM B 9 -7.02 -11.86 -1.94
N1 5CM A 1 5.96 -7.31 -12.58
C2 5CM A 1 4.83 -8.11 -12.75
N3 5CM A 1 4.68 -9.22 -11.98
C4 5CM A 1 5.61 -9.53 -11.07
C5 5CM A 1 6.78 -8.72 -10.88
C5A 5CM A 1 7.77 -9.19 -10.11
C6 5CM A 1 6.90 -7.63 -11.65
O2 5CM A 1 3.98 -7.80 -13.60
N4 5CM A 1 5.43 -10.63 -10.35
C1' 5CM A 1 6.11 -6.10 -13.42
C2' 5CM A 1 6.38 -4.83 -12.64
C3' 5CM A 1 7.27 -4.04 -13.60
C4' 5CM A 1 8.04 -5.13 -14.34
O4' 5CM A 1 7.22 -6.32 -14.27
O3' 5CM A 1 6.47 -3.28 -14.52
C5' 5CM A 1 9.40 -5.45 -13.75
O5' 5CM A 1 10.44 -4.83 -14.52
H5A1 5CM A 1 7.40 -9.40 -9.11
H5A2 5CM A 1 8.16 -10.12 -10.55
H5A3 5CM A 1 8.57 -8.45 -10.06
H6 5CM A 1 7.77 -6.99 -11.52
HN41 5CM A 1 4.60 -11.20 -10.49
HN42 5CM A 1 6.11 -10.90 -9.64
H1' 5CM A 1 5.22 -6.00 -14.03
H2' 5CM A 1 6.90 -5.01 -11.70
H2'' 5CM A 1 5.47 -4.28 -12.42
H3' 5CM A 1 7.94 -3.36 -13.07
H4' 5CM A 1 8.21 -4.77 -15.36
H5' 5CM A 1 9.44 -5.10 -12.73
H5'' 5CM A 1 9.54 -6.53 -13.76
N1 5CM A 3 -1.25 -4.38 -8.01
C2 5CM A 3 -1.18 -5.64 -7.42
N3 5CM A 3 0.01 -6.13 -7.02
C4 5CM A 3 1.12 -5.41 -7.19
C5 5CM A 3 1.09 -4.11 -7.79
C5A 5CM A 3 2.18 -3.34 -7.70
C6 5CM A 3 -0.10 -3.64 -8.19
O2 5CM A 3 -2.23 -6.28 -7.27
N4 5CM A 3 2.28 -5.93 -6.78
C1' 5CM A 3 -2.55 -3.86 -8.44
C2' 5CM A 3 -2.82 -2.41 -8.05
C3' 5CM A 3 -3.79 -1.96 -9.12
C4' 5CM A 3 -3.38 -2.78 -10.35
O4' 5CM A 3 -2.60 -3.89 -9.85
O3' 5CM A 3 -5.13 -2.27 -8.75
C5' 5CM A 3 -2.55 -2.03 -11.37
O5' 5CM A 3 -1.37 -1.50 -10.76
P 5CM A 3 -0.20 -0.87 -11.64
OP1 5CM A 3 -0.80 0.05 -12.63
OP2 5CM A 3 0.86 -0.37 -10.72
H5A1 5CM A 3 1.97 -2.36 -8.13
H5A2 5CM A 3 2.47 -3.23 -6.65
H5A3 5CM A 3 3.00 -3.79 -8.25
H6 5CM A 3 -0.16 -2.67 -8.67
HN41 5CM A 3 2.29 -6.84 -6.35
HN42 5CM A 3 3.13 -5.41 -6.90
H1' 5CM A 3 -3.33 -4.52 -8.05
H2' 5CM A 3 -1.91 -1.80 -8.06
H2'' 5CM A 3 -3.26 -2.33 -7.06
H3' 5CM A 3 -3.71 -0.89 -9.33
H4' 5CM A 3 -4.30 -3.09 -10.84
H5' 5CM A 3 -2.26 -2.72 -12.16
H5'' 5CM A 3 -3.14 -1.23 -11.79
P 0DC A 5 -8.03 -0.75 -2.21
OP1 0DC A 5 -9.39 -1.37 -2.26
OP2 0DC A 5 -7.70 0.37 -3.13
O5' 0DC A 5 -7.77 -0.24 -0.72
C5' 0DC A 5 -6.54 0.36 -0.35
C4' 0DC A 5 -6.06 -0.19 0.97
O4' 0DC A 5 -4.62 -0.03 1.05
C3' 0DC A 5 -6.34 -1.68 1.19
O3' 0DC A 5 -6.58 -1.93 2.57
C2' 0DC A 5 -5.04 -2.33 0.74
C1' 0DC A 5 -3.99 -1.30 1.11
N1 0DC A 5 -2.83 -1.27 0.21
C2 0DC A 5 -1.79 -2.18 0.41
O2 0DC A 5 -1.87 -2.99 1.35
N3 0DC A 5 -0.72 -2.17 -0.42
C4 0DC A 5 -0.67 -1.28 -1.43
N4 0DC A 5 0.39 -1.31 -2.22
C5 0DC A 5 -1.71 -0.33 -1.65
C6 0DC A 5 -2.76 -0.37 -0.82
H5' 0DC A 5 -6.67 1.44 -0.27
H5'' 0DC A 5 -5.79 0.16 -1.11
H4' 0DC A 5 -6.59 0.35 1.75
H3' 0DC A 5 -7.18 -2.01 0.59
H2' 0DC A 5 -4.87 -3.28 1.26
H2'' 0DC A 5 -5.05 -2.54 -0.33
H1' 0DC A 5 -3.62 -1.45 2.13
H41 0DC A 5 0.46 -0.66 -2.99
H42 0DC A 5 1.13 -1.98 -2.07
H5 0DC A 5 -1.67 0.38 -2.47
H6 0DC A 5 -3.58 0.35 -0.96
P 0DG A 6 -8.00 -2.56 3.03
OP1 0DG A 6 -7.75 -3.45 4.19
OP2 0DG A 6 -8.68 -3.10 1.83
O5' 0DG A 6 -8.82 -1.30 3.54
C5' 0DG A 6 -8.25 -0.37 4.46
C4' 0DG A 6 -9.11 0.87 4.55
O4' 0DG A 6 -8.86 1.70 3.38
C3' 0DG A 6 -8.84 1.78 5.75
O3' 0DG A 6 -10.07 2.42 6.15
C2' 0DG A 6 -7.84 2.78 5.21
C1' 0DG A 6 -8.29 2.94 3.77
N9 0DG A 6 -7.23 3.26 2.83
C8 0DG A 6 -7.31 4.12 1.76
N7 0DG A 6 -6.20 4.21 1.08
C5 0DG A 6 -5.33 3.35 1.73
C6 0DG A 6 -3.97 3.02 1.46
O6 0DG A 6 -3.26 3.44 0.55
N1 0DG A 6 -3.47 2.11 2.38
C2 0DG A 6 -4.17 1.58 3.43
N2 0DG A 6 -3.52 0.73 4.22
N3 0DG A 6 -5.43 1.88 3.70
C4 0DG A 6 -5.94 2.77 2.82
H5' 0DG A 6 -7.25 -0.09 4.14
H5'' 0DG A 6 -8.20 -0.82 5.45
H4' 0DG A 6 -10.15 0.55 4.61
H3' 0DG A 6 -8.44 1.21 6.59
H2' 0DG A 6 -7.87 3.71 5.77
H2'' 0DG A 6 -6.82 2.39 5.28
H1' 0DG A 6 -9.07 3.70 3.69
H8 0DG A 6 -8.20 4.67 1.50
H1 0DG A 6 -2.51 1.82 2.25
H21 0DG A 6 -3.99 0.31 5.01
H22 0DG A 6 -2.55 0.48 4.02
N1 5CM A 7 -4.89 4.66 7.38
C2 5CM A 7 -3.70 4.36 6.72
N3 5CM A 7 -3.53 4.77 5.44
C4 5CM A 7 -4.48 5.46 4.83
C5 5CM A 7 -5.71 5.79 5.47
C5A 5CM A 7 -6.70 6.34 4.76
C6 5CM A 7 -5.87 5.37 6.74
O2 5CM A 7 -2.83 3.71 7.32
N4 5CM A 7 -4.26 5.85 3.56
C1' 5CM A 7 -5.07 4.20 8.77
C2' 5CM A 7 -5.42 5.30 9.76
C3' 5CM A 7 -6.37 4.61 10.72
C4' 5CM A 7 -7.10 3.61 9.83
O4' 5CM A 7 -6.16 3.28 8.77
O3' 5CM A 7 -5.64 3.92 11.74
C5' 5CM A 7 -8.38 4.11 9.22
O5' 5CM A 7 -8.86 3.20 8.23
P 5CM A 7 -10.03 3.60 7.24
OP1 5CM A 7 -11.31 3.57 8.00
OP2 5CM A 7 -9.65 4.84 6.53
H5A1 5CM A 7 -7.60 6.41 5.37
H5A2 5CM A 7 -6.40 7.35 4.44
H5A3 5CM A 7 -6.90 5.74 3.88
H6 5CM A 7 -6.80 5.61 7.26
HN41 5CM A 7 -3.39 5.62 3.11
HN42 5CM A 7 -4.97 6.37 3.07
H1' 5CM A 7 -4.18 3.66 9.07
H2' 5CM A 7 -5.89 6.16 9.28
H2'' 5CM A 7 -4.52 5.65 10.27
H3' 5CM A 7 -7.07 5.31 11.18
H4' 5CM A 7 -7.34 2.75 10.46
H5' 5CM A 7 -9.13 4.23 10.01
H5'' 5CM A 7 -8.20 5.09 8.76
N1 5CM A 9 0.75 11.31 10.71
C2 5CM A 9 0.86 11.51 9.33
N3 5CM A 9 -0.26 11.63 8.58
C4 5CM A 9 -1.46 11.55 9.17
C5 5CM A 9 -1.61 11.35 10.58
C5A 5CM A 9 -2.82 11.45 11.13
C6 5CM A 9 -0.48 11.24 11.30
O2 5CM A 9 1.99 11.58 8.82
N4 5CM A 9 -2.54 11.67 8.40
C1' 5CM A 9 1.98 11.17 11.51
C2' 5CM A 9 2.10 12.15 12.66
C3' 5CM A 9 2.95 11.40 13.66
C4' 5CM A 9 2.73 9.92 13.32
O4' 5CM A 9 1.96 9.90 12.11
O3' 5CM A 9 4.33 11.75 13.50
C5' 5CM A 9 1.99 9.14 14.38
O5' 5CM A 9 0.70 9.71 14.60
P 5CM A 9 -0.55 8.80 15.00
OP1 5CM A 9 -0.33 8.27 16.36
OP2 5CM A 9 -1.79 9.58 14.71
H5A1 5CM A 9 -2.76 11.26 12.19
H5A2 5CM A 9 -3.22 12.46 10.97
H5A3 5CM A 9 -3.49 10.72 10.67
H6 5CM A 9 -0.56 11.08 12.37
HN41 5CM A 9 -2.43 11.81 7.40
HN42 5CM A 9 -3.47 11.62 8.80
H1' 5CM A 9 2.84 11.23 10.85
H2' 5CM A 9 1.12 12.41 13.09
H2'' 5CM A 9 2.57 13.08 12.34
H3' 5CM A 9 2.66 11.61 14.69
H4' 5CM A 9 3.72 9.48 13.22
H5' 5CM A 9 1.87 8.11 14.04
H5'' 5CM A 9 2.56 9.15 15.31
N1 5CM B 1 -1.62 15.91 2.18
C2 5CM B 1 -0.67 15.76 3.20
N3 5CM B 1 -1.09 15.43 4.45
C4 5CM B 1 -2.39 15.26 4.69
C5 5CM B 1 -3.37 15.40 3.67
C5A 5CM B 1 -4.64 15.03 3.92
C6 5CM B 1 -2.95 15.72 2.44
O2 5CM B 1 0.52 15.93 2.94
N4 5CM B 1 -2.76 14.94 5.94
C1' 5CM B 1 -1.16 16.27 0.83
C2' 5CM B 1 -1.71 15.38 -0.28
C3' 5CM B 1 -1.96 16.36 -1.43
C4' 5CM B 1 -2.27 17.67 -0.71
O4' 5CM B 1 -1.58 17.60 0.57
O3' 5CM B 1 -0.77 16.51 -2.22
C5' 5CM B 1 -3.74 17.92 -0.44
O5' 5CM B 1 -4.23 19.01 -1.24
H5A1 5CM B 1 -4.67 13.98 4.17
H5A2 5CM B 1 -5.03 15.62 4.76
H5A3 5CM B 1 -5.25 15.21 3.04
H6 5CM B 1 -3.67 15.85 1.63
HN41 5CM B 1 -2.05 14.84 6.65
HN42 5CM B 1 -3.73 14.79 6.16
H1' 5CM B 1 -0.07 16.26 0.83
H2' 5CM B 1 -2.63 14.89 0.01
H2'' 5CM B 1 -1.00 14.62 -0.56
H3' 5CM B 1 -2.78 16.05 -2.05
H4' 5CM B 1 -1.91 18.47 -1.35
H5' 5CM B 1 -4.30 17.02 -0.70
H5'' 5CM B 1 -3.88 18.15 0.62
N1 5CM B 3 2.76 8.02 1.99
C2 5CM B 3 2.23 7.97 3.28
N3 5CM B 3 0.88 8.09 3.43
C4 5CM B 3 0.10 8.27 2.37
C5 5CM B 3 0.63 8.32 1.04
C5A 5CM B 3 -0.22 8.24 0.00
C6 5CM B 3 1.96 8.20 0.90
O2 5CM B 3 2.98 7.81 4.24
N4 5CM B 3 -1.21 8.39 2.58
C1' 5CM B 3 4.23 7.90 1.82
C2' 5CM B 3 4.66 6.87 0.80
C3' 5CM B 3 5.96 7.45 0.26
C4' 5CM B 3 5.77 8.96 0.39
O4' 5CM B 3 4.72 9.15 1.38
O3' 5CM B 3 7.07 7.02 1.06
C5' 5CM B 3 5.37 9.65 -0.88
O5' 5CM B 3 4.15 9.12 -1.39
P 5CM B 3 3.18 10.00 -2.30
OP1 5CM B 3 3.84 10.15 -3.63
OP2 5CM B 3 1.82 9.42 -2.22
H5A1 5CM B 3 -0.79 9.17 -0.07
H5A2 5CM B 3 0.34 8.09 -0.91
H5A3 5CM B 3 -0.90 7.40 0.15
H6 5CM B 3 2.39 8.25 -0.10
HN41 5CM B 3 -1.58 8.35 3.51
HN42 5CM B 3 -1.84 8.53 1.79
H1' 5CM B 3 4.67 7.68 2.80
H2' 5CM B 3 3.92 6.75 0.00
H2'' 5CM B 3 4.81 5.89 1.25
H3' 5CM B 3 6.13 7.17 -0.77
H4' 5CM B 3 6.73 9.36 0.70
H5' 5CM B 3 5.25 10.72 -0.68
H5'' 5CM B 3 6.15 9.53 -1.62
P 0DC B 5 6.03 0.29 4.20
OP1 0DC B 5 4.95 1.10 4.82
OP2 0DC B 5 7.36 0.22 4.86
O5' 0DC B 5 5.48 -1.20 4.07
C5' 0DC B 5 4.72 -1.60 2.92
C4' 0DC B 5 3.51 -2.38 3.36
O4' 0DC B 5 2.43 -2.12 2.43
C3' 0DC B 5 2.95 -2.02 4.74
O3' 0DC B 5 2.38 -3.17 5.37
C2' 0DC B 5 1.88 -1.00 4.42
C1' 0DC B 5 1.34 -1.49 3.09
N1 0DC B 5 0.84 -0.42 2.22
C2 0DC B 5 -0.44 0.11 2.48
O2 0DC B 5 -1.08 -0.34 3.43
N3 0DC B 5 -0.91 1.10 1.69
C4 0DC B 5 -0.18 1.56 0.68
N4 0DC B 5 -0.68 2.54 -0.05
C5 0DC B 5 1.11 1.03 0.39
C6 0DC B 5 1.57 0.05 1.17
H5' 0DC B 5 5.34 -2.23 2.29
H5'' 0DC B 5 4.40 -0.72 2.37
H4' 0DC B 5 3.79 -3.44 3.41
H3' 0DC B 5 3.74 -1.60 5.38
H2' 0DC B 5 1.10 -0.99 5.19
H2'' 0DC B 5 2.28 0.01 4.35
H1' 0DC B 5 0.55 -2.24 3.23
H41 0DC B 5 -0.16 2.91 -0.84
H42 0DC B 5 -1.60 2.92 0.16
H5 0DC B 5 1.70 1.41 -0.45
H6 0DC B 5 2.55 -0.38 0.96
P 0DG B 6 2.97 -3.69 6.78
OP1 0DG B 6 1.84 -4.23 7.57
OP2 0DG B 6 3.81 -2.59 7.36
O5' 0DG B 6 3.93 -4.89 6.39
C5' 0DG B 6 3.52 -5.90 5.47
C4' 0DG B 6 4.72 -6.56 4.84
O4' 0DG B 6 5.22 -5.69 3.78
C3' 0DG B 6 4.47 -7.92 4.18
O3' 0DG B 6 5.62 -8.75 4.34
C2' 0DG B 6 4.23 -7.55 2.73
C1' 0DG B 6 5.20 -6.39 2.55
N9 0DG B 6 4.83 -5.43 1.51
C8 0DG B 6 5.69 -4.84 0.60
N7 0DG B 6 5.09 -4.02 -0.21
C5 0DG B 6 3.76 -4.05 0.19
C6 0DG B 6 2.64 -3.36 -0.32
O6 0DG B 6 2.59 -2.54 -1.25
N1 0DG B 6 1.47 -3.69 0.37
C2 0DG B 6 1.40 -4.57 1.42
N2 0DG B 6 0.19 -4.76 1.96
N3 0DG B 6 2.45 -5.23 1.90
C4 0DG B 6 3.59 -4.92 1.24
H5' 0DG B 6 2.90 -5.45 4.68
H5'' 0DG B 6 2.93 -6.66 5.99
H4' 0DG B 6 5.46 -6.72 5.63
H3' 0DG B 6 3.60 -8.40 4.62
H2' 0DG B 6 4.46 -8.39 2.06
H2'' 0DG B 6 3.20 -7.25 2.54
H1' 0DG B 6 6.22 -6.76 2.35
H8 0DG B 6 6.75 -5.05 0.56
H1 0DG B 6 0.62 -3.24 0.09
H21 0DG B 6 0.09 -5.40 2.74
H22 0DG B 6 -0.60 -4.25 1.61
N1 5CM B 7 2.46 -9.64 -0.11
C2 5CM B 7 1.51 -8.72 -0.56
N3 5CM B 7 1.92 -7.61 -1.21
C4 5CM B 7 3.22 -7.38 -1.40
C5 5CM B 7 4.21 -8.30 -0.94
C5A 5CM B 7 5.51 -7.97 -1.06
C6 5CM B 7 3.80 -9.40 -0.30
O2 5CM B 7 0.30 -8.96 -0.37
N4 5CM B 7 3.58 -6.27 -2.04
C1' 5CM B 7 2.01 -10.86 0.58
C2' 5CM B 7 2.64 -12.14 0.10
C3' 5CM B 7 2.59 -13.04 1.32
C4' 5CM B 7 2.56 -12.06 2.51
O4' 5CM B 7 2.36 -10.74 1.94
O3' 5CM B 7 1.40 -13.83 1.32
C5' 5CM B 7 3.81 -12.06 3.35
O5' 5CM B 7 4.15 -10.72 3.73
P 5CM B 7 5.66 -10.20 3.66
OP1 5CM B 7 6.49 -11.09 4.50
OP2 5CM B 7 6.01 -10.02 2.22
H5A1 5CM B 7 6.09 -8.54 -0.32
H5A2 5CM B 7 5.63 -6.90 -0.88
H5A3 5CM B 7 5.86 -8.22 -2.05
H6 5CM B 7 4.53 -10.11 0.06
HN41 5CM B 7 2.87 -5.63 -2.36
HN42 5CM B 7 4.55 -6.06 -2.20
H1' 5CM B 7 0.91 -10.91 0.51
H2' 5CM B 7 3.67 -12.00 -0.24
H2'' 5CM B 7 2.09 -12.58 -0.72
H3' 5CM B 7 3.45 -13.70 1.39
H4' 5CM B 7 1.74 -12.38 3.15
H5' 5CM B 7 3.64 -12.65 4.25
H5'' 5CM B 7 4.63 -12.49 2.78
N1 5CM B 9 -0.48 -13.55 -8.14
C2 5CM B 9 -0.16 -12.28 -8.63
N3 5CM B 9 0.98 -11.67 -8.23
C4 5CM B 9 1.79 -12.29 -7.37
C5 5CM B 9 1.49 -13.59 -6.85
C5A 5CM B 9 2.44 -14.25 -6.16
C6 5CM B 9 0.36 -14.17 -7.26
O2 5CM B 9 -0.94 -11.73 -9.43
N4 5CM B 9 2.90 -11.66 -7.01
C1' 5CM B 9 -1.73 -14.19 -8.59
C2' 5CM B 9 -1.59 -15.63 -9.03
C3' 5CM B 9 -2.99 -16.17 -8.82
C4' 5CM B 9 -3.56 -15.30 -7.69
O4' 5CM B 9 -2.62 -14.22 -7.50
O3' 5CM B 9 -3.78 -16.01 -10.00
C5' 5CM B 9 -3.75 -16.01 -6.37
O5' 5CM B 9 -2.54 -16.66 -5.98
P 5CM B 9 -2.33 -17.18 -4.49
OP1 5CM B 9 -3.48 -18.05 -4.13
OP2 5CM B 9 -0.95 -17.73 -4.38
H5A1 5CM B 9 2.79 -13.63 -5.35
H5A2 5CM B 9 3.28 -14.48 -6.82
H5A3 5CM B 9 2.02 -15.17 -5.76
H6 5CM B 9 0.10 -15.16 -6.88
HN41 5CM B 9 3.11 -10.74 -7.37
HN42 5CM B 9 3.55 -12.09 -6.35
H1' 5CM B 9 -2.18 -13.58 -9.37
H2' 5CM B 9 -0.86 -16.17 -8.43
H2'' 5CM B 9 -1.28 -15.71 -10.06
H3' 5CM B 9 -2.99 -17.22 -8.53
H4' 5CM B 9 -4.54 -14.96 -8.02
H5' 5CM B 9 -4.04 -15.29 -5.61
H5'' 5CM B 9 -4.54 -16.76 -6.47
N1 5CM A 1 5.30 -10.94 -11.72
C2 5CM A 1 3.97 -11.39 -11.73
N3 5CM A 1 3.59 -12.35 -10.86
C4 5CM A 1 4.48 -12.87 -10.01
C5 5CM A 1 5.84 -12.44 -9.99
C5A 5CM A 1 6.73 -13.16 -9.29
C6 5CM A 1 6.21 -11.48 -10.85
O2 5CM A 1 3.17 -10.87 -12.53
N4 5CM A 1 4.06 -13.81 -9.17
C1' 5CM A 1 5.70 -9.89 -12.66
C2' 5CM A 1 6.58 -8.80 -12.07
C3' 5CM A 1 7.42 -8.36 -13.26
C4' 5CM A 1 7.57 -9.64 -14.09
O4' 5CM A 1 6.46 -10.49 -13.70
O3' 5CM A 1 6.75 -7.36 -14.01
C5' 5CM A 1 8.86 -10.40 -13.87
O5' 5CM A 1 9.97 -9.67 -14.39
H5A1 5CM A 1 6.80 -14.17 -9.71
H5A2 5CM A 1 7.71 -12.69 -9.34
H5A3 5CM A 1 6.42 -13.22 -8.24
H6 5CM A 1 7.24 -11.14 -10.86
HN41 5CM A 1 3.10 -14.12 -9.19
HN42 5CM A 1 4.69 -14.23 -8.51
H1' 5CM A 1 4.80 -9.46 -13.11
H2' 5CM A 1 7.21 -9.18 -11.26
H2'' 5CM A 1 5.99 -7.98 -11.67
H3' 5CM A 1 8.40 -7.99 -12.95
H4' 5CM A 1 7.54 -9.35 -15.13
H5' 5CM A 1 9.00 -10.56 -12.80
H5'' 5CM A 1 8.79 -11.37 -14.37
N1 5CM A 3 -0.70 -4.36 -8.27
C2 5CM A 3 -0.89 -5.39 -7.36
N3 5CM A 3 0.18 -6.07 -6.88
C4 5CM A 3 1.41 -5.73 -7.28
C5 5CM A 3 1.64 -4.67 -8.20
C5A 5CM A 3 2.89 -4.23 -8.40
C6 5CM A 3 0.57 -4.01 -8.67
O2 5CM A 3 -2.05 -5.69 -7.00
N4 5CM A 3 2.44 -6.42 -6.78
C1' 5CM A 3 -1.88 -3.65 -8.80
C2' 5CM A 3 -1.67 -2.19 -9.13
C3' 5CM A 3 -2.59 -1.96 -10.32
C4' 5CM A 3 -2.56 -3.32 -11.03
O4' 5CM A 3 -2.26 -4.29 -10.00
O3' 5CM A 3 -3.91 -1.66 -9.90
C5' 5CM A 3 -1.53 -3.43 -12.14
O5' 5CM A 3 -0.31 -2.80 -11.75
P 5CM A 3 0.82 -2.47 -12.82
OP1 5CM A 3 0.20 -1.74 -13.95
OP2 5CM A 3 1.98 -1.87 -12.11
H5A1 5CM A 3 3.50 -5.04 -8.81
H5A2 5CM A 3 2.88 -3.39 -9.09
H5A3 5CM A 3 3.31 -3.91 -7.45
H6 5CM A 3 0.71 -3.21 -9.39
HN41 5CM A 3 2.28 -7.17 -6.13
HN42 5CM A 3 3.39 -6.19 -7.06
H1' 5CM A 3 -2.70 -3.78 -8.08
H2' 5CM A 3 -0.64 -1.96 -9.37
H2'' 5CM A 3 -1.96 -1.55 -8.29
H3' 5CM A 3 -2.22 -1.16 -10.97
H4' 5CM A 3 -3.54 -3.46 -11.49
H5' 5CM A 3 -1.34 -4.50 -12.34
H5'' 5CM A 3 -1.92 -2.97 -13.04
P 0DC A 5 -6.75 0.72 -3.29
OP1 0DC A 5 -8.23 0.61 -3.29
OP2 0DC A 5 -6.10 1.94 -3.86
O5' 0DC A 5 -6.24 0.56 -1.79
C5' 0DC A 5 -5.00 1.12 -1.36
C4' 0DC A 5 -4.39 0.29 -0.26
O4' 0DC A 5 -2.96 0.46 -0.27
C3' 0DC A 5 -4.63 -1.22 -0.39
O3' 0DC A 5 -4.80 -1.80 0.91
C2' 0DC A 5 -3.35 -1.72 -1.04
C1' 0DC A 5 -2.30 -0.78 -0.47
N1 0DC A 5 -1.14 -0.55 -1.35
C2 0DC A 5 0.02 -1.30 -1.15
O2 0DC A 5 0.05 -2.13 -0.23
N3 0DC A 5 1.08 -1.10 -1.96
C4 0DC A 5 1.01 -0.20 -2.94
N4 0DC A 5 2.08 -0.04 -3.72
C5 0DC A 5 -0.16 0.58 -3.16
C6 0DC A 5 -1.21 0.38 -2.35
H5' 0DC A 5 -5.16 2.14 -0.98
H5'' 0DC A 5 -4.30 1.17 -2.20
H4' 0DC A 5 -4.85 0.59 0.68
H3' 0DC A 5 -5.51 -1.43 -1.00
H2' 0DC A 5 -3.15 -2.76 -0.76
H2'' 0DC A 5 -3.40 -1.67 -2.13
H1' 0DC A 5 -1.94 -1.13 0.50
H41 0DC A 5 2.06 0.64 -4.47
H42 0DC A 5 2.90 -0.60 -3.56
H5 0DC A 5 -0.21 1.32 -3.96
H6 0DC A 5 -2.11 0.95 -2.50
P 0DG A 6 -6.17 -2.57 1.26
OP1 0DG A 6 -5.86 -3.66 2.21
OP2 0DG A 6 -6.88 -2.87 0.00
O5' 0DG A 6 -7.03 -1.46 2.04
C5' 0DG A 6 -6.48 -0.78 3.18
C4' 0DG A 6 -7.52 0.14 3.78
O4' 0DG A 6 -7.66 1.29 2.94
C3' 0DG A 6 -7.19 0.66 5.18
O3' 0DG A 6 -8.39 0.84 5.94
C2' 0DG A 6 -6.51 1.99 4.89
C1' 0DG A 6 -7.12 2.45 3.57
N9 0DG A 6 -6.17 3.07 2.66
C8 0DG A 6 -6.39 4.15 1.84
N7 0DG A 6 -5.34 4.48 1.14
C5 0DG A 6 -4.37 3.57 1.52
C6 0DG A 6 -3.03 3.42 1.09
O6 0DG A 6 -2.40 4.11 0.27
N1 0DG A 6 -2.39 2.35 1.72
C2 0DG A 6 -2.99 1.54 2.64
N2 0DG A 6 -2.21 0.56 3.14
N3 0DG A 6 -4.23 1.66 3.05
C4 0DG A 6 -4.87 2.69 2.45
H5' 0DG A 6 -5.61 -0.20 2.88
H5'' 0DG A 6 -6.17 -1.52 3.93
H4' 0DG A 6 -8.45 -0.44 3.88
H3' 0DG A 6 -6.53 -0.02 5.71
H2' 0DG A 6 -6.72 2.72 5.67
H2'' 0DG A 6 -5.43 1.88 4.83
H1' 0DG A 6 -7.94 3.15 3.74
H8 0DG A 6 -7.33 4.67 1.79
H1 0DG A 6 -1.43 2.17 1.48
H21 0DG A 6 -2.59 -0.08 3.82
H22 0DG A 6 -1.26 0.45 2.83
N1 5CM A 7 -3.70 4.01 7.60
C2 5CM A 7 -2.51 4.01 6.87
N3 5CM A 7 -2.50 4.46 5.60
C4 5CM A 7 -3.62 4.91 5.04
C5 5CM A 7 -4.86 4.92 5.75
C5A 5CM A 7 -5.90 5.60 5.24
C6 5CM A 7 -4.85 4.46 7.02
O2 5CM A 7 -1.47 3.59 7.42
N4 5CM A 7 -3.56 5.34 3.78
C1' 5CM A 7 -3.68 3.52 8.99
C2' 5CM A 7 -4.86 3.95 9.85
C3' 5CM A 7 -5.75 2.72 10.00
C4' 5CM A 7 -5.05 1.64 9.17
O4' 5CM A 7 -3.71 2.11 8.94
O3' 5CM A 7 -5.81 2.32 11.37
C5' 5CM A 7 -5.70 1.34 7.83
O5' 5CM A 7 -6.97 0.70 8.02
P 5CM A 7 -8.31 1.35 7.46
OP1 5CM A 7 -9.44 0.76 8.20
OP2 5CM A 7 -8.14 2.83 7.43
H5A1 5CM A 7 -6.10 5.25 4.23
H5A2 5CM A 7 -6.78 5.45 5.86
H5A3 5CM A 7 -5.66 6.66 5.21
H6 5CM A 7 -5.78 4.46 7.59
HN41 5CM A 7 -2.68 5.32 3.29
HN42 5CM A 7 -4.39 5.69 3.33
H1' 5CM A 7 -2.74 3.82 9.44
H2' 5CM A 7 -5.41 4.79 9.41
H2'' 5CM A 7 -4.48 4.28 10.81
H3' 5CM A 7 -6.76 2.90 9.63
H4' 5CM A 7 -5.10 0.72 9.76
H5' 5CM A 7 -5.83 2.27 7.29
H5'' 5CM A 7 -5.04 0.69 7.26
N1 5CM A 9 -0.84 10.31 11.41
C2 5CM A 9 -0.58 10.83 10.15
N3 5CM A 9 -1.61 11.09 9.30
C4 5CM A 9 -2.86 10.84 9.69
C5 5CM A 9 -3.16 10.30 10.97
C5A 5CM A 9 -4.44 10.27 11.38
C6 5CM A 9 -2.14 10.04 11.79
O2 5CM A 9 0.60 11.06 9.83
N4 5CM A 9 -3.83 11.11 8.82
C1' 5CM A 9 0.28 10.03 12.32
C2' 5CM A 9 0.34 10.93 13.54
C3' 5CM A 9 1.08 10.07 14.56
C4' 5CM A 9 0.80 8.62 14.10
O4' 5CM A 9 0.13 8.72 12.83
O3' 5CM A 9 2.49 10.33 14.50
C5' 5CM A 9 -0.06 7.82 15.05
O5' 5CM A 9 -1.38 8.36 15.10
P 5CM A 9 -2.58 7.54 15.75
OP1 5CM A 9 -2.23 7.26 17.16
OP2 5CM A 9 -3.85 8.25 15.43
H5A1 5CM A 9 -4.49 9.87 12.39
H5A2 5CM A 9 -4.85 11.28 11.37
H5A3 5CM A 9 -5.02 9.63 10.71
H6 5CM A 9 -2.33 9.63 12.78
HN41 5CM A 9 -3.62 11.49 7.91
HN42 5CM A 9 -4.80 10.93 9.07
H1' 5CM A 9 1.21 10.07 11.76
H2' 5CM A 9 -0.66 11.19 13.91
H2'' 5CM A 9 0.87 11.85 13.33
H3' 5CM A 9 0.72 10.24 15.57
H4' 5CM A 9 1.77 8.13 14.03
H5' 5CM A 9 -0.11 6.79 14.70
H5'' 5CM A 9 0.38 7.84 16.05
N1 5CM B 1 -2.97 17.29 3.68
C2 5CM B 1 -2.06 16.81 4.62
N3 5CM B 1 -2.52 16.32 5.79
C4 5CM B 1 -3.83 16.28 6.03
C5 5CM B 1 -4.79 16.76 5.09
C5A 5CM B 1 -6.08 16.83 5.45
C6 5CM B 1 -4.32 17.25 3.94
O2 5CM B 1 -0.86 16.86 4.37
N4 5CM B 1 -4.24 15.78 7.20
C1' 5CM B 1 -2.46 17.83 2.41
C2' 5CM B 1 -3.01 17.14 1.17
C3' 5CM B 1 -2.96 18.25 0.13
C4' 5CM B 1 -3.26 19.50 0.97
O4' 5CM B 1 -2.87 19.19 2.32
O3' 5CM B 1 -1.66 18.36 -0.45
C5' 5CM B 1 -4.72 19.93 0.96
O5' 5CM B 1 -5.01 20.74 -0.18
H5A1 5CM B 1 -6.67 17.24 4.62
H5A2 5CM B 1 -6.44 15.84 5.70
H5A3 5CM B 1 -6.17 17.48 6.31
H6 5CM B 1 -5.02 17.63 3.19
HN41 5CM B 1 -3.55 15.44 7.86
HN42 5CM B 1 -5.22 15.73 7.43
H1' 5CM B 1 -1.38 17.81 2.44
H2' 5CM B 1 -4.02 16.76 1.31
H2'' 5CM B 1 -2.38 16.29 0.87
H3' 5CM B 1 -3.70 18.11 -0.65
H4' 5CM B 1 -2.68 20.32 0.52
H5' 5CM B 1 -5.35 19.03 0.93
H5'' 5CM B 1 -4.92 20.49 1.87
N1 5CM B 3 1.90 8.92 2.96
C2 5CM B 3 1.27 8.37 4.08
N3 5CM B 3 -0.04 8.60 4.29
C4 5CM B 3 -0.73 9.36 3.43
C5 5CM B 3 -0.11 9.93 2.27
C5A 5CM B 3 -0.90 10.51 1.34
C6 5CM B 3 1.19 9.68 2.07
O2 5CM B 3 1.94 7.67 4.86
N4 5CM B 3 -2.02 9.57 3.69
C1' 5CM B 3 3.33 8.64 2.74
C2' 5CM B 3 3.77 8.56 1.29
C3' 5CM B 3 5.07 9.33 1.24
C4' 5CM B 3 4.92 10.35 2.37
O4' 5CM B 3 4.06 9.71 3.34
O3' 5CM B 3 6.20 8.47 1.50
C5' 5CM B 3 4.32 11.68 1.98
O5' 5CM B 3 3.42 11.50 0.88
P 5CM B 3 3.45 12.50 -0.36
OP1 5CM B 3 4.83 12.53 -0.90
OP2 5CM B 3 2.31 12.16 -1.26
H5A1 5CM B 3 -0.28 10.79 0.48
H5A2 5CM B 3 -1.66 9.80 1.02
H5A3 5CM B 3 -1.37 11.39 1.76
H6 5CM B 3 1.69 10.10 1.21
HN41 5CM B 3 -2.44 9.17 4.50
HN42 5CM B 3 -2.58 10.14 3.06
H1' 5CM B 3 3.59 7.73 3.27
H2' 5CM B 3 3.04 8.99 0.61
H2'' 5CM B 3 3.92 7.52 0.99
H3' 5CM B 3 5.22 9.83 0.28
H4' 5CM B 3 5.93 10.54 2.76
H5' 5CM B 3 3.78 12.09 2.83
H5'' 5CM B 3 5.12 12.36 1.70
P 0DC B 5 8.33 1.30 1.36
OP1 0DC B 5 9.66 1.13 1.99
OP2 0DC B 5 8.25 1.75 -0.05
O5' 0DC B 5 7.53 -0.07 1.48
C5' 0DC B 5 6.45 -0.38 0.61
C4' 0DC B 5 5.44 -1.26 1.31
O4' 0DC B 5 4.13 -1.02 0.73
C3' 0DC B 5 5.28 -0.99 2.81
O3' 0DC B 5 4.98 -2.21 3.50
C2' 0DC B 5 4.09 -0.04 2.87
C1' 0DC B 5 3.24 -0.50 1.70
N1 0DC B 5 2.45 0.56 1.07
C2 0DC B 5 1.13 0.78 1.49
O2 0DC B 5 0.67 0.06 2.38
N3 0DC B 5 0.40 1.75 0.90
C4 0DC B 5 0.94 2.50 -0.06
N4 0DC B 5 0.18 3.46 -0.60
C5 0DC B 5 2.28 2.31 -0.50
C6 0DC B 5 2.99 1.35 0.08
H5' 0DC B 5 6.83 -0.91 -0.27
H5'' 0DC B 5 5.96 0.54 0.28
H4' 0DC B 5 5.77 -2.28 1.21
H3' 0DC B 5 6.18 -0.55 3.23
H2' 0DC B 5 3.57 -0.12 3.82
H2'' 0DC B 5 4.42 0.99 2.77
H1' 0DC B 5 2.57 -1.30 2.01
H41 0DC B 5 0.55 4.04 -1.34
H42 0DC B 5 -0.76 3.58 -0.28
H5 0DC B 5 2.71 2.94 -1.29
H6 0DC B 5 4.02 1.16 -0.23
P 0DG B 6 5.96 -2.75 4.65
OP1 0DG B 6 5.13 -3.38 5.69
OP2 0DG B 6 6.90 -1.64 5.02
O5' 0DG B 6 6.82 -3.89 3.93
C5' 0DG B 6 6.18 -4.99 3.30
C4' 0DG B 6 7.17 -5.78 2.47
O4' 0DG B 6 7.65 -4.93 1.39
C3' 0DG B 6 6.62 -7.03 1.79
O3' 0DG B 6 7.65 -8.03 1.67
C2' 0DG B 6 6.19 -6.52 0.44
C1' 0DG B 6 7.27 -5.49 0.13
N9 0DG B 6 6.85 -4.39 -0.73
C8 0DG B 6 7.66 -3.67 -1.58
N7 0DG B 6 7.00 -2.75 -2.24
C5 0DG B 6 5.70 -2.87 -1.79
C6 0DG B 6 4.53 -2.12 -2.14
O6 0DG B 6 4.43 -1.19 -2.93
N1 0DG B 6 3.41 -2.58 -1.45
C2 0DG B 6 3.41 -3.61 -0.54
N2 0DG B 6 2.23 -3.90 0.02
N3 0DG B 6 4.48 -4.30 -0.20
C4 0DG B 6 5.59 -3.89 -0.86
H5' 0DG B 6 5.38 -4.64 2.64
H5'' 0DG B 6 5.75 -5.65 4.05
H4' 0DG B 6 7.98 -6.10 3.14
H3' 0DG B 6 5.79 -7.44 2.36
H2' 0DG B 6 6.15 -7.31 -0.30
H2'' 0DG B 6 5.20 -6.07 0.48
H1' 0DG B 6 8.16 -5.97 -0.30
H8 0DG B 6 8.71 -3.85 -1.70
H1 0DG B 6 2.54 -2.11 -1.63
H21 0DG B 6 2.17 -4.64 0.70
H22 0DG B 6 1.41 -3.36 -0.22
N1 5CM B 7 3.35 -8.44 -2.08
C2 5CM B 7 2.38 -7.54 -2.55
N3 5CM B 7 2.76 -6.46 -3.29
C4 5CM B 7 4.06 -6.29 -3.56
C5 5CM B 7 5.07 -7.19 -3.10
C5A 5CM B 7 6.36 -6.89 -3.31
C6 5CM B 7 4.67 -8.24 -2.37
O2 5CM B 7 1.19 -7.74 -2.27
N4 5CM B 7 4.40 -5.22 -4.29
C1' 5CM B 7 2.91 -9.59 -1.29
C2' 5CM B 7 3.30 -10.94 -1.87
C3' 5CM B 7 3.32 -11.81 -0.62
C4' 5CM B 7 3.83 -10.86 0.46
O4' 5CM B 7 3.54 -9.52 -0.03
O3' 5CM B 7 2.01 -12.28 -0.31
C5' 5CM B 7 5.30 -10.98 0.77
O5' 5CM B 7 5.85 -9.69 1.09
P 5CM B 7 7.38 -9.37 0.83
OP1 5CM B 7 8.19 -10.45 1.43
OP2 5CM B 7 7.55 -9.04 -0.61
H5A1 5CM B 7 6.99 -7.59 -2.76
H5A2 5CM B 7 6.56 -5.87 -2.96
H5A3 5CM B 7 6.59 -6.95 -4.37
H6 5CM B 7 5.41 -8.95 -2.00
HN41 5CM B 7 3.68 -4.59 -4.62
HN42 5CM B 7 5.36 -5.05 -4.52
H1' 5CM B 7 1.84 -9.52 -1.14
H2' 5CM B 7 4.28 -10.92 -2.35
H2'' 5CM B 7 2.59 -11.31 -2.59
H3' 5CM B 7 3.99 -12.66 -0.73
H4' 5CM B 7 3.28 -11.10 1.38
H5' 5CM B 7 5.44 -11.65 1.62
H5'' 5CM B 7 5.81 -11.38 -0.10
N1 5CM B 9 -1.88 -13.83 -6.74
C2 5CM B 9 -1.31 -12.80 -7.48
N3 5CM B 9 0.01 -12.51 -7.32
C4 5CM B 9 0.74 -13.23 -6.46
C5 5CM B 9 0.17 -14.30 -5.70
C5A 5CM B 9 1.00 -15.12 -5.01
C6 5CM B 9 -1.13 -14.56 -5.87
O2 5CM B 9 -2.01 -12.16 -8.27
N4 5CM B 9 2.03 -12.92 -6.34
C1' 5CM B 9 -3.31 -14.12 -6.93
C2' 5CM B 9 -3.68 -15.59 -7.04
C3' 5CM B 9 -5.13 -15.61 -6.59
C4' 5CM B 9 -5.25 -14.38 -5.67
O4' 5CM B 9 -4.01 -13.66 -5.79
O3' 5CM B 9 -6.01 -15.46 -7.72
C5' 5CM B 9 -5.48 -14.70 -4.21
O5' 5CM B 9 -4.51 -15.64 -3.75
P 5CM B 9 -4.36 -15.97 -2.20
OP1 5CM B 9 -5.72 -16.22 -1.65
OP2 5CM B 9 -3.31 -17.02 -2.05
H5A1 5CM B 9 1.61 -15.68 -5.72
H5A2 5CM B 9 0.41 -15.79 -4.40
H5A3 5CM B 9 1.65 -14.52 -4.37
H6 5CM B 9 -1.60 -15.36 -5.29
HN41 5CM B 9 2.42 -12.16 -6.87
HN42 5CM B 9 2.62 -13.44 -5.70
H1' 5CM B 9 -3.68 -13.55 -7.79
H2' 5CM B 9 -3.06 -16.22 -6.41
H2'' 5CM B 9 -3.58 -15.94 -8.07
H3' 5CM B 9 -5.38 -16.53 -6.06
H4' 5CM B 9 -6.12 -13.82 -6.02
H5' 5CM B 9 -5.42 -13.79 -3.63
H5'' 5CM B 9 -6.48 -15.13 -4.10
N1 5CM A 1 5.70 -12.51 -11.80
C2 5CM A 1 4.33 -12.74 -11.64
N3 5CM A 1 3.92 -13.66 -10.74
C4 5CM A 1 4.82 -14.32 -10.01
C5 5CM A 1 6.22 -14.10 -10.15
C5A 5CM A 1 7.07 -14.93 -9.53
C6 5CM A 1 6.61 -13.19 -11.04
O2 5CM A 1 3.52 -12.10 -12.34
N4 5CM A 1 4.36 -15.22 -9.13
C1' 5CM A 1 6.15 -11.52 -12.79
C2' 5CM A 1 7.17 -10.52 -12.28
C3' 5CM A 1 8.07 -10.28 -13.48
C4' 5CM A 1 8.02 -11.61 -14.23
O4' 5CM A 1 6.76 -12.22 -13.86
O3' 5CM A 1 7.55 -9.24 -14.32
C5' 5CM A 1 9.14 -12.57 -13.89
O5' 5CM A 1 10.39 -12.12 -14.43
H5A1 5CM A 1 6.92 -14.88 -8.45
H5A2 5CM A 1 6.89 -15.95 -9.88
H5A3 5CM A 1 8.09 -14.65 -9.77
H6 5CM A 1 7.67 -13.00 -11.17
HN41 5CM A 1 3.36 -15.38 -9.03
HN42 5CM A 1 5.00 -15.74 -8.56
H1' 5CM A 1 5.27 -11.00 -13.19
H2' 5CM A 1 7.75 -10.91 -11.44
H2'' 5CM A 1 6.69 -9.59 -11.96
H3' 5CM A 1 9.09 -10.03 -13.19
H4' 5CM A 1 8.10 -11.39 -15.29
H5' 5CM A 1 9.22 -12.65 -12.80
H5'' 5CM A 1 8.90 -13.55 -14.30
N1 5CM A 3 1.01 -5.35 -8.44
C2 5CM A 3 0.87 -6.41 -7.52
N3 5CM A 3 1.97 -6.96 -6.97
C4 5CM A 3 3.18 -6.51 -7.30
C5 5CM A 3 3.36 -5.45 -8.24
C5A 5CM A 3 4.58 -4.90 -8.38
C6 5CM A 3 2.26 -4.90 -8.77
O2 5CM A 3 -0.28 -6.79 -7.24
N4 5CM A 3 4.23 -7.09 -6.73
C1' 5CM A 3 -0.20 -4.76 -9.03
C2' 5CM A 3 -0.14 -3.25 -9.24
C3' 5CM A 3 -1.11 -3.06 -10.38
C4' 5CM A 3 -0.91 -4.33 -11.22
O4' 5CM A 3 -0.38 -5.32 -10.32
O3' 5CM A 3 -2.46 -3.01 -9.90
C5' 5CM A 3 0.05 -4.17 -12.40
O5' 5CM A 3 1.23 -3.47 -11.98
P 5CM A 3 2.59 -3.63 -12.78
OP1 5CM A 3 2.48 -2.87 -14.04
OP2 5CM A 3 3.71 -3.32 -11.84
H5A1 5CM A 3 5.28 -5.67 -8.72
H5A2 5CM A 3 4.54 -4.10 -9.10
H5A3 5CM A 3 4.91 -4.51 -7.41
H6 5CM A 3 2.36 -4.10 -9.50
HN41 5CM A 3 4.10 -7.85 -6.07
HN42 5CM A 3 5.17 -6.78 -6.95
H1' 5CM A 3 -1.05 -5.03 -8.42
H2' 5CM A 3 0.86 -2.91 -9.50
H2'' 5CM A 3 -0.45 -2.70 -8.36
H3' 5CM A 3 -0.89 -2.17 -10.97
H4' 5CM A 3 -1.88 -4.59 -11.64
H5' 5CM A 3 0.32 -5.16 -12.76
H5'' 5CM A 3 -0.44 -3.61 -13.19
P 0DC A 5 -7.29 -0.05 -4.73
OP1 0DC A 5 -8.68 -0.56 -4.86
OP2 0DC A 5 -6.83 1.06 -5.61
O5' 0DC A 5 -7.08 0.42 -3.21
C5' 0DC A 5 -6.03 1.32 -2.85
C4' 0DC A 5 -5.55 1.03 -1.45
O4' 0DC A 5 -4.13 1.34 -1.38
C3' 0DC A 5 -5.67 -0.43 -1.02
O3' 0DC A 5 -5.88 -0.50 0.41
C2' 0DC A 5 -4.32 -1.01 -1.38
C1' 0DC A 5 -3.38 0.16 -1.16
N1 0DC A 5 -2.22 0.19 -2.07
C2 0DC A 5 -1.07 -0.54 -1.73
O2 0DC A 5 -1.06 -1.16 -0.67
N3 0DC A 5 0.00 -0.51 -2.56
C4 0DC A 5 -0.06 0.18 -3.70
N4 0DC A 5 1.01 0.17 -4.49
C5 0DC A 5 -1.22 0.92 -4.08
C6 0DC A 5 -2.27 0.89 -3.24
H5' 0DC A 5 -6.39 2.34 -2.91
H5'' 0DC A 5 -5.20 1.20 -3.55
H4' 0DC A 5 -6.15 1.62 -0.77
H3' 0DC A 5 -6.48 -0.92 -1.54
H2' 0DC A 5 -4.06 -1.87 -0.75
H2'' 0DC A 5 -4.30 -1.36 -2.41
H1' 0DC A 5 -3.00 0.17 -0.13
H41 0DC A 5 1.00 0.67 -5.36
H42 0DC A 5 1.83 -0.35 -4.21
H5 0DC A 5 -1.26 1.48 -5.01
H6 0DC A 5 -3.17 1.44 -3.50
P 0DG A 6 -6.93 -1.57 1.00
OP1 0DG A 6 -6.37 -2.08 2.28
OP2 0DG A 6 -7.27 -2.53 -0.08
O5' 0DG A 6 -8.22 -0.70 1.33
C5' 0DG A 6 -8.20 0.29 2.35
C4' 0DG A 6 -9.44 1.15 2.26
O4' 0DG A 6 -9.33 2.02 1.11
C3' 0DG A 6 -9.67 2.08 3.45
O3' 0DG A 6 -11.07 2.31 3.64
C2' 0DG A 6 -8.97 3.36 3.00
C1' 0DG A 6 -9.26 3.38 1.52
N9 0DG A 6 -8.24 4.05 0.71
C8 0DG A 6 -8.45 5.01 -0.24
N7 0DG A 6 -7.36 5.41 -0.81
C5 0DG A 6 -6.35 4.67 -0.21
C6 0DG A 6 -4.96 4.66 -0.42
O6 0DG A 6 -4.29 5.35 -1.22
N1 0DG A 6 -4.31 3.75 0.41
C2 0DG A 6 -4.94 2.94 1.33
N2 0DG A 6 -4.15 2.13 2.03
N3 0DG A 6 -6.24 2.94 1.53
C4 0DG A 6 -6.89 3.81 0.73
H5' 0DG A 6 -7.32 0.92 2.23
H5'' 0DG A 6 -8.17 -0.18 3.32
H4' 0DG A 6 -10.31 0.48 2.22
H3' 0DG A 6 -9.23 1.67 4.36
H2' 0DG A 6 -9.37 4.23 3.52
H2'' 0DG A 6 -7.89 3.31 3.22
H1' 0DG A 6 -10.23 3.84 1.31
H8 0DG A 6 -9.43 5.40 -0.49
H1 0DG A 6 -3.31 3.67 0.31
H21 0DG A 6 -4.55 1.52 2.72
H22 0DG A 6 -3.16 2.11 1.87
N1 5CM A 7 -6.86 4.90 5.79
C2 5CM A 7 -5.58 4.90 5.23
N3 5CM A 7 -5.37 5.56 4.08
C4 5CM A 7 -6.37 6.22 3.49
C5 5CM A 7 -7.68 6.24 4.05
C5A 5CM A 7 -8.67 6.84 3.36
C6 5CM A 7 -7.88 5.57 5.19
O2 5CM A 7 -4.67 4.27 5.80
N4 5CM A 7 -6.11 6.86 2.34
C1' 5CM A 7 -7.08 4.16 7.05
C2' 5CM A 7 -7.68 5.00 8.18
C3' 5CM A 7 -8.51 3.97 8.94
C4' 5CM A 7 -9.00 3.04 7.83
O4' 5CM A 7 -8.01 3.12 6.79
O3' 5CM A 7 -7.70 3.25 9.88
C5' 5CM A 7 -10.35 3.40 7.26
O5' 5CM A 7 -10.62 2.58 6.11
P 5CM A 7 -11.58 3.11 4.95
OP1 5CM A 7 -12.96 2.66 5.25
OP2 5CM A 7 -11.30 4.55 4.73
H5A1 5CM A 7 -8.49 7.91 3.31
H5A2 5CM A 7 -8.72 6.43 2.35
H5A3 5CM A 7 -9.62 6.67 3.87
H6 5CM A 7 -8.88 5.57 5.64
HN41 5CM A 7 -5.17 6.85 1.97
HN42 5CM A 7 -6.84 7.37 1.88
H1' 5CM A 7 -6.14 3.71 7.36
H2' 5CM A 7 -8.29 5.81 7.81
H2'' 5CM A 7 -6.90 5.42 8.81
H3' 5CM A 7 -9.33 4.44 9.47
H4' 5CM A 7 -9.08 2.05 8.28
H5' 5CM A 7 -11.12 3.23 8.01
H5'' 5CM A 7 -10.36 4.44 6.97
N1 5CM A 9 0.91 8.79 10.29
C2 5CM A 9 0.90 9.79 9.32
N3 5CM A 9 -0.20 10.57 9.18
C4 5CM A 9 -1.26 10.37 9.97
C5 5CM A 9 -1.28 9.35 10.97
C5A 5CM A 9 -2.42 9.10 11.63
C6 5CM A 9 -0.18 8.59 11.09
O2 5CM A 9 1.90 9.95 8.61
N4 5CM A 9 -2.32 11.17 9.79
C1' 5CM A 9 2.11 7.96 10.44
C2' 5CM A 9 2.64 7.84 11.85
C3' 5CM A 9 3.36 6.49 11.84
C4' 5CM A 9 2.66 5.71 10.72
O4' 5CM A 9 1.78 6.64 10.06
O3' 5CM A 9 4.74 6.68 11.53
C5' 5CM A 9 1.84 4.53 11.19
O5' 5CM A 9 0.68 4.98 11.88
P 5CM A 9 -0.29 3.95 12.62
OP1 5CM A 9 0.51 2.77 13.03
OP2 5CM A 9 -1.07 4.70 13.65
H5A1 5CM A 9 -2.71 9.99 12.18
H5A2 5CM A 9 -3.19 8.84 10.91
H5A3 5CM A 9 -2.27 8.27 12.31
H6 5CM A 9 -0.16 7.80 11.84
HN41 5CM A 9 -2.30 11.87 9.08
HN42 5CM A 9 -3.14 11.04 10.37
H1' 5CM A 9 2.89 8.32 9.75
H2' 5CM A 9 1.84 7.85 12.59
H2'' 5CM A 9 3.32 8.65 12.09
H3' 5CM A 9 3.27 5.99 12.79
H4' 5CM A 9 3.45 5.32 10.08
H5' 5CM A 9 1.55 3.93 10.33
H5'' 5CM A 9 2.45 3.92 11.87
N1 5CM B 1 -0.78 17.62 8.04
C2 5CM B 1 0.20 16.66 8.29
N3 5CM B 1 0.00 15.73 9.26
C4 5CM B 1 -1.15 15.74 9.96
C5 5CM B 1 -2.17 16.69 9.71
C5A 5CM B 1 -3.32 16.61 10.39
C6 5CM B 1 -1.95 17.61 8.76
O2 5CM B 1 1.25 16.69 7.63
N4 5CM B 1 -1.31 14.80 10.88
C1' 5CM B 1 -0.55 18.63 7.00
C2' 5CM B 1 -1.75 18.97 6.15
C3' 5CM B 1 -1.46 20.41 5.73
C4' 5CM B 1 -0.70 20.98 6.93
O4' 5CM B 1 -0.17 19.84 7.65
O3' 5CM B 1 -0.64 20.44 4.56
C5' 5CM B 1 -1.53 21.81 7.87
O5' 5CM B 1 -1.76 23.11 7.34
H5A1 5CM B 1 -4.00 17.39 10.06
H5A2 5CM B 1 -3.77 15.64 10.22
H5A3 5CM B 1 -3.13 16.74 11.46
H6 5CM B 1 -2.70 18.37 8.56
HN41 5CM B 1 -0.57 14.12 11.05
HN42 5CM B 1 -2.15 14.77 11.44
H1' 5CM B 1 0.30 18.30 6.39
H2' 5CM B 1 -2.68 18.89 6.69
H2'' 5CM B 1 -1.82 18.31 5.27
H3' 5CM B 1 -2.38 20.96 5.55
H4' 5CM B 1 0.08 21.63 6.52
H5' 5CM B 1 -2.48 21.31 8.04
H5'' 5CM B 1 -1.00 21.89 8.82
N1 5CM B 3 0.85 11.25 2.44
C2 5CM B 3 0.42 10.53 3.54
N3 5CM B 3 -0.80 10.78 4.06
C4 5CM B 3 -1.57 11.72 3.52
C5 5CM B 3 -1.16 12.48 2.39
C5A 5CM B 3 -2.07 13.23 1.74
C6 5CM B 3 0.05 12.22 1.88
O2 5CM B 3 1.17 9.66 4.02
N4 5CM B 3 -2.77 11.94 4.08
C1' 5CM B 3 2.18 10.97 1.88
C2' 5CM B 3 2.21 10.62 0.40
C3' 5CM B 3 3.60 11.03 0.00
C4' 5CM B 3 3.87 12.27 0.87
O4' 5CM B 3 2.97 12.15 2.00
O3' 5CM B 3 4.56 10.01 0.32
C5' 5CM B 3 3.63 13.60 0.20
O5' 5CM B 3 2.27 13.69 -0.25
P 5CM B 3 1.65 15.08 -0.71
OP1 5CM B 3 2.42 15.57 -1.88
OP2 5CM B 3 0.19 14.92 -0.82
H5A1 5CM B 3 -2.34 14.09 2.34
H5A2 5CM B 3 -1.66 13.56 0.78
H5A3 5CM B 3 -2.97 12.62 1.56
H6 5CM B 3 0.41 12.78 1.02
HN41 5CM B 3 -3.06 11.40 4.89
HN42 5CM B 3 -3.38 12.65 3.70
H1' 5CM B 3 2.65 10.19 2.48
H2' 5CM B 3 1.45 11.17 -0.16
H2'' 5CM B 3 2.04 9.55 0.23
H3' 5CM B 3 3.68 11.28 -1.06
H4' 5CM B 3 4.93 12.23 1.15
H5' 5CM B 3 3.84 14.40 0.89
H5'' 5CM B 3 4.30 13.69 -0.67
P 0DC B 5 5.89 2.68 0.89
OP1 0DC B 5 7.10 2.66 1.74
OP2 0DC B 5 5.99 3.15 -0.52
O5' 0DC B 5 5.27 1.21 0.88
C5' 0DC B 5 4.28 0.84 -0.07
C4' 0DC B 5 3.22 -0.01 0.57
O4' 0DC B 5 1.96 0.19 -0.12
C3' 0DC B 5 2.93 0.29 2.04
O3' 0DC B 5 2.53 -0.89 2.74
C2' 0DC B 5 1.80 1.29 1.96
C1' 0DC B 5 1.01 0.81 0.76
N1 0DC B 5 0.33 1.87 0.01
C2 0DC B 5 -1.00 2.16 0.33
O2 0DC B 5 -1.56 1.53 1.23
N3 0DC B 5 -1.64 3.15 -0.35
C4 0DC B 5 -1.00 3.82 -1.31
N4 0DC B 5 -1.66 4.77 -1.96
C5 0DC B 5 0.35 3.54 -1.65
C6 0DC B 5 0.97 2.56 -0.97
H5' 0DC B 5 4.73 0.28 -0.89
H5'' 0DC B 5 3.80 1.74 -0.49
H4' 0DC B 5 3.56 -1.05 0.53
H3' 0DC B 5 3.81 0.72 2.53
H2' 0DC B 5 1.19 1.28 2.88
H2'' 0DC B 5 2.16 2.31 1.83
H1' 0DC B 5 0.28 0.05 1.04
H41 0DC B 5 -1.21 5.31 -2.68
H42 0DC B 5 -2.62 4.98 -1.72
H5 0DC B 5 0.87 4.09 -2.44
H6 0DC B 5 2.01 2.32 -1.21
P 0DG B 6 2.95 -1.11 4.28
OP1 0DG B 6 1.81 -1.72 4.99
OP2 0DG B 6 3.52 0.18 4.78
O5' 0DG B 6 4.13 -2.17 4.19
C5' 0DG B 6 4.01 -3.34 3.39
C4' 0DG B 6 5.38 -3.87 3.03
O4' 0DG B 6 5.88 -3.15 1.88
C3' 0DG B 6 5.42 -5.35 2.64
O3' 0DG B 6 6.66 -5.94 3.06
C2' 0DG B 6 5.31 -5.31 1.13
C1' 0DG B 6 6.10 -4.04 0.80
N9 0DG B 6 5.68 -3.37 -0.44
C8 0DG B 6 6.50 -2.97 -1.46
N7 0DG B 6 5.85 -2.38 -2.43
C5 0DG B 6 4.52 -2.41 -2.01
C6 0DG B 6 3.34 -1.94 -2.66
O6 0DG B 6 3.24 -1.37 -3.75
N1 0DG B 6 2.21 -2.17 -1.89
C2 0DG B 6 2.20 -2.79 -0.67
N2 0DG B 6 1.01 -2.93 -0.08
N3 0DG B 6 3.28 -3.25 -0.06
C4 0DG B 6 4.40 -3.02 -0.79
H5' 0DG B 6 3.48 -3.10 2.47
H5'' 0DG B 6 3.46 -4.11 3.93
H4' 0DG B 6 6.01 -3.77 3.91
H3' 0DG B 6 4.59 -5.90 3.09
H2' 0DG B 6 5.76 -6.19 0.67
H2'' 0DG B 6 4.28 -5.24 0.80
H1' 0DG B 6 7.17 -4.25 0.74
H8 0DG B 6 7.57 -3.10 -1.46
H1 0DG B 6 1.33 -1.85 -2.27
H21 0DG B 6 0.95 -3.39 0.82
H22 0DG B 6 0.18 -2.57 -0.52
N1 5CM B 7 3.71 -8.18 -0.90
C2 5CM B 7 2.65 -7.47 -1.46
N3 5CM B 7 2.91 -6.44 -2.29
C4 5CM B 7 4.17 -6.11 -2.56
C5 5CM B 7 5.28 -6.82 -1.99
C5A 5CM B 7 6.51 -6.53 -2.43
C6 5CM B 7 5.01 -7.84 -1.18
O2 5CM B 7 1.49 -7.81 -1.19
N4 5CM B 7 4.38 -5.08 -3.38
C1' 5CM B 7 3.41 -9.32 0.00
C2' 5CM B 7 4.29 -10.53 -0.18
C3' 5CM B 7 4.22 -11.19 1.19
C4' 5CM B 7 4.10 -10.00 2.14
O4' 5CM B 7 3.64 -8.88 1.33
O3' 5CM B 7 3.05 -12.01 1.29
C5' 5CM B 7 5.40 -9.61 2.83
O5' 5CM B 7 5.52 -8.19 2.89
P 5CM B 7 6.95 -7.49 2.76
OP1 5CM B 7 7.83 -8.01 3.85
OP2 5CM B 7 7.39 -7.61 1.34
H5A1 5CM B 7 6.77 -5.51 -2.17
H5A2 5CM B 7 6.57 -6.67 -3.51
H5A3 5CM B 7 7.23 -7.21 -1.94
H6 5CM B 7 5.83 -8.40 -0.73
HN41 5CM B 7 3.60 -4.58 -3.77
HN42 5CM B 7 5.32 -4.79 -3.62
H1' 5CM B 7 2.35 -9.58 -0.10
H2' 5CM B 7 5.31 -10.28 -0.44
H2'' 5CM B 7 3.91 -11.21 -0.96
H3' 5CM B 7 5.10 -11.78 1.41
H4' 5CM B 7 3.39 -10.28 2.92
H5' 5CM B 7 5.39 -10.03 3.83
H5'' 5CM B 7 6.23 -10.03 2.27
N1 5CM B 9 -0.85 -14.80 -6.04
C2 5CM B 9 -0.28 -13.77 -6.80
N3 5CM B 9 1.07 -13.65 -6.84
C4 5CM B 9 1.84 -14.49 -6.15
C5 5CM B 9 1.28 -15.55 -5.37
C5A 5CM B 9 2.09 -16.28 -4.59
C6 5CM B 9 -0.05 -15.66 -5.34
O2 5CM B 9 -1.02 -13.01 -7.43
N4 5CM B 9 3.16 -14.32 -6.23
C1' 5CM B 9 -2.32 -14.92 -6.00
C2' 5CM B 9 -2.84 -16.33 -6.20
C3' 5CM B 9 -4.19 -16.27 -5.49
C4' 5CM B 9 -4.00 -15.20 -4.42
O4' 5CM B 9 -2.74 -14.54 -4.72
O3' 5CM B 9 -5.22 -15.88 -6.41
C5' 5CM B 9 -3.94 -15.73 -3.01
O5' 5CM B 9 -2.93 -16.73 -2.90
P 5CM B 9 -1.99 -16.84 -1.62
OP1 5CM B 9 -2.76 -17.49 -0.53
OP2 5CM B 9 -0.69 -17.41 -2.06
H5A1 5CM B 9 1.51 -17.01 -4.03
H5A2 5CM B 9 2.63 -15.63 -3.90
H5A3 5CM B 9 2.82 -16.81 -5.22
H6 5CM B 9 -0.51 -16.45 -4.75
HN41 5CM B 9 3.55 -13.58 -6.78
HN42 5CM B 9 3.78 -14.94 -5.71
H1' 5CM B 9 -2.75 -14.23 -6.72
H2' 5CM B 9 -2.20 -17.08 -5.75
H2'' 5CM B 9 -2.96 -16.58 -7.25
H3' 5CM B 9 -4.45 -17.23 -5.06
H4' 5CM B 9 -4.87 -14.53 -4.49
H5' 5CM B 9 -3.70 -14.91 -2.32
H5'' 5CM B 9 -4.91 -16.15 -2.74
N1 5CM A 1 4.94 -11.76 -11.40
C2 5CM A 1 3.57 -12.03 -11.33
N3 5CM A 1 3.09 -12.73 -10.27
C4 5CM A 1 3.92 -13.14 -9.31
C5 5CM A 1 5.32 -12.87 -9.35
C5A 5CM A 1 6.13 -13.40 -8.42
C6 5CM A 1 5.79 -12.18 -10.42
O2 5CM A 1 2.83 -11.64 -12.23
N4 5CM A 1 3.41 -13.82 -8.28
C1' 5CM A 1 5.45 -11.02 -12.57
C2' 5CM A 1 6.32 -9.82 -12.22
C3' 5CM A 1 7.37 -9.81 -13.31
C4' 5CM A 1 7.54 -11.30 -13.65
O4' 5CM A 1 6.27 -11.91 -13.32
O3' 5CM A 1 6.91 -9.09 -14.46
C5' 5CM A 1 8.64 -11.99 -12.90
O5' 5CM A 1 9.92 -11.71 -13.49
H5A1 5CM A 1 7.16 -13.08 -8.60
H5A2 5CM A 1 5.82 -13.05 -7.44
H5A3 5CM A 1 6.07 -14.49 -8.47
H6 5CM A 1 6.85 -11.96 -10.48
HN41 5CM A 1 2.42 -14.01 -8.26
HN42 5CM A 1 4.00 -14.14 -7.53
H1' 5CM A 1 4.61 -10.73 -13.20
H2' 5CM A 1 6.78 -9.91 -11.24
H2'' 5CM A 1 5.73 -8.90 -12.23
H3' 5CM A 1 8.32 -9.38 -12.97
H4' 5CM A 1 7.78 -11.34 -14.72
H5' 5CM A 1 8.62 -11.67 -11.86
H5'' 5CM A 1 8.46 -13.08 -12.93
N1 5CM A 3 0.12 -4.70 -8.92
C2 5CM A 3 -0.11 -5.65 -7.93
N3 5CM A 3 0.93 -6.28 -7.34
C4 5CM A 3 2.17 -5.98 -7.73
C5 5CM A 3 2.45 -5.00 -8.74
C5A 5CM A 3 3.70 -4.55 -8.87
C6 5CM A 3 1.40 -4.40 -9.30
O2 5CM A 3 -1.28 -5.89 -7.60
N4 5CM A 3 3.17 -6.62 -7.13
C1' 5CM A 3 -1.03 -4.02 -9.55
C2' 5CM A 3 -0.86 -2.53 -9.78
C3' 5CM A 3 -1.69 -2.28 -11.04
C4' 5CM A 3 -1.59 -3.60 -11.80
O4' 5CM A 3 -1.23 -4.61 -10.84
O3' 5CM A 3 -3.05 -2.01 -10.68
C5' 5CM A 3 -0.59 -3.61 -12.93
O5' 5CM A 3 0.64 -3.01 -12.50
P 5CM A 3 1.99 -3.28 -13.28
OP1 5CM A 3 1.93 -2.58 -14.59
OP2 5CM A 3 3.12 -2.98 -12.35
H5A1 5CM A 3 4.05 -4.14 -7.92
H5A2 5CM A 3 4.36 -5.38 -9.17
H5A3 5CM A 3 3.74 -3.78 -9.64
H6 5CM A 3 1.57 -3.66 -10.08
HN41 5CM A 3 2.98 -7.31 -6.42
HN42 5CM A 3 4.14 -6.44 -7.39
H1' 5CM A 3 -1.92 -4.22 -8.95
H2' 5CM A 3 0.19 -2.26 -9.95
H2'' 5CM A 3 -1.23 -1.95 -8.94
H3' 5CM A 3 -1.30 -1.45 -11.62
H4' 5CM A 3 -2.58 -3.77 -12.24
H5' 5CM A 3 -0.40 -4.63 -13.23
H5'' 5CM A 3 -0.99 -3.06 -13.77
P 0DC A 5 -6.57 0.26 -4.75
OP1 0DC A 5 -8.03 0.01 -4.93
OP2 0DC A 5 -5.96 1.46 -5.37
O5' 0DC A 5 -6.27 0.30 -3.18
C5' 0DC A 5 -5.11 0.96 -2.68
C4' 0DC A 5 -4.58 0.24 -1.46
O4' 0DC A 5 -3.16 0.52 -1.32
C3' 0DC A 5 -4.70 -1.29 -1.52
O3' 0DC A 5 -4.97 -1.81 -0.21
C2' 0DC A 5 -3.32 -1.72 -1.99
C1' 0DC A 5 -2.41 -0.68 -1.36
N1 0DC A 5 -1.18 -0.42 -2.12
C2 0DC A 5 0.00 -1.06 -1.73
O2 0DC A 5 -0.04 -1.84 -0.76
N3 0DC A 5 1.14 -0.83 -2.40
C4 0DC A 5 1.14 0.01 -3.44
N4 0DC A 5 2.29 0.22 -4.09
C5 0DC A 5 -0.05 0.68 -3.86
C6 0DC A 5 -1.17 0.44 -3.17
H5' 0DC A 5 -5.36 1.98 -2.40
H5'' 0DC A 5 -4.33 0.99 -3.44
H4' 0DC A 5 -5.17 0.57 -0.60
H3' 0DC A 5 -5.48 -1.60 -2.21
H2' 0DC A 5 -3.08 -2.73 -1.63
H2'' 0DC A 5 -3.26 -1.73 -3.07
H1' 0DC A 5 -2.15 -0.94 -0.34
H41 0DC A 5 2.32 0.84 -4.87
H42 0DC A 5 3.12 -0.26 -3.78
H5 0DC A 5 -0.04 1.38 -4.71
H6 0DC A 5 -2.10 0.94 -3.47
P 0DG A 6 -6.32 -2.66 0.04
OP1 0DG A 6 -6.08 -3.57 1.19
OP2 0DG A 6 -6.76 -3.22 -1.27
O5' 0DG A 6 -7.39 -1.56 0.49
C5' 0DG A 6 -7.18 -0.77 1.65
C4' 0DG A 6 -8.40 0.08 1.93
O4' 0DG A 6 -8.52 1.08 0.90
C3' 0DG A 6 -8.37 0.85 3.25
O3' 0DG A 6 -9.70 1.08 3.72
C2' 0DG A 6 -7.70 2.15 2.84
C1' 0DG A 6 -8.21 2.36 1.43
N9 0DG A 6 -7.24 3.00 0.53
C8 0DG A 6 -7.52 3.84 -0.53
N7 0DG A 6 -6.44 4.23 -1.16
C5 0DG A 6 -5.40 3.61 -0.48
C6 0DG A 6 -4.01 3.67 -0.71
O6 0DG A 6 -3.39 4.28 -1.59
N1 0DG A 6 -3.31 2.89 0.22
C2 0DG A 6 -3.88 2.15 1.22
N2 0DG A 6 -3.05 1.48 2.02
N3 0DG A 6 -5.18 2.10 1.45
C4 0DG A 6 -5.88 2.84 0.56
H5' 0DG A 6 -6.32 -0.12 1.52
H5'' 0DG A 6 -6.99 -1.42 2.51
H4' 0DG A 6 -9.26 -0.59 1.98
H3' 0DG A 6 -7.80 0.31 4.01
H2' 0DG A 6 -7.99 2.96 3.51
H2'' 0DG A 6 -6.61 2.07 2.89
H1' 0DG A 6 -9.12 2.97 1.42
H8 0DG A 6 -8.51 4.14 -0.80
H1 0DG A 6 -2.30 2.86 0.13
H21 0DG A 6 -3.42 0.93 2.78
H22 0DG A 6 -2.05 1.50 1.85
N1 5CM A 7 -5.26 4.01 5.44
C2 5CM A 7 -3.98 4.08 4.90
N3 5CM A 7 -3.81 4.63 3.68
C4 5CM A 7 -4.87 5.09 3.00
C5 5CM A 7 -6.18 5.03 3.53
C5A 5CM A 7 -7.17 5.70 2.90
C6 5CM A 7 -6.34 4.48 4.75
O2 5CM A 7 -3.03 3.65 5.56
N4 5CM A 7 -4.65 5.61 1.79
C1' 5CM A 7 -5.44 3.40 6.77
C2' 5CM A 7 -6.11 4.29 7.79
C3' 5CM A 7 -6.76 3.28 8.72
C4' 5CM A 7 -7.17 2.16 7.77
O4' 5CM A 7 -6.27 2.26 6.63
O3' 5CM A 7 -5.83 2.80 9.69
C5' 5CM A 7 -8.59 2.21 7.28
O5' 5CM A 7 -8.71 1.64 5.98
P 5CM A 7 -9.95 1.97 5.04
OP1 5CM A 7 -11.18 1.47 5.70
OP2 5CM A 7 -9.86 3.40 4.64
H5A1 5CM A 7 -7.00 6.77 2.98
H5A2 5CM A 7 -7.19 5.41 1.86
H5A3 5CM A 7 -8.13 5.45 3.37
H6 5CM A 7 -7.33 4.43 5.18
HN41 5CM A 7 -3.70 5.66 1.42
HN42 5CM A 7 -5.41 5.98 1.25
H1' 5CM A 7 -4.46 3.07 7.13
H2' 5CM A 7 -6.86 4.95 7.35
H2'' 5CM A 7 -5.40 4.92 8.34
H3' 5CM A 7 -7.63 3.69 9.23
H4' 5CM A 7 -7.05 1.22 8.32
H5' 5CM A 7 -9.24 1.67 7.98
H5'' 5CM A 7 -8.91 3.26 7.24
N1 5CM A 9 0.26 8.88 11.46
C2 5CM A 9 0.26 9.57 10.24
N3 5CM A 9 -0.92 9.85 9.64
C4 5CM A 9 -2.06 9.49 10.22
C5 5CM A 9 -2.09 8.80 11.46
C5A 5CM A 9 -3.26 8.61 12.09
C6 5CM A 9 -0.91 8.51 12.05
O2 5CM A 9 1.34 9.89 9.73
N4 5CM A 9 -3.20 9.79 9.59
C1' 5CM A 9 1.56 8.57 12.09
C2' 5CM A 9 1.66 8.87 13.56
C3' 5CM A 9 2.77 7.94 14.00
C4' 5CM A 9 2.66 6.75 13.03
O4' 5CM A 9 1.76 7.17 11.98
O3' 5CM A 9 4.05 8.56 13.87
C5' 5CM A 9 2.15 5.47 13.63
O5' 5CM A 9 0.82 5.67 14.14
P 5CM A 9 -0.15 4.42 14.40
OP1 5CM A 9 0.64 3.38 15.10
OP2 5CM A 9 -1.39 4.94 15.02
H5A1 5CM A 9 -3.11 8.00 12.98
H5A2 5CM A 9 -3.68 9.58 12.37
H5A3 5CM A 9 -3.96 8.10 11.41
H6 5CM A 9 -0.90 7.99 13.00
HN41 5CM A 9 -3.17 10.28 8.71
HN42 5CM A 9 -4.09 9.53 9.99
H1' 5CM A 9 2.36 9.06 11.52
H2' 5CM A 9 0.73 8.66 14.09
H2'' 5CM A 9 1.91 9.91 13.75
H3' 5CM A 9 2.64 7.60 15.03
H4' 5CM A 9 3.68 6.56 12.67
H5' 5CM A 9 2.14 4.69 12.86
H5'' 5CM A 9 2.81 5.16 14.44
N1 5CM B 1 -2.79 16.38 5.96
C2 5CM B 1 -1.71 15.91 6.71
N3 5CM B 1 -1.96 15.04 7.72
C4 5CM B 1 -3.20 14.66 8.00
C5 5CM B 1 -4.31 15.13 7.24
C5A 5CM B 1 -5.53 14.57 7.43
C6 5CM B 1 -4.07 15.98 6.24
O2 5CM B 1 -0.57 16.28 6.43
N4 5CM B 1 -3.39 13.81 9.01
C1' 5CM B 1 -2.52 17.32 4.86
C2' 5CM B 1 -3.09 16.91 3.51
C3' 5CM B 1 -3.53 18.21 2.88
C4' 5CM B 1 -3.95 19.04 4.09
O4' 5CM B 1 -3.14 18.56 5.19
O3' 5CM B 1 -2.44 18.84 2.20
C5' 5CM B 1 -5.41 18.94 4.47
O5' 5CM B 1 -6.13 20.10 4.07
H5A1 5CM B 1 -6.25 15.05 6.79
H5A2 5CM B 1 -5.47 13.51 7.21
H5A3 5CM B 1 -5.82 14.71 8.47
H6 5CM B 1 -4.89 16.37 5.64
HN41 5CM B 1 -2.60 13.47 9.54
HN42 5CM B 1 -4.32 13.50 9.24
H1' 5CM B 1 -1.44 17.50 4.80
H2' 5CM B 1 -3.92 16.21 3.61
H2'' 5CM B 1 -2.32 16.41 2.90
H3' 5CM B 1 -4.36 18.07 2.19
H4' 5CM B 1 -3.75 20.09 3.83
H5' 5CM B 1 -5.83 18.06 3.99
H5'' 5CM B 1 -5.48 18.81 5.55
N1 5CM B 3 1.80 9.63 2.16
C2 5CM B 3 1.36 8.93 3.29
N3 5CM B 3 0.04 8.94 3.59
C4 5CM B 3 -0.82 9.60 2.81
C5 5CM B 3 -0.40 10.31 1.65
C5A 5CM B 3 -1.32 10.75 0.78
C6 5CM B 3 0.92 10.30 1.37
O2 5CM B 3 2.18 8.32 3.98
N4 5CM B 3 -2.11 9.58 3.15
C1' 5CM B 3 3.24 9.63 1.84
C2' 5CM B 3 3.57 9.35 0.39
C3' 5CM B 3 4.86 10.13 0.18
C4' 5CM B 3 4.72 11.32 1.13
O4' 5CM B 3 3.75 10.92 2.12
O3' 5CM B 3 6.00 9.35 0.54
C5' 5CM B 3 4.26 12.61 0.49
O5' 5CM B 3 3.15 12.37 -0.37
P 5CM B 3 2.19 13.56 -0.82
OP1 5CM B 3 2.90 14.35 -1.85
OP2 5CM B 3 0.86 12.98 -1.12
H5A1 5CM B 3 -1.96 11.49 1.28
H5A2 5CM B 3 -0.83 11.22 -0.08
H5A3 5CM B 3 -1.92 9.92 0.44
H6 5CM B 3 1.28 10.85 0.49
HN41 5CM B 3 -2.41 9.07 3.97
HN42 5CM B 3 -2.79 10.07 2.59
H1' 5CM B 3 3.74 8.92 2.50
H2' 5CM B 3 2.79 9.70 -0.29
H2'' 5CM B 3 3.72 8.30 0.21
H3' 5CM B 3 4.97 10.48 -0.85
H4' 5CM B 3 5.71 11.50 1.56
H5' 5CM B 3 3.99 13.32 1.27
H5'' 5CM B 3 5.08 13.02 -0.08
P 0DC B 5 7.54 2.35 1.32
OP1 0DC B 5 8.77 2.19 2.14
OP2 0DC B 5 7.67 2.70 -0.12
O5' 0DC B 5 6.71 0.98 1.41
C5' 0DC B 5 5.68 0.69 0.48
C4' 0DC B 5 4.54 -0.04 1.16
O4' 0DC B 5 3.34 0.15 0.39
C3' 0DC B 5 4.23 0.44 2.58
O3' 0DC B 5 3.87 -0.67 3.41
C2' 0DC B 5 3.03 1.36 2.38
C1' 0DC B 5 2.32 0.74 1.20
N1 0DC B 5 1.59 1.70 0.37
C2 0DC B 5 0.20 1.84 0.56
O2 0DC B 5 -0.35 1.16 1.43
N3 0DC B 5 -0.49 2.71 -0.21
C4 0DC B 5 0.14 3.44 -1.14
N4 0DC B 5 -0.57 4.29 -1.87
C5 0DC B 5 1.55 3.32 -1.35
C6 0DC B 5 2.22 2.45 -0.59
H5' 0DC B 5 6.08 0.06 -0.32
H5'' 0DC B 5 5.30 1.61 0.04
H4' 0DC B 5 4.83 -1.09 1.24
H3' 0DC B 5 5.08 0.96 3.02
H2' 0DC B 5 2.41 1.39 3.27
H2'' 0DC B 5 3.36 2.38 2.18
H1' 0DC B 5 1.64 -0.04 1.51
H41 0DC B 5 -0.13 4.85 -2.57
H42 0DC B 5 -1.57 4.37 -1.70
H5 0DC B 5 2.06 3.91 -2.12
H6 0DC B 5 3.30 2.33 -0.72
P 0DG B 6 4.74 -1.01 4.72
OP1 0DG B 6 3.86 -1.70 5.69
OP2 0DG B 6 5.45 0.24 5.13
O5' 0DG B 6 5.83 -2.05 4.20
C5' 0DG B 6 5.45 -3.32 3.68
C4' 0DG B 6 6.67 -4.15 3.38
O4' 0DG B 6 7.41 -3.53 2.29
C3' 0DG B 6 6.39 -5.58 2.91
O3' 0DG B 6 7.48 -6.43 3.27
C2' 0DG B 6 6.28 -5.42 1.41
C1' 0DG B 6 7.30 -4.33 1.11
N9 0DG B 6 6.95 -3.45 0.01
C8 0DG B 6 7.80 -2.84 -0.87
N7 0DG B 6 7.20 -2.09 -1.75
C5 0DG B 6 5.85 -2.22 -1.44
C6 0DG B 6 4.71 -1.65 -2.04
O6 0DG B 6 4.66 -0.88 -3.02
N1 0DG B 6 3.53 -2.03 -1.41
C2 0DG B 6 3.47 -2.88 -0.33
N2 0DG B 6 2.26 -3.14 0.14
N3 0DG B 6 4.53 -3.42 0.25
C4 0DG B 6 5.68 -3.06 -0.35
H5' 0DG B 6 4.88 -3.18 2.76
H5'' 0DG B 6 4.82 -3.84 4.40
H4' 0DG B 6 7.25 -4.23 4.29
H3' 0DG B 6 5.47 -5.96 3.35
H2' 0DG B 6 6.51 -6.35 0.89
H2'' 0DG B 6 5.27 -5.12 1.12
H1' 0DG B 6 8.28 -4.76 0.92
H8 0DG B 6 8.88 -2.96 -0.84
H1 0DG B 6 2.67 -1.68 -1.78
H21 0DG B 6 2.15 -3.76 0.94
H22 0DG B 6 1.43 -2.72 -0.28
N1 5CM B 7 3.83 -7.58 -0.93
C2 5CM B 7 2.89 -6.74 -1.56
N3 5CM B 7 3.33 -5.72 -2.31
C4 5CM B 7 4.64 -5.51 -2.47
C5 5CM B 7 5.61 -6.34 -1.84
C5A 5CM B 7 6.90 -6.21 -2.18
C6 5CM B 7 5.16 -7.35 -1.08
O2 5CM B 7 1.68 -6.97 -1.40
N4 5CM B 7 5.02 -4.49 -3.23
C1' 5CM B 7 3.33 -8.68 -0.10
C2' 5CM B 7 3.82 -10.06 -0.51
C3' 5CM B 7 3.80 -10.81 0.80
C4' 5CM B 7 4.20 -9.74 1.82
O4' 5CM B 7 3.81 -8.48 1.23
O3' 5CM B 7 2.49 -11.30 1.08
C5' 5CM B 7 5.66 -9.69 2.16
O5' 5CM B 7 6.02 -8.41 2.66
P 5CM B 7 7.54 -7.94 2.72
OP1 5CM B 7 8.25 -8.78 3.73
OP2 5CM B 7 8.07 -7.88 1.32
H5A1 5CM B 7 7.53 -6.76 -1.47
H5A2 5CM B 7 7.18 -5.16 -2.17
H5A3 5CM B 7 7.05 -6.61 -3.19
H6 5CM B 7 5.88 -8.01 -0.58
HN41 5CM B 7 4.33 -3.90 -3.67
HN42 5CM B 7 6.00 -4.29 -3.36
H1' 5CM B 7 2.24 -8.64 -0.07
H2' 5CM B 7 4.83 -10.03 -0.94
H2'' 5CM B 7 3.17 -10.52 -1.24
H3' 5CM B 7 4.51 -11.64 0.82
H4' 5CM B 7 3.66 -9.97 2.74
H5' 5CM B 7 5.89 -10.45 2.91
H5'' 5CM B 7 6.24 -9.91 1.26
N1 5CM B 9 -2.13 -13.46 -5.60
C2 5CM B 9 -1.48 -12.58 -6.48
N3 5CM B 9 -0.13 -12.46 -6.41
C4 5CM B 9 0.57 -13.17 -5.53
C5 5CM B 9 -0.07 -14.08 -4.62
C5A 5CM B 9 0.70 -14.91 -3.89
C6 5CM B 9 -1.41 -14.18 -4.69
O2 5CM B 9 -2.15 -11.94 -7.29
N4 5CM B 9 1.89 -13.01 -5.50
C1' 5CM B 9 -3.60 -13.57 -5.66
C2' 5CM B 9 -4.14 -14.98 -5.59
C3' 5CM B 9 -5.56 -14.75 -5.09
C4' 5CM B 9 -5.44 -13.48 -4.25
O4' 5CM B 9 -4.13 -12.92 -4.54
O3' 5CM B 9 -6.45 -14.53 -6.20
C5' 5CM B 9 -5.57 -13.68 -2.76
O5' 5CM B 9 -4.51 -14.51 -2.28
P 5CM B 9 -4.13 -14.54 -0.74
OP1 5CM B 9 -5.38 -14.51 0.04
OP2 5CM B 9 -3.16 -15.65 -0.54
H5A1 5CM B 9 0.05 -15.49 -3.23
H5A2 5CM B 9 1.40 -14.33 -3.30
H5A3 5CM B 9 1.24 -15.57 -4.55
H6 5CM B 9 -1.92 -14.85 -4.01
HN41 5CM B 9 2.33 -12.37 -6.14
HN42 5CM B 9 2.45 -13.54 -4.85
H1' 5CM B 9 -3.95 -13.06 -6.56
H2' 5CM B 9 -3.58 -15.61 -4.90
H2'' 5CM B 9 -4.14 -15.48 -6.57
H3' 5CM B 9 -5.92 -15.59 -4.50
H4' 5CM B 9 -6.26 -12.82 -4.57
H5' 5CM B 9 -5.53 -12.70 -2.26
H5'' 5CM B 9 -6.53 -14.14 -2.54
#